data_3I8T
# 
_entry.id   3I8T 
# 
_audit_conform.dict_name       mmcif_pdbx.dic 
_audit_conform.dict_version    5.378 
_audit_conform.dict_location   http://mmcif.pdb.org/dictionaries/ascii/mmcif_pdbx.dic 
# 
loop_
_database_2.database_id 
_database_2.database_code 
_database_2.pdbx_database_accession 
_database_2.pdbx_DOI 
PDB   3I8T         pdb_00003i8t 10.2210/pdb3i8t/pdb 
RCSB  RCSB054108   ?            ?                   
WWPDB D_1000054108 ?            ?                   
# 
_pdbx_database_status.status_code                     REL 
_pdbx_database_status.entry_id                        3I8T 
_pdbx_database_status.recvd_initial_deposition_date   2009-07-10 
_pdbx_database_status.deposit_site                    RCSB 
_pdbx_database_status.process_site                    RCSB 
_pdbx_database_status.status_code_sf                  REL 
_pdbx_database_status.status_code_mr                  ? 
_pdbx_database_status.SG_entry                        ? 
_pdbx_database_status.status_code_cs                  ? 
_pdbx_database_status.pdb_format_compatible           Y 
_pdbx_database_status.status_code_nmr_data            ? 
_pdbx_database_status.methods_development_category    ? 
# 
loop_
_audit_author.name 
_audit_author.pdbx_ordinal 
'Brynda, J.'       1 
'Krejcirikova, V.' 2 
'Rezacova, P.'     3 
# 
_citation.id                        primary 
_citation.title                     
'Structure of the mouse galectin-4 N-terminal carbohydrate-recognition domain reveals the mechanism of oligosaccharide recognition' 
_citation.journal_abbrev            'Acta Crystallogr.,Sect.D' 
_citation.journal_volume            67 
_citation.page_first                204 
_citation.page_last                 211 
_citation.year                      2011 
_citation.journal_id_ASTM           ABCRE6 
_citation.country                   DK 
_citation.journal_id_ISSN           0907-4449 
_citation.journal_id_CSD            0766 
_citation.book_publisher            ? 
_citation.pdbx_database_id_PubMed   21358051 
_citation.pdbx_database_id_DOI      10.1107/S0907444911004082 
# 
loop_
_citation_author.citation_id 
_citation_author.name 
_citation_author.ordinal 
_citation_author.identifier_ORCID 
primary 'Krejcirikova, V.' 1 ? 
primary 'Pachl, P.'        2 ? 
primary 'Fabry, M.'        3 ? 
primary 'Maly, P.'         4 ? 
primary 'Rezacova, P.'     5 ? 
primary 'Brynda, J.'       6 ? 
# 
_cell.entry_id           3I8T 
_cell.length_a           90.841 
_cell.length_b           90.841 
_cell.length_c           57.104 
_cell.angle_alpha        90.00 
_cell.angle_beta         90.00 
_cell.angle_gamma        90.00 
_cell.Z_PDB              8 
_cell.pdbx_unique_axis   ? 
_cell.length_a_esd       ? 
_cell.length_b_esd       ? 
_cell.length_c_esd       ? 
_cell.angle_alpha_esd    ? 
_cell.angle_beta_esd     ? 
_cell.angle_gamma_esd    ? 
# 
_symmetry.entry_id                         3I8T 
_symmetry.space_group_name_H-M             'P 4 21 2' 
_symmetry.pdbx_full_space_group_name_H-M   ? 
_symmetry.cell_setting                     ? 
_symmetry.Int_Tables_number                90 
_symmetry.space_group_name_Hall            ? 
# 
loop_
_entity.id 
_entity.type 
_entity.src_method 
_entity.pdbx_description 
_entity.formula_weight 
_entity.pdbx_number_of_molecules 
_entity.pdbx_ec 
_entity.pdbx_mutation 
_entity.pdbx_fragment 
_entity.details 
1 polymer     man Galectin-4                                           18786.330 1  ? ? 'Galectin 1 domain' ? 
2 branched    man 'beta-D-galactopyranose-(1-4)-alpha-D-glucopyranose' 342.297   1  ? ? ?                   ? 
3 non-polymer syn GLYCEROL                                             92.094    2  ? ? ?                   ? 
4 non-polymer syn 'DI(HYDROXYETHYL)ETHER'                              106.120   1  ? ? ?                   ? 
5 non-polymer syn 'SODIUM ION'                                         22.990    1  ? ? ?                   ? 
6 water       nat water                                                18.015    89 ? ? ?                   ? 
# 
loop_
_entity_name_com.entity_id 
_entity_name_com.name 
1 'Lactose-binding lectin 4' 
2 alpha-lactose              
# 
_entity_poly.entity_id                      1 
_entity_poly.type                           'polypeptide(L)' 
_entity_poly.nstd_linkage                   no 
_entity_poly.nstd_monomer                   no 
_entity_poly.pdbx_seq_one_letter_code       
;MRGSHHHHHHTDPAYVPAPGYQPTYNPTLPYKRPIPGGLSVGMSVYIQGMAKENMRRFHVNFAVGQDDGADVAFHFNPRF
DGWDKVVFNTMQSGQWGKEEKKKSMPFQKGKHFELVFMVMPEHYKVVVNGNSFYEYGHRLPVQMVTHLQVDGDLELQSIN
FLGG
;
_entity_poly.pdbx_seq_one_letter_code_can   
;MRGSHHHHHHTDPAYVPAPGYQPTYNPTLPYKRPIPGGLSVGMSVYIQGMAKENMRRFHVNFAVGQDDGADVAFHFNPRF
DGWDKVVFNTMQSGQWGKEEKKKSMPFQKGKHFELVFMVMPEHYKVVVNGNSFYEYGHRLPVQMVTHLQVDGDLELQSIN
FLGG
;
_entity_poly.pdbx_strand_id                 A 
_entity_poly.pdbx_target_identifier         ? 
# 
loop_
_entity_poly_seq.entity_id 
_entity_poly_seq.num 
_entity_poly_seq.mon_id 
_entity_poly_seq.hetero 
1 1   MET n 
1 2   ARG n 
1 3   GLY n 
1 4   SER n 
1 5   HIS n 
1 6   HIS n 
1 7   HIS n 
1 8   HIS n 
1 9   HIS n 
1 10  HIS n 
1 11  THR n 
1 12  ASP n 
1 13  PRO n 
1 14  ALA n 
1 15  TYR n 
1 16  VAL n 
1 17  PRO n 
1 18  ALA n 
1 19  PRO n 
1 20  GLY n 
1 21  TYR n 
1 22  GLN n 
1 23  PRO n 
1 24  THR n 
1 25  TYR n 
1 26  ASN n 
1 27  PRO n 
1 28  THR n 
1 29  LEU n 
1 30  PRO n 
1 31  TYR n 
1 32  LYS n 
1 33  ARG n 
1 34  PRO n 
1 35  ILE n 
1 36  PRO n 
1 37  GLY n 
1 38  GLY n 
1 39  LEU n 
1 40  SER n 
1 41  VAL n 
1 42  GLY n 
1 43  MET n 
1 44  SER n 
1 45  VAL n 
1 46  TYR n 
1 47  ILE n 
1 48  GLN n 
1 49  GLY n 
1 50  MET n 
1 51  ALA n 
1 52  LYS n 
1 53  GLU n 
1 54  ASN n 
1 55  MET n 
1 56  ARG n 
1 57  ARG n 
1 58  PHE n 
1 59  HIS n 
1 60  VAL n 
1 61  ASN n 
1 62  PHE n 
1 63  ALA n 
1 64  VAL n 
1 65  GLY n 
1 66  GLN n 
1 67  ASP n 
1 68  ASP n 
1 69  GLY n 
1 70  ALA n 
1 71  ASP n 
1 72  VAL n 
1 73  ALA n 
1 74  PHE n 
1 75  HIS n 
1 76  PHE n 
1 77  ASN n 
1 78  PRO n 
1 79  ARG n 
1 80  PHE n 
1 81  ASP n 
1 82  GLY n 
1 83  TRP n 
1 84  ASP n 
1 85  LYS n 
1 86  VAL n 
1 87  VAL n 
1 88  PHE n 
1 89  ASN n 
1 90  THR n 
1 91  MET n 
1 92  GLN n 
1 93  SER n 
1 94  GLY n 
1 95  GLN n 
1 96  TRP n 
1 97  GLY n 
1 98  LYS n 
1 99  GLU n 
1 100 GLU n 
1 101 LYS n 
1 102 LYS n 
1 103 LYS n 
1 104 SER n 
1 105 MET n 
1 106 PRO n 
1 107 PHE n 
1 108 GLN n 
1 109 LYS n 
1 110 GLY n 
1 111 LYS n 
1 112 HIS n 
1 113 PHE n 
1 114 GLU n 
1 115 LEU n 
1 116 VAL n 
1 117 PHE n 
1 118 MET n 
1 119 VAL n 
1 120 MET n 
1 121 PRO n 
1 122 GLU n 
1 123 HIS n 
1 124 TYR n 
1 125 LYS n 
1 126 VAL n 
1 127 VAL n 
1 128 VAL n 
1 129 ASN n 
1 130 GLY n 
1 131 ASN n 
1 132 SER n 
1 133 PHE n 
1 134 TYR n 
1 135 GLU n 
1 136 TYR n 
1 137 GLY n 
1 138 HIS n 
1 139 ARG n 
1 140 LEU n 
1 141 PRO n 
1 142 VAL n 
1 143 GLN n 
1 144 MET n 
1 145 VAL n 
1 146 THR n 
1 147 HIS n 
1 148 LEU n 
1 149 GLN n 
1 150 VAL n 
1 151 ASP n 
1 152 GLY n 
1 153 ASP n 
1 154 LEU n 
1 155 GLU n 
1 156 LEU n 
1 157 GLN n 
1 158 SER n 
1 159 ILE n 
1 160 ASN n 
1 161 PHE n 
1 162 LEU n 
1 163 GLY n 
1 164 GLY n 
# 
_entity_src_gen.entity_id                          1 
_entity_src_gen.pdbx_src_id                        1 
_entity_src_gen.pdbx_alt_source_flag               sample 
_entity_src_gen.pdbx_seq_type                      ? 
_entity_src_gen.pdbx_beg_seq_num                   ? 
_entity_src_gen.pdbx_end_seq_num                   ? 
_entity_src_gen.gene_src_common_name               mouse 
_entity_src_gen.gene_src_genus                     ? 
_entity_src_gen.pdbx_gene_src_gene                 'gal-4, Lgals4' 
_entity_src_gen.gene_src_species                   ? 
_entity_src_gen.gene_src_strain                    ? 
_entity_src_gen.gene_src_tissue                    ? 
_entity_src_gen.gene_src_tissue_fraction           ? 
_entity_src_gen.gene_src_details                   ? 
_entity_src_gen.pdbx_gene_src_fragment             ? 
_entity_src_gen.pdbx_gene_src_scientific_name      'Mus musculus' 
_entity_src_gen.pdbx_gene_src_ncbi_taxonomy_id     10090 
_entity_src_gen.pdbx_gene_src_variant              ? 
_entity_src_gen.pdbx_gene_src_cell_line            ? 
_entity_src_gen.pdbx_gene_src_atcc                 ? 
_entity_src_gen.pdbx_gene_src_organ                ? 
_entity_src_gen.pdbx_gene_src_organelle            ? 
_entity_src_gen.pdbx_gene_src_cell                 ? 
_entity_src_gen.pdbx_gene_src_cellular_location    ? 
_entity_src_gen.host_org_common_name               ? 
_entity_src_gen.pdbx_host_org_scientific_name      'Escherichia coli' 
_entity_src_gen.pdbx_host_org_ncbi_taxonomy_id     562 
_entity_src_gen.host_org_genus                     ? 
_entity_src_gen.pdbx_host_org_gene                 ? 
_entity_src_gen.pdbx_host_org_organ                ? 
_entity_src_gen.host_org_species                   ? 
_entity_src_gen.pdbx_host_org_tissue               ? 
_entity_src_gen.pdbx_host_org_tissue_fraction      ? 
_entity_src_gen.pdbx_host_org_strain               M15 
_entity_src_gen.pdbx_host_org_variant              ? 
_entity_src_gen.pdbx_host_org_cell_line            ? 
_entity_src_gen.pdbx_host_org_atcc                 ? 
_entity_src_gen.pdbx_host_org_culture_collection   ? 
_entity_src_gen.pdbx_host_org_cell                 ? 
_entity_src_gen.pdbx_host_org_organelle            ? 
_entity_src_gen.pdbx_host_org_cellular_location    ? 
_entity_src_gen.pdbx_host_org_vector_type          plasmid 
_entity_src_gen.pdbx_host_org_vector               ? 
_entity_src_gen.host_org_details                   ? 
_entity_src_gen.expression_system_id               ? 
_entity_src_gen.plasmid_name                       pQE-31 
_entity_src_gen.plasmid_details                    ? 
_entity_src_gen.pdbx_description                   ? 
# 
_struct_ref.id                         1 
_struct_ref.db_name                    UNP 
_struct_ref.db_code                    LEG4_MOUSE 
_struct_ref.pdbx_db_accession          Q8K419 
_struct_ref.entity_id                  1 
_struct_ref.pdbx_seq_one_letter_code   
;AYVPAPGYQPTYNPTLPYKRPIPGGLSVGMSVYIQGMAKENMRRFHVNFAVGQDDGADVAFHFNPRFDGWDKVVFNTMQS
GQWGKEEKKKSMPFQKGKHFELVFMVMPEHYKVVVNGNSFYEYGHRLPVQMVTHLQVDGDLELQSINFLGG
;
_struct_ref.pdbx_align_begin           2 
_struct_ref.pdbx_db_isoform            ? 
# 
_struct_ref_seq.align_id                      1 
_struct_ref_seq.ref_id                        1 
_struct_ref_seq.pdbx_PDB_id_code              3I8T 
_struct_ref_seq.pdbx_strand_id                A 
_struct_ref_seq.seq_align_beg                 14 
_struct_ref_seq.pdbx_seq_align_beg_ins_code   ? 
_struct_ref_seq.seq_align_end                 164 
_struct_ref_seq.pdbx_seq_align_end_ins_code   ? 
_struct_ref_seq.pdbx_db_accession             Q8K419 
_struct_ref_seq.db_align_beg                  2 
_struct_ref_seq.pdbx_db_align_beg_ins_code    ? 
_struct_ref_seq.db_align_end                  152 
_struct_ref_seq.pdbx_db_align_end_ins_code    ? 
_struct_ref_seq.pdbx_auth_seq_align_beg       14 
_struct_ref_seq.pdbx_auth_seq_align_end       164 
# 
loop_
_struct_ref_seq_dif.align_id 
_struct_ref_seq_dif.pdbx_pdb_id_code 
_struct_ref_seq_dif.mon_id 
_struct_ref_seq_dif.pdbx_pdb_strand_id 
_struct_ref_seq_dif.seq_num 
_struct_ref_seq_dif.pdbx_pdb_ins_code 
_struct_ref_seq_dif.pdbx_seq_db_name 
_struct_ref_seq_dif.pdbx_seq_db_accession_code 
_struct_ref_seq_dif.db_mon_id 
_struct_ref_seq_dif.pdbx_seq_db_seq_num 
_struct_ref_seq_dif.details 
_struct_ref_seq_dif.pdbx_auth_seq_num 
_struct_ref_seq_dif.pdbx_ordinal 
1 3I8T MET A 1  ? UNP Q8K419 ? ? 'expression tag' 1  1  
1 3I8T ARG A 2  ? UNP Q8K419 ? ? 'expression tag' 2  2  
1 3I8T GLY A 3  ? UNP Q8K419 ? ? 'expression tag' 3  3  
1 3I8T SER A 4  ? UNP Q8K419 ? ? 'expression tag' 4  4  
1 3I8T HIS A 5  ? UNP Q8K419 ? ? 'expression tag' 5  5  
1 3I8T HIS A 6  ? UNP Q8K419 ? ? 'expression tag' 6  6  
1 3I8T HIS A 7  ? UNP Q8K419 ? ? 'expression tag' 7  7  
1 3I8T HIS A 8  ? UNP Q8K419 ? ? 'expression tag' 8  8  
1 3I8T HIS A 9  ? UNP Q8K419 ? ? 'expression tag' 9  9  
1 3I8T HIS A 10 ? UNP Q8K419 ? ? 'expression tag' 10 10 
1 3I8T THR A 11 ? UNP Q8K419 ? ? 'expression tag' 11 11 
1 3I8T ASP A 12 ? UNP Q8K419 ? ? 'expression tag' 12 12 
1 3I8T PRO A 13 ? UNP Q8K419 ? ? 'expression tag' 13 13 
# 
loop_
_chem_comp.id 
_chem_comp.type 
_chem_comp.mon_nstd_flag 
_chem_comp.name 
_chem_comp.pdbx_synonyms 
_chem_comp.formula 
_chem_comp.formula_weight 
ALA 'L-peptide linking'           y ALANINE                 ?                                          'C3 H7 N O2'     89.093  
ARG 'L-peptide linking'           y ARGININE                ?                                          'C6 H15 N4 O2 1' 175.209 
ASN 'L-peptide linking'           y ASPARAGINE              ?                                          'C4 H8 N2 O3'    132.118 
ASP 'L-peptide linking'           y 'ASPARTIC ACID'         ?                                          'C4 H7 N O4'     133.103 
GAL 'D-saccharide, beta linking'  . beta-D-galactopyranose  'beta-D-galactose; D-galactose; galactose' 'C6 H12 O6'      180.156 
GLC 'D-saccharide, alpha linking' . alpha-D-glucopyranose   'alpha-D-glucose; D-glucose; glucose'      'C6 H12 O6'      180.156 
GLN 'L-peptide linking'           y GLUTAMINE               ?                                          'C5 H10 N2 O3'   146.144 
GLU 'L-peptide linking'           y 'GLUTAMIC ACID'         ?                                          'C5 H9 N O4'     147.129 
GLY 'peptide linking'             y GLYCINE                 ?                                          'C2 H5 N O2'     75.067  
GOL non-polymer                   . GLYCEROL                'GLYCERIN; PROPANE-1,2,3-TRIOL'            'C3 H8 O3'       92.094  
HIS 'L-peptide linking'           y HISTIDINE               ?                                          'C6 H10 N3 O2 1' 156.162 
HOH non-polymer                   . WATER                   ?                                          'H2 O'           18.015  
ILE 'L-peptide linking'           y ISOLEUCINE              ?                                          'C6 H13 N O2'    131.173 
LEU 'L-peptide linking'           y LEUCINE                 ?                                          'C6 H13 N O2'    131.173 
LYS 'L-peptide linking'           y LYSINE                  ?                                          'C6 H15 N2 O2 1' 147.195 
MET 'L-peptide linking'           y METHIONINE              ?                                          'C5 H11 N O2 S'  149.211 
NA  non-polymer                   . 'SODIUM ION'            ?                                          'Na 1'           22.990  
PEG non-polymer                   . 'DI(HYDROXYETHYL)ETHER' ?                                          'C4 H10 O3'      106.120 
PHE 'L-peptide linking'           y PHENYLALANINE           ?                                          'C9 H11 N O2'    165.189 
PRO 'L-peptide linking'           y PROLINE                 ?                                          'C5 H9 N O2'     115.130 
SER 'L-peptide linking'           y SERINE                  ?                                          'C3 H7 N O3'     105.093 
THR 'L-peptide linking'           y THREONINE               ?                                          'C4 H9 N O3'     119.119 
TRP 'L-peptide linking'           y TRYPTOPHAN              ?                                          'C11 H12 N2 O2'  204.225 
TYR 'L-peptide linking'           y TYROSINE                ?                                          'C9 H11 N O3'    181.189 
VAL 'L-peptide linking'           y VALINE                  ?                                          'C5 H11 N O2'    117.146 
# 
_exptl.entry_id          3I8T 
_exptl.method            'X-RAY DIFFRACTION' 
_exptl.crystals_number   1 
# 
_exptl_crystal.id                    1 
_exptl_crystal.density_meas          ? 
_exptl_crystal.density_Matthews      3.14 
_exptl_crystal.density_percent_sol   60.77 
_exptl_crystal.description           ? 
_exptl_crystal.F_000                 ? 
_exptl_crystal.preparation           ? 
# 
_exptl_crystal_grow.crystal_id      1 
_exptl_crystal_grow.method          'VAPOR DIFFUSION, HANGING DROP' 
_exptl_crystal_grow.temp            291 
_exptl_crystal_grow.temp_details    ? 
_exptl_crystal_grow.pH              5.0 
_exptl_crystal_grow.pdbx_details    
;0.1M NaCacodylate pH5.0, 15% PEG4000, 0.2M Ammonium Sulphate, 80mM lactose, protein concentration 9.6mg/ml, drop 1+1ul, microseeding, VAPOR DIFFUSION, HANGING DROP, temperature 291K
;
_exptl_crystal_grow.pdbx_pH_range   ? 
# 
_diffrn.id                     1 
_diffrn.ambient_temp           100 
_diffrn.ambient_temp_details   ? 
_diffrn.crystal_id             1 
# 
_diffrn_detector.diffrn_id              1 
_diffrn_detector.detector               CCD 
_diffrn_detector.type                   SBC-3 
_diffrn_detector.pdbx_collection_date   2005-10-21 
_diffrn_detector.details                ? 
# 
_diffrn_radiation.diffrn_id                        1 
_diffrn_radiation.wavelength_id                    1 
_diffrn_radiation.pdbx_monochromatic_or_laue_m_l   M 
_diffrn_radiation.monochromator                    ? 
_diffrn_radiation.pdbx_diffrn_protocol             'SINGLE WAVELENGTH' 
_diffrn_radiation.pdbx_scattering_type             x-ray 
# 
_diffrn_radiation_wavelength.id           1 
_diffrn_radiation_wavelength.wavelength   0.979 
_diffrn_radiation_wavelength.wt           1.0 
# 
_diffrn_source.diffrn_id                   1 
_diffrn_source.source                      SYNCHROTRON 
_diffrn_source.type                        'APS BEAMLINE 19-ID' 
_diffrn_source.pdbx_synchrotron_site       APS 
_diffrn_source.pdbx_synchrotron_beamline   19-ID 
_diffrn_source.pdbx_wavelength             ? 
_diffrn_source.pdbx_wavelength_list        0.979 
# 
_reflns.entry_id                     3I8T 
_reflns.observed_criterion_sigma_I   0 
_reflns.observed_criterion_sigma_F   0 
_reflns.d_resolution_low             35.62 
_reflns.d_resolution_high            2.1 
_reflns.number_obs                   14348 
_reflns.number_all                   14464 
_reflns.percent_possible_obs         99.2 
_reflns.pdbx_Rmerge_I_obs            0.071 
_reflns.pdbx_Rsym_value              ? 
_reflns.pdbx_netI_over_sigmaI        7.6 
_reflns.B_iso_Wilson_estimate        20.5 
_reflns.pdbx_redundancy              7.6 
_reflns.R_free_details               ? 
_reflns.limit_h_max                  ? 
_reflns.limit_h_min                  ? 
_reflns.limit_k_max                  ? 
_reflns.limit_k_min                  ? 
_reflns.limit_l_max                  ? 
_reflns.limit_l_min                  ? 
_reflns.observed_criterion_F_max     ? 
_reflns.observed_criterion_F_min     ? 
_reflns.pdbx_chi_squared             ? 
_reflns.pdbx_scaling_rejects         ? 
_reflns.pdbx_ordinal                 1 
_reflns.pdbx_diffrn_id               1 
# 
_reflns_shell.d_res_high             2.1 
_reflns_shell.d_res_low              2.18 
_reflns_shell.percent_possible_all   97.5 
_reflns_shell.Rmerge_I_obs           0.472 
_reflns_shell.pdbx_Rsym_value        ? 
_reflns_shell.meanI_over_sigI_obs    ? 
_reflns_shell.pdbx_redundancy        5.4 
_reflns_shell.percent_possible_obs   ? 
_reflns_shell.number_unique_all      ? 
_reflns_shell.number_measured_all    ? 
_reflns_shell.number_measured_obs    ? 
_reflns_shell.number_unique_obs      ? 
_reflns_shell.pdbx_chi_squared       ? 
_reflns_shell.pdbx_ordinal           1 
_reflns_shell.pdbx_diffrn_id         1 
# 
_refine.entry_id                                 3I8T 
_refine.ls_number_reflns_obs                     13600 
_refine.ls_number_reflns_all                     ? 
_refine.pdbx_ls_sigma_I                          0 
_refine.pdbx_ls_sigma_F                          0 
_refine.pdbx_data_cutoff_high_absF               ? 
_refine.pdbx_data_cutoff_low_absF                ? 
_refine.pdbx_data_cutoff_high_rms_absF           ? 
_refine.ls_d_res_low                             35.56 
_refine.ls_d_res_high                            2.10 
_refine.ls_percent_reflns_obs                    99.01 
_refine.ls_R_factor_obs                          0.18874 
_refine.ls_R_factor_all                          ? 
_refine.ls_R_factor_R_work                       0.18697 
_refine.ls_R_factor_R_free                       0.22413 
_refine.ls_R_factor_R_free_error                 ? 
_refine.ls_R_factor_R_free_error_details         ? 
_refine.ls_percent_reflns_R_free                 5.0 
_refine.ls_number_reflns_R_free                  722 
_refine.ls_number_parameters                     ? 
_refine.ls_number_restraints                     ? 
_refine.occupancy_min                            ? 
_refine.occupancy_max                            ? 
_refine.correlation_coeff_Fo_to_Fc               0.953 
_refine.correlation_coeff_Fo_to_Fc_free          0.936 
_refine.B_iso_mean                               40.317 
_refine.aniso_B[1][1]                            0.15 
_refine.aniso_B[2][2]                            0.15 
_refine.aniso_B[3][3]                            -0.30 
_refine.aniso_B[1][2]                            0.00 
_refine.aniso_B[1][3]                            0.00 
_refine.aniso_B[2][3]                            0.00 
_refine.solvent_model_details                    MASK 
_refine.solvent_model_param_ksol                 ? 
_refine.solvent_model_param_bsol                 ? 
_refine.pdbx_solvent_vdw_probe_radii             1.40 
_refine.pdbx_solvent_ion_probe_radii             0.80 
_refine.pdbx_solvent_shrinkage_radii             0.80 
_refine.pdbx_ls_cross_valid_method               THROUGHOUT 
_refine.details                                  'HYDROGENS HAVE BEEN ADDED IN THE RIDING POSITIONS' 
_refine.pdbx_starting_model                      'PDB entry 2GAL' 
_refine.pdbx_method_to_determine_struct          'MOLECULAR REPLACEMENT' 
_refine.pdbx_isotropic_thermal_model             ? 
_refine.pdbx_stereochemistry_target_values       'MAXIMUM LIKELIHOOD' 
_refine.pdbx_stereochem_target_val_spec_case     ? 
_refine.pdbx_R_Free_selection_details            RANDOM 
_refine.pdbx_overall_ESU_R                       0.157 
_refine.pdbx_overall_ESU_R_Free                  0.148 
_refine.overall_SU_ML                            0.097 
_refine.overall_SU_B                             6.839 
_refine.ls_redundancy_reflns_obs                 ? 
_refine.B_iso_min                                ? 
_refine.B_iso_max                                ? 
_refine.overall_SU_R_Cruickshank_DPI             ? 
_refine.overall_SU_R_free                        ? 
_refine.ls_wR_factor_R_free                      ? 
_refine.ls_wR_factor_R_work                      ? 
_refine.overall_FOM_free_R_set                   ? 
_refine.overall_FOM_work_R_set                   ? 
_refine.pdbx_overall_phase_error                 ? 
_refine.pdbx_refine_id                           'X-RAY DIFFRACTION' 
_refine.pdbx_diffrn_id                           1 
_refine.pdbx_TLS_residual_ADP_flag               ? 
_refine.pdbx_overall_SU_R_free_Cruickshank_DPI   ? 
_refine.pdbx_overall_SU_R_Blow_DPI               ? 
_refine.pdbx_overall_SU_R_free_Blow_DPI          ? 
# 
_refine_hist.pdbx_refine_id                   'X-RAY DIFFRACTION' 
_refine_hist.cycle_id                         LAST 
_refine_hist.pdbx_number_atoms_protein        1131 
_refine_hist.pdbx_number_atoms_nucleic_acid   0 
_refine_hist.pdbx_number_atoms_ligand         43 
_refine_hist.number_atoms_solvent             89 
_refine_hist.number_atoms_total               1263 
_refine_hist.d_res_high                       2.10 
_refine_hist.d_res_low                        35.56 
# 
loop_
_refine_ls_restr.type 
_refine_ls_restr.dev_ideal 
_refine_ls_restr.dev_ideal_target 
_refine_ls_restr.weight 
_refine_ls_restr.number 
_refine_ls_restr.pdbx_refine_id 
_refine_ls_restr.pdbx_restraint_function 
r_bond_refined_d             0.018  0.022  ? 1244 'X-RAY DIFFRACTION' ? 
r_bond_other_d               ?      ?      ? ?    'X-RAY DIFFRACTION' ? 
r_angle_refined_deg          1.817  1.958  ? 1685 'X-RAY DIFFRACTION' ? 
r_angle_other_deg            ?      ?      ? ?    'X-RAY DIFFRACTION' ? 
r_dihedral_angle_1_deg       12.523 5.000  ? 153  'X-RAY DIFFRACTION' ? 
r_dihedral_angle_2_deg       32.367 24.286 ? 63   'X-RAY DIFFRACTION' ? 
r_dihedral_angle_3_deg       13.741 15.000 ? 203  'X-RAY DIFFRACTION' ? 
r_dihedral_angle_4_deg       18.476 15.000 ? 5    'X-RAY DIFFRACTION' ? 
r_chiral_restr               0.119  0.200  ? 172  'X-RAY DIFFRACTION' ? 
r_gen_planes_refined         0.008  0.020  ? 956  'X-RAY DIFFRACTION' ? 
r_gen_planes_other           ?      ?      ? ?    'X-RAY DIFFRACTION' ? 
r_nbd_refined                0.207  0.200  ? 468  'X-RAY DIFFRACTION' ? 
r_nbd_other                  ?      ?      ? ?    'X-RAY DIFFRACTION' ? 
r_nbtor_refined              0.313  0.200  ? 797  'X-RAY DIFFRACTION' ? 
r_nbtor_other                ?      ?      ? ?    'X-RAY DIFFRACTION' ? 
r_xyhbond_nbd_refined        0.126  0.200  ? 92   'X-RAY DIFFRACTION' ? 
r_xyhbond_nbd_other          ?      ?      ? ?    'X-RAY DIFFRACTION' ? 
r_metal_ion_refined          ?      ?      ? ?    'X-RAY DIFFRACTION' ? 
r_metal_ion_other            ?      ?      ? ?    'X-RAY DIFFRACTION' ? 
r_symmetry_vdw_refined       0.229  0.200  ? 46   'X-RAY DIFFRACTION' ? 
r_symmetry_vdw_other         ?      ?      ? ?    'X-RAY DIFFRACTION' ? 
r_symmetry_hbond_refined     0.217  0.200  ? 14   'X-RAY DIFFRACTION' ? 
r_symmetry_hbond_other       ?      ?      ? ?    'X-RAY DIFFRACTION' ? 
r_symmetry_metal_ion_refined ?      ?      ? ?    'X-RAY DIFFRACTION' ? 
r_symmetry_metal_ion_other   ?      ?      ? ?    'X-RAY DIFFRACTION' ? 
r_mcbond_it                  1.205  1.500  ? 738  'X-RAY DIFFRACTION' ? 
r_mcbond_other               ?      ?      ? ?    'X-RAY DIFFRACTION' ? 
r_mcangle_it                 1.616  2.000  ? 1156 'X-RAY DIFFRACTION' ? 
r_scbond_it                  2.684  3.000  ? 578  'X-RAY DIFFRACTION' ? 
r_scangle_it                 4.210  4.500  ? 522  'X-RAY DIFFRACTION' ? 
r_rigid_bond_restr           ?      ?      ? ?    'X-RAY DIFFRACTION' ? 
r_sphericity_free            ?      ?      ? ?    'X-RAY DIFFRACTION' ? 
r_sphericity_bonded          ?      ?      ? ?    'X-RAY DIFFRACTION' ? 
# 
_refine_ls_shell.pdbx_total_number_of_bins_used   20 
_refine_ls_shell.d_res_high                       2.100 
_refine_ls_shell.d_res_low                        2.155 
_refine_ls_shell.number_reflns_R_work             919 
_refine_ls_shell.R_factor_R_work                  0.226 
_refine_ls_shell.percent_reflns_obs               94.00 
_refine_ls_shell.R_factor_R_free                  0.191 
_refine_ls_shell.R_factor_R_free_error            ? 
_refine_ls_shell.percent_reflns_R_free            ? 
_refine_ls_shell.number_reflns_R_free             53 
_refine_ls_shell.number_reflns_all                ? 
_refine_ls_shell.R_factor_all                     ? 
_refine_ls_shell.number_reflns_obs                ? 
_refine_ls_shell.redundancy_reflns_obs            ? 
_refine_ls_shell.pdbx_refine_id                   'X-RAY DIFFRACTION' 
# 
_struct.entry_id                  3I8T 
_struct.title                     'N-terminal CRD1 domain of mouse Galectin-4 in complex with lactose' 
_struct.pdbx_model_details        ? 
_struct.pdbx_CASP_flag            N 
_struct.pdbx_model_type_details   ? 
# 
_struct_keywords.entry_id        3I8T 
_struct_keywords.pdbx_keywords   'SUGAR BINDING PROTEIN' 
_struct_keywords.text            'S-Type Lectin, Carbohydrate binding, molecular recognition, Lectin, SUGAR BINDING PROTEIN' 
# 
loop_
_struct_asym.id 
_struct_asym.pdbx_blank_PDB_chainid_flag 
_struct_asym.pdbx_modified 
_struct_asym.entity_id 
_struct_asym.details 
A N N 1 ? 
B N N 2 ? 
C N N 3 ? 
D N N 3 ? 
E N N 4 ? 
F N N 5 ? 
G N N 6 ? 
# 
_struct_biol.id        1 
_struct_biol.details   ? 
# 
_struct_conf.conf_type_id            HELX_P 
_struct_conf.id                      HELX_P1 
_struct_conf.pdbx_PDB_helix_id       1 
_struct_conf.beg_label_comp_id       PRO 
_struct_conf.beg_label_asym_id       A 
_struct_conf.beg_label_seq_id        141 
_struct_conf.pdbx_beg_PDB_ins_code   ? 
_struct_conf.end_label_comp_id       VAL 
_struct_conf.end_label_asym_id       A 
_struct_conf.end_label_seq_id        145 
_struct_conf.pdbx_end_PDB_ins_code   ? 
_struct_conf.beg_auth_comp_id        PRO 
_struct_conf.beg_auth_asym_id        A 
_struct_conf.beg_auth_seq_id         141 
_struct_conf.end_auth_comp_id        VAL 
_struct_conf.end_auth_asym_id        A 
_struct_conf.end_auth_seq_id         145 
_struct_conf.pdbx_PDB_helix_class    5 
_struct_conf.details                 ? 
_struct_conf.pdbx_PDB_helix_length   5 
# 
_struct_conf_type.id          HELX_P 
_struct_conf_type.criteria    ? 
_struct_conf_type.reference   ? 
# 
_struct_conn.id                            covale1 
_struct_conn.conn_type_id                  covale 
_struct_conn.pdbx_leaving_atom_flag        both 
_struct_conn.pdbx_PDB_id                   ? 
_struct_conn.ptnr1_label_asym_id           B 
_struct_conn.ptnr1_label_comp_id           GLC 
_struct_conn.ptnr1_label_seq_id            . 
_struct_conn.ptnr1_label_atom_id           O4 
_struct_conn.pdbx_ptnr1_label_alt_id       ? 
_struct_conn.pdbx_ptnr1_PDB_ins_code       ? 
_struct_conn.pdbx_ptnr1_standard_comp_id   ? 
_struct_conn.ptnr1_symmetry                1_555 
_struct_conn.ptnr2_label_asym_id           B 
_struct_conn.ptnr2_label_comp_id           GAL 
_struct_conn.ptnr2_label_seq_id            . 
_struct_conn.ptnr2_label_atom_id           C1 
_struct_conn.pdbx_ptnr2_label_alt_id       ? 
_struct_conn.pdbx_ptnr2_PDB_ins_code       ? 
_struct_conn.ptnr1_auth_asym_id            B 
_struct_conn.ptnr1_auth_comp_id            GLC 
_struct_conn.ptnr1_auth_seq_id             1 
_struct_conn.ptnr2_auth_asym_id            B 
_struct_conn.ptnr2_auth_comp_id            GAL 
_struct_conn.ptnr2_auth_seq_id             2 
_struct_conn.ptnr2_symmetry                1_555 
_struct_conn.pdbx_ptnr3_label_atom_id      ? 
_struct_conn.pdbx_ptnr3_label_seq_id       ? 
_struct_conn.pdbx_ptnr3_label_comp_id      ? 
_struct_conn.pdbx_ptnr3_label_asym_id      ? 
_struct_conn.pdbx_ptnr3_label_alt_id       ? 
_struct_conn.pdbx_ptnr3_PDB_ins_code       ? 
_struct_conn.details                       ? 
_struct_conn.pdbx_dist_value               1.403 
_struct_conn.pdbx_value_order              sing 
_struct_conn.pdbx_role                     ? 
# 
_struct_conn_type.id          covale 
_struct_conn_type.criteria    ? 
_struct_conn_type.reference   ? 
# 
_struct_mon_prot_cis.pdbx_id                1 
_struct_mon_prot_cis.label_comp_id          LEU 
_struct_mon_prot_cis.label_seq_id           29 
_struct_mon_prot_cis.label_asym_id          A 
_struct_mon_prot_cis.label_alt_id           . 
_struct_mon_prot_cis.pdbx_PDB_ins_code      ? 
_struct_mon_prot_cis.auth_comp_id           LEU 
_struct_mon_prot_cis.auth_seq_id            29 
_struct_mon_prot_cis.auth_asym_id           A 
_struct_mon_prot_cis.pdbx_label_comp_id_2   PRO 
_struct_mon_prot_cis.pdbx_label_seq_id_2    30 
_struct_mon_prot_cis.pdbx_label_asym_id_2   A 
_struct_mon_prot_cis.pdbx_PDB_ins_code_2    ? 
_struct_mon_prot_cis.pdbx_auth_comp_id_2    PRO 
_struct_mon_prot_cis.pdbx_auth_seq_id_2     30 
_struct_mon_prot_cis.pdbx_auth_asym_id_2    A 
_struct_mon_prot_cis.pdbx_PDB_model_num     1 
_struct_mon_prot_cis.pdbx_omega_angle       -3.97 
# 
loop_
_struct_sheet.id 
_struct_sheet.type 
_struct_sheet.number_strands 
_struct_sheet.details 
A ? 6 ? 
B ? 6 ? 
C ? 5 ? 
# 
loop_
_struct_sheet_order.sheet_id 
_struct_sheet_order.range_id_1 
_struct_sheet_order.range_id_2 
_struct_sheet_order.offset 
_struct_sheet_order.sense 
A 1 2 ? anti-parallel 
A 2 3 ? anti-parallel 
A 3 4 ? anti-parallel 
A 4 5 ? anti-parallel 
A 5 6 ? anti-parallel 
B 1 2 ? anti-parallel 
B 2 3 ? anti-parallel 
B 3 4 ? anti-parallel 
B 4 5 ? anti-parallel 
B 5 6 ? anti-parallel 
C 1 2 ? anti-parallel 
C 2 3 ? anti-parallel 
C 3 4 ? anti-parallel 
C 4 5 ? anti-parallel 
# 
loop_
_struct_sheet_range.sheet_id 
_struct_sheet_range.id 
_struct_sheet_range.beg_label_comp_id 
_struct_sheet_range.beg_label_asym_id 
_struct_sheet_range.beg_label_seq_id 
_struct_sheet_range.pdbx_beg_PDB_ins_code 
_struct_sheet_range.end_label_comp_id 
_struct_sheet_range.end_label_asym_id 
_struct_sheet_range.end_label_seq_id 
_struct_sheet_range.pdbx_end_PDB_ins_code 
_struct_sheet_range.beg_auth_comp_id 
_struct_sheet_range.beg_auth_asym_id 
_struct_sheet_range.beg_auth_seq_id 
_struct_sheet_range.end_auth_comp_id 
_struct_sheet_range.end_auth_asym_id 
_struct_sheet_range.end_auth_seq_id 
A 1 TYR A 31  ? PRO A 34  ? TYR A 31  PRO A 34  
A 2 HIS A 147 ? GLY A 152 ? HIS A 147 GLY A 152 
A 3 PHE A 58  ? ALA A 63  ? PHE A 58  ALA A 63  
A 4 VAL A 72  ? ARG A 79  ? VAL A 72  ARG A 79  
A 5 LYS A 85  ? GLN A 92  ? LYS A 85  GLN A 92  
A 6 GLN A 95  ? TRP A 96  ? GLN A 95  TRP A 96  
B 1 TYR A 31  ? PRO A 34  ? TYR A 31  PRO A 34  
B 2 HIS A 147 ? GLY A 152 ? HIS A 147 GLY A 152 
B 3 PHE A 58  ? ALA A 63  ? PHE A 58  ALA A 63  
B 4 VAL A 72  ? ARG A 79  ? VAL A 72  ARG A 79  
B 5 LYS A 85  ? GLN A 92  ? LYS A 85  GLN A 92  
B 6 GLU A 100 ? LYS A 102 ? GLU A 100 LYS A 102 
C 1 ASN A 131 ? GLY A 137 ? ASN A 131 GLY A 137 
C 2 HIS A 123 ? VAL A 128 ? HIS A 123 VAL A 128 
C 3 HIS A 112 ? VAL A 119 ? HIS A 112 VAL A 119 
C 4 SER A 44  ? ALA A 51  ? SER A 44  ALA A 51  
C 5 LEU A 154 ? LEU A 162 ? LEU A 154 LEU A 162 
# 
loop_
_pdbx_struct_sheet_hbond.sheet_id 
_pdbx_struct_sheet_hbond.range_id_1 
_pdbx_struct_sheet_hbond.range_id_2 
_pdbx_struct_sheet_hbond.range_1_label_atom_id 
_pdbx_struct_sheet_hbond.range_1_label_comp_id 
_pdbx_struct_sheet_hbond.range_1_label_asym_id 
_pdbx_struct_sheet_hbond.range_1_label_seq_id 
_pdbx_struct_sheet_hbond.range_1_PDB_ins_code 
_pdbx_struct_sheet_hbond.range_1_auth_atom_id 
_pdbx_struct_sheet_hbond.range_1_auth_comp_id 
_pdbx_struct_sheet_hbond.range_1_auth_asym_id 
_pdbx_struct_sheet_hbond.range_1_auth_seq_id 
_pdbx_struct_sheet_hbond.range_2_label_atom_id 
_pdbx_struct_sheet_hbond.range_2_label_comp_id 
_pdbx_struct_sheet_hbond.range_2_label_asym_id 
_pdbx_struct_sheet_hbond.range_2_label_seq_id 
_pdbx_struct_sheet_hbond.range_2_PDB_ins_code 
_pdbx_struct_sheet_hbond.range_2_auth_atom_id 
_pdbx_struct_sheet_hbond.range_2_auth_comp_id 
_pdbx_struct_sheet_hbond.range_2_auth_asym_id 
_pdbx_struct_sheet_hbond.range_2_auth_seq_id 
A 1 2 N TYR A 31  ? N TYR A 31  O VAL A 150 ? O VAL A 150 
A 2 3 O GLN A 149 ? O GLN A 149 N ASN A 61  ? N ASN A 61  
A 3 4 N PHE A 62  ? N PHE A 62  O PHE A 74  ? O PHE A 74  
A 4 5 N ARG A 79  ? N ARG A 79  O LYS A 85  ? O LYS A 85  
A 5 6 N GLN A 92  ? N GLN A 92  O GLN A 95  ? O GLN A 95  
B 1 2 N TYR A 31  ? N TYR A 31  O VAL A 150 ? O VAL A 150 
B 2 3 O GLN A 149 ? O GLN A 149 N ASN A 61  ? N ASN A 61  
B 3 4 N PHE A 62  ? N PHE A 62  O PHE A 74  ? O PHE A 74  
B 4 5 N ARG A 79  ? N ARG A 79  O LYS A 85  ? O LYS A 85  
B 5 6 N PHE A 88  ? N PHE A 88  O GLU A 100 ? O GLU A 100 
C 1 2 O TYR A 134 ? O TYR A 134 N VAL A 126 ? N VAL A 126 
C 2 3 O VAL A 127 ? O VAL A 127 N VAL A 116 ? N VAL A 116 
C 3 4 O PHE A 113 ? O PHE A 113 N GLY A 49  ? N GLY A 49  
C 4 5 N SER A 44  ? N SER A 44  O LEU A 162 ? O LEU A 162 
# 
_atom_sites.entry_id                    3I8T 
_atom_sites.fract_transf_matrix[1][1]   -0.00749610 
_atom_sites.fract_transf_matrix[1][2]   0.00585207 
_atom_sites.fract_transf_matrix[1][3]   0.00554417 
_atom_sites.fract_transf_matrix[2][1]   -0.00399966 
_atom_sites.fract_transf_matrix[2][2]   0.00387323 
_atom_sites.fract_transf_matrix[2][3]   -0.00949615 
_atom_sites.fract_transf_matrix[3][1]   -0.01113445 
_atom_sites.fract_transf_matrix[3][2]   -0.01349195 
_atom_sites.fract_transf_matrix[3][3]   -0.00081331 
_atom_sites.fract_transf_vector[1]      0.077313 
_atom_sites.fract_transf_vector[2]      0.729922 
_atom_sites.fract_transf_vector[3]      0.225466 
# 
loop_
_atom_type.symbol 
C  
N  
NA 
O  
S  
# 
loop_
_atom_site.group_PDB 
_atom_site.id 
_atom_site.type_symbol 
_atom_site.label_atom_id 
_atom_site.label_alt_id 
_atom_site.label_comp_id 
_atom_site.label_asym_id 
_atom_site.label_entity_id 
_atom_site.label_seq_id 
_atom_site.pdbx_PDB_ins_code 
_atom_site.Cartn_x 
_atom_site.Cartn_y 
_atom_site.Cartn_z 
_atom_site.occupancy 
_atom_site.B_iso_or_equiv 
_atom_site.pdbx_formal_charge 
_atom_site.auth_seq_id 
_atom_site.auth_comp_id 
_atom_site.auth_asym_id 
_atom_site.auth_atom_id 
_atom_site.pdbx_PDB_model_num 
ATOM   1    N  N   . TYR A 1 25  ? -6.406  21.127  -0.971  1.00 57.98 ? 25  TYR A N   1 
ATOM   2    C  CA  . TYR A 1 25  ? -4.921  20.990  -0.832  1.00 57.92 ? 25  TYR A CA  1 
ATOM   3    C  C   . TYR A 1 25  ? -4.493  19.522  -0.575  1.00 56.68 ? 25  TYR A C   1 
ATOM   4    O  O   . TYR A 1 25  ? -3.282  19.249  -0.432  1.00 57.24 ? 25  TYR A O   1 
ATOM   5    C  CB  . TYR A 1 25  ? -4.355  21.990  0.219   1.00 59.02 ? 25  TYR A CB  1 
ATOM   6    C  CG  . TYR A 1 25  ? -4.892  21.768  1.625   1.00 61.64 ? 25  TYR A CG  1 
ATOM   7    C  CD1 . TYR A 1 25  ? -5.996  22.489  2.090   1.00 63.27 ? 25  TYR A CD1 1 
ATOM   8    C  CD2 . TYR A 1 25  ? -4.315  20.793  2.486   1.00 63.30 ? 25  TYR A CD2 1 
ATOM   9    C  CE1 . TYR A 1 25  ? -6.518  22.276  3.382   1.00 64.76 ? 25  TYR A CE1 1 
ATOM   10   C  CE2 . TYR A 1 25  ? -4.826  20.571  3.785   1.00 64.11 ? 25  TYR A CE2 1 
ATOM   11   C  CZ  . TYR A 1 25  ? -5.929  21.319  4.220   1.00 64.08 ? 25  TYR A CZ  1 
ATOM   12   O  OH  . TYR A 1 25  ? -6.453  21.129  5.484   1.00 63.87 ? 25  TYR A OH  1 
ATOM   13   N  N   . ASN A 1 26  ? -5.466  18.592  -0.532  1.00 54.98 ? 26  ASN A N   1 
ATOM   14   C  CA  A ASN A 1 26  ? -5.153  17.152  -0.406  0.50 54.21 ? 26  ASN A CA  1 
ATOM   15   C  CA  B ASN A 1 26  ? -5.164  17.148  -0.415  0.50 54.19 ? 26  ASN A CA  1 
ATOM   16   C  C   . ASN A 1 26  ? -4.303  16.655  -1.589  1.00 53.65 ? 26  ASN A C   1 
ATOM   17   O  O   . ASN A 1 26  ? -4.371  17.238  -2.700  1.00 53.88 ? 26  ASN A O   1 
ATOM   18   C  CB  A ASN A 1 26  ? -6.418  16.292  -0.195  0.50 53.80 ? 26  ASN A CB  1 
ATOM   19   C  CB  B ASN A 1 26  ? -6.447  16.313  -0.300  0.50 53.82 ? 26  ASN A CB  1 
ATOM   20   C  CG  A ASN A 1 26  ? -7.208  16.039  -1.486  0.50 53.36 ? 26  ASN A CG  1 
ATOM   21   C  CG  B ASN A 1 26  ? -6.940  16.184  1.134   0.50 53.08 ? 26  ASN A CG  1 
ATOM   22   O  OD1 A ASN A 1 26  ? -7.235  16.878  -2.401  0.50 52.78 ? 26  ASN A OD1 1 
ATOM   23   O  OD1 B ASN A 1 26  ? -6.249  16.607  2.080   0.50 52.39 ? 26  ASN A OD1 1 
ATOM   24   N  ND2 A ASN A 1 26  ? -7.897  14.891  -1.542  0.50 50.36 ? 26  ASN A ND2 1 
ATOM   25   N  ND2 B ASN A 1 26  ? -8.133  15.575  1.300   0.50 51.55 ? 26  ASN A ND2 1 
ATOM   26   N  N   . PRO A 1 27  ? -3.460  15.611  -1.361  1.00 52.30 ? 27  PRO A N   1 
ATOM   27   C  CA  . PRO A 1 27  ? -2.610  15.111  -2.465  1.00 50.95 ? 27  PRO A CA  1 
ATOM   28   C  C   . PRO A 1 27  ? -3.400  14.635  -3.694  1.00 49.76 ? 27  PRO A C   1 
ATOM   29   O  O   . PRO A 1 27  ? -4.344  13.867  -3.524  1.00 50.46 ? 27  PRO A O   1 
ATOM   30   C  CB  . PRO A 1 27  ? -1.880  13.920  -1.835  1.00 51.34 ? 27  PRO A CB  1 
ATOM   31   C  CG  . PRO A 1 27  ? -1.957  14.144  -0.348  1.00 51.79 ? 27  PRO A CG  1 
ATOM   32   C  CD  . PRO A 1 27  ? -3.214  14.891  -0.091  1.00 51.99 ? 27  PRO A CD  1 
ATOM   33   N  N   . THR A 1 28  ? -3.033  15.067  -4.909  1.00 48.00 ? 28  THR A N   1 
ATOM   34   C  CA  . THR A 1 28  ? -3.649  14.509  -6.130  1.00 46.85 ? 28  THR A CA  1 
ATOM   35   C  C   . THR A 1 28  ? -3.120  13.096  -6.438  1.00 46.18 ? 28  THR A C   1 
ATOM   36   O  O   . THR A 1 28  ? -2.068  12.684  -5.915  1.00 46.67 ? 28  THR A O   1 
ATOM   37   C  CB  . THR A 1 28  ? -3.454  15.390  -7.372  1.00 47.15 ? 28  THR A CB  1 
ATOM   38   O  OG1 . THR A 1 28  ? -2.054  15.605  -7.589  1.00 48.21 ? 28  THR A OG1 1 
ATOM   39   C  CG2 . THR A 1 28  ? -4.184  16.759  -7.224  1.00 47.63 ? 28  THR A CG2 1 
ATOM   40   N  N   . LEU A 1 29  ? -3.859  12.359  -7.270  1.00 44.40 ? 29  LEU A N   1 
ATOM   41   C  CA  . LEU A 1 29  ? -3.497  11.011  -7.697  1.00 43.00 ? 29  LEU A CA  1 
ATOM   42   C  C   . LEU A 1 29  ? -3.166  10.938  -9.198  1.00 42.75 ? 29  LEU A C   1 
ATOM   43   O  O   . LEU A 1 29  ? -3.705  11.706  -9.984  1.00 42.91 ? 29  LEU A O   1 
ATOM   44   C  CB  . LEU A 1 29  ? -4.614  10.037  -7.346  1.00 42.08 ? 29  LEU A CB  1 
ATOM   45   C  CG  . LEU A 1 29  ? -4.908  9.848   -5.858  1.00 41.37 ? 29  LEU A CG  1 
ATOM   46   C  CD1 . LEU A 1 29  ? -6.074  8.907   -5.708  1.00 42.26 ? 29  LEU A CD1 1 
ATOM   47   C  CD2 . LEU A 1 29  ? -3.705  9.318   -5.045  1.00 35.88 ? 29  LEU A CD2 1 
ATOM   48   N  N   . PRO A 1 30  ? -2.235  10.046  -9.604  1.00 42.14 ? 30  PRO A N   1 
ATOM   49   C  CA  . PRO A 1 30  ? -1.403  9.153   -8.803  1.00 41.03 ? 30  PRO A CA  1 
ATOM   50   C  C   . PRO A 1 30  ? -0.435  9.935   -7.915  1.00 40.33 ? 30  PRO A C   1 
ATOM   51   O  O   . PRO A 1 30  ? 0.099   10.980  -8.319  1.00 39.76 ? 30  PRO A O   1 
ATOM   52   C  CB  . PRO A 1 30  ? -0.630  8.344   -9.847  1.00 40.41 ? 30  PRO A CB  1 
ATOM   53   C  CG  . PRO A 1 30  ? -0.603  9.181   -11.050 1.00 42.91 ? 30  PRO A CG  1 
ATOM   54   C  CD  . PRO A 1 30  ? -1.927  9.940   -11.043 1.00 42.52 ? 30  PRO A CD  1 
ATOM   55   N  N   . TYR A 1 31  ? -0.251  9.446   -6.702  1.00 39.76 ? 31  TYR A N   1 
ATOM   56   C  CA  . TYR A 1 31  ? 0.706   10.006  -5.760  1.00 39.69 ? 31  TYR A CA  1 
ATOM   57   C  C   . TYR A 1 31  ? 1.946   9.144   -5.896  1.00 39.74 ? 31  TYR A C   1 
ATOM   58   O  O   . TYR A 1 31  ? 1.849   7.922   -5.869  1.00 38.43 ? 31  TYR A O   1 
ATOM   59   C  CB  . TYR A 1 31  ? 0.146   9.870   -4.336  1.00 39.99 ? 31  TYR A CB  1 
ATOM   60   C  CG  . TYR A 1 31  ? 1.142   10.082  -3.170  1.00 40.27 ? 31  TYR A CG  1 
ATOM   61   C  CD1 . TYR A 1 31  ? 1.211   11.304  -2.479  1.00 41.08 ? 31  TYR A CD1 1 
ATOM   62   C  CD2 . TYR A 1 31  ? 1.979   9.052   -2.752  1.00 40.37 ? 31  TYR A CD2 1 
ATOM   63   C  CE1 . TYR A 1 31  ? 2.100   11.492  -1.397  1.00 41.12 ? 31  TYR A CE1 1 
ATOM   64   C  CE2 . TYR A 1 31  ? 2.857   9.207   -1.685  1.00 39.66 ? 31  TYR A CE2 1 
ATOM   65   C  CZ  . TYR A 1 31  ? 2.927   10.423  -1.007  1.00 42.76 ? 31  TYR A CZ  1 
ATOM   66   O  OH  . TYR A 1 31  ? 3.818   10.551  0.053   1.00 41.33 ? 31  TYR A OH  1 
ATOM   67   N  N   . LYS A 1 32  ? 3.094   9.772   -6.083  1.00 40.02 ? 32  LYS A N   1 
ATOM   68   C  CA  . LYS A 1 32  ? 4.367   9.071   -6.095  1.00 41.14 ? 32  LYS A CA  1 
ATOM   69   C  C   . LYS A 1 32  ? 5.409   9.968   -5.428  1.00 41.16 ? 32  LYS A C   1 
ATOM   70   O  O   . LYS A 1 32  ? 5.669   11.048  -5.921  1.00 40.49 ? 32  LYS A O   1 
ATOM   71   C  CB  . LYS A 1 32  ? 4.816   8.759   -7.517  1.00 41.17 ? 32  LYS A CB  1 
ATOM   72   C  CG  . LYS A 1 32  ? 5.941   7.699   -7.579  1.00 43.95 ? 32  LYS A CG  1 
ATOM   73   C  CD  . LYS A 1 32  ? 6.669   7.710   -8.925  1.00 49.00 ? 32  LYS A CD  1 
ATOM   74   C  CE  . LYS A 1 32  ? 5.733   7.512   -10.150 1.00 51.83 ? 32  LYS A CE  1 
ATOM   75   N  NZ  . LYS A 1 32  ? 6.364   8.038   -11.436 1.00 53.45 ? 32  LYS A NZ  1 
ATOM   76   N  N   . ARG A 1 33  ? 5.966   9.523   -4.297  1.00 40.63 ? 33  ARG A N   1 
ATOM   77   C  CA  . ARG A 1 33  ? 6.933   10.318  -3.533  1.00 40.71 ? 33  ARG A CA  1 
ATOM   78   C  C   . ARG A 1 33  ? 8.050   9.458   -2.957  1.00 39.64 ? 33  ARG A C   1 
ATOM   79   O  O   . ARG A 1 33  ? 7.813   8.297   -2.603  1.00 39.09 ? 33  ARG A O   1 
ATOM   80   C  CB  . ARG A 1 33  ? 6.237   11.053  -2.379  1.00 41.56 ? 33  ARG A CB  1 
ATOM   81   C  CG  . ARG A 1 33  ? 5.125   11.978  -2.840  1.00 43.73 ? 33  ARG A CG  1 
ATOM   82   C  CD  . ARG A 1 33  ? 5.381   13.433  -2.799  1.00 46.09 ? 33  ARG A CD  1 
ATOM   83   N  NE  . ARG A 1 33  ? 4.062   14.046  -2.960  1.00 52.38 ? 33  ARG A NE  1 
ATOM   84   C  CZ  . ARG A 1 33  ? 3.644   15.160  -2.369  1.00 53.84 ? 33  ARG A CZ  1 
ATOM   85   N  NH1 . ARG A 1 33  ? 4.459   15.851  -1.571  1.00 53.25 ? 33  ARG A NH1 1 
ATOM   86   N  NH2 . ARG A 1 33  ? 2.394   15.574  -2.582  1.00 55.90 ? 33  ARG A NH2 1 
ATOM   87   N  N   . PRO A 1 34  ? 9.271   10.018  -2.873  1.00 39.74 ? 34  PRO A N   1 
ATOM   88   C  CA  . PRO A 1 34  ? 10.342  9.238   -2.219  1.00 39.64 ? 34  PRO A CA  1 
ATOM   89   C  C   . PRO A 1 34  ? 10.067  8.991   -0.736  1.00 39.42 ? 34  PRO A C   1 
ATOM   90   O  O   . PRO A 1 34  ? 9.484   9.831   -0.057  1.00 39.33 ? 34  PRO A O   1 
ATOM   91   C  CB  . PRO A 1 34  ? 11.602  10.111  -2.412  1.00 39.09 ? 34  PRO A CB  1 
ATOM   92   C  CG  . PRO A 1 34  ? 11.112  11.471  -2.780  1.00 40.32 ? 34  PRO A CG  1 
ATOM   93   C  CD  . PRO A 1 34  ? 9.749   11.308  -3.409  1.00 39.07 ? 34  PRO A CD  1 
ATOM   94   N  N   . ILE A 1 35  ? 10.467  7.833   -0.258  1.00 39.98 ? 35  ILE A N   1 
ATOM   95   C  CA  . ILE A 1 35  ? 10.504  7.549   1.167   1.00 41.51 ? 35  ILE A CA  1 
ATOM   96   C  C   . ILE A 1 35  ? 11.810  8.162   1.727   1.00 43.01 ? 35  ILE A C   1 
ATOM   97   O  O   . ILE A 1 35  ? 12.912  7.744   1.337   1.00 42.82 ? 35  ILE A O   1 
ATOM   98   C  CB  . ILE A 1 35  ? 10.427  6.017   1.420   1.00 41.47 ? 35  ILE A CB  1 
ATOM   99   C  CG1 . ILE A 1 35  ? 9.198   5.438   0.709   1.00 41.08 ? 35  ILE A CG1 1 
ATOM   100  C  CG2 . ILE A 1 35  ? 10.480  5.716   2.915   1.00 42.61 ? 35  ILE A CG2 1 
ATOM   101  C  CD1 . ILE A 1 35  ? 8.889   3.955   0.938   1.00 42.17 ? 35  ILE A CD1 1 
ATOM   102  N  N   . PRO A 1 36  ? 11.693  9.151   2.646   1.00 43.79 ? 36  PRO A N   1 
ATOM   103  C  CA  . PRO A 1 36  ? 12.872  9.858   3.158   1.00 44.26 ? 36  PRO A CA  1 
ATOM   104  C  C   . PRO A 1 36  ? 13.849  8.880   3.823   1.00 44.80 ? 36  PRO A C   1 
ATOM   105  O  O   . PRO A 1 36  ? 13.470  8.160   4.760   1.00 45.93 ? 36  PRO A O   1 
ATOM   106  C  CB  . PRO A 1 36  ? 12.293  10.891  4.142   1.00 44.65 ? 36  PRO A CB  1 
ATOM   107  C  CG  . PRO A 1 36  ? 10.913  10.424  4.474   1.00 45.38 ? 36  PRO A CG  1 
ATOM   108  C  CD  . PRO A 1 36  ? 10.437  9.573   3.305   1.00 44.41 ? 36  PRO A CD  1 
ATOM   109  N  N   . GLY A 1 37  ? 15.066  8.801   3.276   1.00 43.75 ? 37  GLY A N   1 
ATOM   110  C  CA  . GLY A 1 37  ? 16.104  7.874   3.751   1.00 43.00 ? 37  GLY A CA  1 
ATOM   111  C  C   . GLY A 1 37  ? 16.054  6.478   3.149   1.00 43.01 ? 37  GLY A C   1 
ATOM   112  O  O   . GLY A 1 37  ? 16.963  5.684   3.374   1.00 42.99 ? 37  GLY A O   1 
ATOM   113  N  N   . GLY A 1 38  ? 15.005  6.184   2.377   1.00 41.15 ? 38  GLY A N   1 
ATOM   114  C  CA  . GLY A 1 38  ? 14.742  4.838   1.900   1.00 41.02 ? 38  GLY A CA  1 
ATOM   115  C  C   . GLY A 1 38  ? 13.981  4.031   2.957   1.00 40.24 ? 38  GLY A C   1 
ATOM   116  O  O   . GLY A 1 38  ? 13.966  4.386   4.131   1.00 40.98 ? 38  GLY A O   1 
ATOM   117  N  N   . LEU A 1 39  ? 13.345  2.957   2.534   1.00 39.91 ? 39  LEU A N   1 
ATOM   118  C  CA  . LEU A 1 39  ? 12.692  2.026   3.456   1.00 39.18 ? 39  LEU A CA  1 
ATOM   119  C  C   . LEU A 1 39  ? 13.717  1.187   4.242   1.00 38.63 ? 39  LEU A C   1 
ATOM   120  O  O   . LEU A 1 39  ? 14.708  0.725   3.696   1.00 37.02 ? 39  LEU A O   1 
ATOM   121  C  CB  . LEU A 1 39  ? 11.769  1.087   2.704   1.00 37.67 ? 39  LEU A CB  1 
ATOM   122  C  CG  . LEU A 1 39  ? 10.628  0.513   3.580   1.00 40.01 ? 39  LEU A CG  1 
ATOM   123  C  CD1 . LEU A 1 39  ? 9.663   1.607   4.066   1.00 36.68 ? 39  LEU A CD1 1 
ATOM   124  C  CD2 . LEU A 1 39  ? 9.884   -0.583  2.898   1.00 41.17 ? 39  LEU A CD2 1 
ATOM   125  N  N   . SER A 1 40  ? 13.441  0.981   5.514   1.00 38.08 ? 40  SER A N   1 
ATOM   126  C  CA  . SER A 1 40  ? 14.284  0.147   6.366   1.00 39.18 ? 40  SER A CA  1 
ATOM   127  C  C   . SER A 1 40  ? 13.387  -0.597  7.381   1.00 39.04 ? 40  SER A C   1 
ATOM   128  O  O   . SER A 1 40  ? 12.215  -0.194  7.634   1.00 37.56 ? 40  SER A O   1 
ATOM   129  C  CB  . SER A 1 40  ? 15.378  0.972   7.041   1.00 39.15 ? 40  SER A CB  1 
ATOM   130  O  OG  . SER A 1 40  ? 14.800  1.971   7.853   1.00 43.86 ? 40  SER A OG  1 
ATOM   131  N  N   . VAL A 1 41  ? 13.901  -1.709  7.889   1.00 36.94 ? 41  VAL A N   1 
ATOM   132  C  CA  . VAL A 1 41  ? 13.168  -2.501  8.860   1.00 35.47 ? 41  VAL A CA  1 
ATOM   133  C  C   . VAL A 1 41  ? 12.956  -1.624  10.091  1.00 35.27 ? 41  VAL A C   1 
ATOM   134  O  O   . VAL A 1 41  ? 13.892  -0.963  10.595  1.00 32.21 ? 41  VAL A O   1 
ATOM   135  C  CB  . VAL A 1 41  ? 13.904  -3.848  9.199   1.00 37.52 ? 41  VAL A CB  1 
ATOM   136  C  CG1 . VAL A 1 41  ? 13.361  -4.518  10.473  1.00 36.31 ? 41  VAL A CG1 1 
ATOM   137  C  CG2 . VAL A 1 41  ? 13.851  -4.836  7.950   1.00 32.72 ? 41  VAL A CG2 1 
ATOM   138  N  N   . GLY A 1 42  ? 11.715  -1.594  10.579  1.00 34.21 ? 42  GLY A N   1 
ATOM   139  C  CA  . GLY A 1 42  ? 11.498  -0.803  11.837  1.00 34.90 ? 42  GLY A CA  1 
ATOM   140  C  C   . GLY A 1 42  ? 10.658  0.420   11.513  1.00 35.64 ? 42  GLY A C   1 
ATOM   141  O  O   . GLY A 1 42  ? 10.077  1.046   12.406  1.00 34.97 ? 42  GLY A O   1 
ATOM   142  N  N   . MET A 1 43  ? 10.603  0.750   10.219  1.00 36.76 ? 43  MET A N   1 
ATOM   143  C  CA  . MET A 1 43  ? 9.794   1.876   9.743   1.00 39.13 ? 43  MET A CA  1 
ATOM   144  C  C   . MET A 1 43  ? 8.323   1.521   9.653   1.00 38.13 ? 43  MET A C   1 
ATOM   145  O  O   . MET A 1 43  ? 7.964   0.335   9.490   1.00 39.65 ? 43  MET A O   1 
ATOM   146  C  CB  . MET A 1 43  ? 10.305  2.367   8.368   1.00 37.66 ? 43  MET A CB  1 
ATOM   147  C  CG  . MET A 1 43  ? 11.561  3.220   8.533   1.00 40.49 ? 43  MET A CG  1 
ATOM   148  S  SD  . MET A 1 43  ? 12.202  3.976   6.993   1.00 47.91 ? 43  MET A SD  1 
ATOM   149  C  CE  . MET A 1 43  ? 10.622  4.498   6.263   1.00 41.48 ? 43  MET A CE  1 
ATOM   150  N  N   . SER A 1 44  ? 7.477   2.543   9.749   1.00 36.57 ? 44  SER A N   1 
ATOM   151  C  CA  A SER A 1 44  ? 6.068   2.380   9.437   0.50 36.59 ? 44  SER A CA  1 
ATOM   152  C  CA  B SER A 1 44  ? 6.062   2.392   9.459   0.50 37.02 ? 44  SER A CA  1 
ATOM   153  C  C   . SER A 1 44  ? 5.597   3.491   8.517   1.00 36.59 ? 44  SER A C   1 
ATOM   154  O  O   . SER A 1 44  ? 6.236   4.530   8.413   1.00 35.75 ? 44  SER A O   1 
ATOM   155  C  CB  A SER A 1 44  ? 5.214   2.356   10.710  0.50 36.48 ? 44  SER A CB  1 
ATOM   156  C  CB  B SER A 1 44  ? 5.231   2.414   10.748  0.50 36.96 ? 44  SER A CB  1 
ATOM   157  O  OG  A SER A 1 44  ? 5.517   3.468   11.520  0.50 35.45 ? 44  SER A OG  1 
ATOM   158  O  OG  B SER A 1 44  ? 5.591   1.329   11.587  0.50 38.51 ? 44  SER A OG  1 
ATOM   159  N  N   . VAL A 1 45  ? 4.490   3.233   7.828   1.00 38.25 ? 45  VAL A N   1 
ATOM   160  C  CA  . VAL A 1 45  ? 3.838   4.173   6.930   1.00 39.81 ? 45  VAL A CA  1 
ATOM   161  C  C   . VAL A 1 45  ? 2.402   4.187   7.356   1.00 41.52 ? 45  VAL A C   1 
ATOM   162  O  O   . VAL A 1 45  ? 1.787   3.143   7.549   1.00 42.51 ? 45  VAL A O   1 
ATOM   163  C  CB  . VAL A 1 45  ? 3.851   3.687   5.444   1.00 40.66 ? 45  VAL A CB  1 
ATOM   164  C  CG1 . VAL A 1 45  ? 3.245   4.741   4.531   1.00 40.45 ? 45  VAL A CG1 1 
ATOM   165  C  CG2 . VAL A 1 45  ? 5.304   3.294   5.013   1.00 41.95 ? 45  VAL A CG2 1 
ATOM   166  N  N   . TYR A 1 46  ? 1.860   5.381   7.449   1.00 41.97 ? 46  TYR A N   1 
ATOM   167  C  CA  . TYR A 1 46  ? 0.540   5.563   7.944   1.00 43.94 ? 46  TYR A CA  1 
ATOM   168  C  C   . TYR A 1 46  ? -0.190  6.629   7.150   1.00 43.61 ? 46  TYR A C   1 
ATOM   169  O  O   . TYR A 1 46  ? 0.357   7.687   6.928   1.00 44.14 ? 46  TYR A O   1 
ATOM   170  C  CB  . TYR A 1 46  ? 0.700   6.182   9.364   1.00 45.16 ? 46  TYR A CB  1 
ATOM   171  C  CG  . TYR A 1 46  ? -0.521  6.229   10.291  1.00 48.03 ? 46  TYR A CG  1 
ATOM   172  C  CD1 . TYR A 1 46  ? -0.409  5.814   11.630  1.00 50.86 ? 46  TYR A CD1 1 
ATOM   173  C  CD2 . TYR A 1 46  ? -1.763  6.703   9.855   1.00 50.01 ? 46  TYR A CD2 1 
ATOM   174  C  CE1 . TYR A 1 46  ? -1.507  5.846   12.504  1.00 50.59 ? 46  TYR A CE1 1 
ATOM   175  C  CE2 . TYR A 1 46  ? -2.880  6.752   10.718  1.00 52.20 ? 46  TYR A CE2 1 
ATOM   176  C  CZ  . TYR A 1 46  ? -2.743  6.318   12.040  1.00 52.06 ? 46  TYR A CZ  1 
ATOM   177  O  OH  . TYR A 1 46  ? -3.829  6.361   12.901  1.00 51.23 ? 46  TYR A OH  1 
ATOM   178  N  N   . ILE A 1 47  ? -1.411  6.415   6.689   1.00 43.86 ? 47  ILE A N   1 
ATOM   179  C  CA  . ILE A 1 47  ? -1.988  6.539   5.376   1.00 42.30 ? 47  ILE A CA  1 
ATOM   180  C  C   . ILE A 1 47  ? -3.469  6.801   5.819   1.00 41.98 ? 47  ILE A C   1 
ATOM   181  O  O   . ILE A 1 47  ? -4.139  5.916   6.346   1.00 40.82 ? 47  ILE A O   1 
ATOM   182  C  CB  . ILE A 1 47  ? -1.896  5.489   4.331   1.00 42.57 ? 47  ILE A CB  1 
ATOM   183  C  CG1 . ILE A 1 47  ? -0.519  5.501   3.667   1.00 40.06 ? 47  ILE A CG1 1 
ATOM   184  C  CG2 . ILE A 1 47  ? -2.901  5.937   3.226   1.00 41.35 ? 47  ILE A CG2 1 
ATOM   185  C  CD1 . ILE A 1 47  ? -0.406  4.508   2.558   1.00 41.89 ? 47  ILE A CD1 1 
ATOM   186  N  N   . GLN A 1 48  ? -3.931  8.038   5.679   1.00 41.21 ? 48  GLN A N   1 
ATOM   187  C  CA  . GLN A 1 48  ? -5.343  8.339   5.903   1.00 41.56 ? 48  GLN A CA  1 
ATOM   188  C  C   . GLN A 1 48  ? -5.952  8.742   4.561   1.00 39.70 ? 48  GLN A C   1 
ATOM   189  O  O   . GLN A 1 48  ? -5.384  9.537   3.817   1.00 38.23 ? 48  GLN A O   1 
ATOM   190  C  CB  . GLN A 1 48  ? -5.516  9.471   6.930   1.00 41.51 ? 48  GLN A CB  1 
ATOM   191  C  CG  . GLN A 1 48  ? -4.876  9.150   8.296   1.00 44.97 ? 48  GLN A CG  1 
ATOM   192  C  CD  . GLN A 1 48  ? -5.088  10.270  9.296   1.00 47.16 ? 48  GLN A CD  1 
ATOM   193  O  OE1 . GLN A 1 48  ? -5.168  11.450  8.919   1.00 51.74 ? 48  GLN A OE1 1 
ATOM   194  N  NE2 . GLN A 1 48  ? -5.163  9.912   10.587  1.00 52.28 ? 48  GLN A NE2 1 
ATOM   195  N  N   . GLY A 1 49  ? -7.095  8.164   4.251   1.00 38.48 ? 49  GLY A N   1 
ATOM   196  C  CA  . GLY A 1 49  ? -7.822  8.565   3.068   1.00 37.94 ? 49  GLY A CA  1 
ATOM   197  C  C   . GLY A 1 49  ? -9.256  8.122   3.199   1.00 38.04 ? 49  GLY A C   1 
ATOM   198  O  O   . GLY A 1 49  ? -9.704  7.714   4.282   1.00 37.08 ? 49  GLY A O   1 
ATOM   199  N  N   . MET A 1 50  ? -9.956  8.166   2.074   1.00 37.59 ? 50  MET A N   1 
ATOM   200  C  CA  . MET A 1 50  ? -11.362 7.813   2.009   1.00 39.05 ? 50  MET A CA  1 
ATOM   201  C  C   . MET A 1 50  ? -11.514 6.925   0.793   1.00 36.98 ? 50  MET A C   1 
ATOM   202  O  O   . MET A 1 50  ? -11.006 7.282   -0.267  1.00 37.22 ? 50  MET A O   1 
ATOM   203  C  CB  . MET A 1 50  ? -12.205 9.081   1.830   1.00 38.90 ? 50  MET A CB  1 
ATOM   204  C  CG  . MET A 1 50  ? -13.671 8.834   2.078   1.00 40.53 ? 50  MET A CG  1 
ATOM   205  S  SD  . MET A 1 50  ? -14.726 10.146  1.453   1.00 46.56 ? 50  MET A SD  1 
ATOM   206  C  CE  . MET A 1 50  ? -14.764 9.703   -0.303  1.00 48.99 ? 50  MET A CE  1 
ATOM   207  N  N   . ALA A 1 51  ? -12.167 5.767   0.945   1.00 35.78 ? 51  ALA A N   1 
ATOM   208  C  CA  . ALA A 1 51  ? -12.569 4.972   -0.234  1.00 35.64 ? 51  ALA A CA  1 
ATOM   209  C  C   . ALA A 1 51  ? -13.643 5.723   -0.987  1.00 34.60 ? 51  ALA A C   1 
ATOM   210  O  O   . ALA A 1 51  ? -14.582 6.217   -0.376  1.00 35.03 ? 51  ALA A O   1 
ATOM   211  C  CB  . ALA A 1 51  ? -13.096 3.554   0.158   1.00 34.08 ? 51  ALA A CB  1 
ATOM   212  N  N   . LYS A 1 52  ? -13.551 5.808   -2.311  1.00 34.29 ? 52  LYS A N   1 
ATOM   213  C  CA  . LYS A 1 52  ? -14.628 6.508   -3.035  1.00 34.34 ? 52  LYS A CA  1 
ATOM   214  C  C   . LYS A 1 52  ? -15.936 5.715   -2.940  1.00 34.44 ? 52  LYS A C   1 
ATOM   215  O  O   . LYS A 1 52  ? -15.895 4.487   -2.786  1.00 33.94 ? 52  LYS A O   1 
ATOM   216  C  CB  . LYS A 1 52  ? -14.240 6.723   -4.484  1.00 35.14 ? 52  LYS A CB  1 
ATOM   217  C  CG  . LYS A 1 52  ? -13.160 7.793   -4.719  1.00 36.33 ? 52  LYS A CG  1 
ATOM   218  C  CD  . LYS A 1 52  ? -12.926 7.904   -6.203  1.00 44.20 ? 52  LYS A CD  1 
ATOM   219  C  CE  . LYS A 1 52  ? -12.050 9.065   -6.583  1.00 48.11 ? 52  LYS A CE  1 
ATOM   220  N  NZ  . LYS A 1 52  ? -12.360 9.457   -7.993  1.00 53.53 ? 52  LYS A NZ  1 
ATOM   221  N  N   . GLU A 1 53  ? -17.069 6.426   -3.061  1.00 34.35 ? 53  GLU A N   1 
ATOM   222  C  CA  A GLU A 1 53  ? -18.406 5.826   -2.981  0.50 34.65 ? 53  GLU A CA  1 
ATOM   223  C  CA  B GLU A 1 53  ? -18.418 5.857   -2.991  0.50 34.71 ? 53  GLU A CA  1 
ATOM   224  C  C   . GLU A 1 53  ? -18.622 4.758   -4.034  1.00 34.56 ? 53  GLU A C   1 
ATOM   225  O  O   . GLU A 1 53  ? -19.425 3.854   -3.844  1.00 35.24 ? 53  GLU A O   1 
ATOM   226  C  CB  A GLU A 1 53  ? -19.508 6.888   -3.140  0.50 34.05 ? 53  GLU A CB  1 
ATOM   227  C  CB  B GLU A 1 53  ? -19.499 6.964   -3.164  0.50 33.96 ? 53  GLU A CB  1 
ATOM   228  C  CG  A GLU A 1 53  ? -19.655 7.828   -1.964  0.50 34.92 ? 53  GLU A CG  1 
ATOM   229  C  CG  B GLU A 1 53  ? -19.541 8.018   -2.024  0.50 34.56 ? 53  GLU A CG  1 
ATOM   230  C  CD  A GLU A 1 53  ? -20.569 7.310   -0.845  0.50 36.56 ? 53  GLU A CD  1 
ATOM   231  C  CD  B GLU A 1 53  ? -20.628 9.102   -2.206  0.50 35.23 ? 53  GLU A CD  1 
ATOM   232  O  OE1 A GLU A 1 53  ? -20.904 8.170   0.028   0.50 39.25 ? 53  GLU A OE1 1 
ATOM   233  O  OE1 B GLU A 1 53  ? -20.398 10.066  -2.975  0.50 37.24 ? 53  GLU A OE1 1 
ATOM   234  O  OE2 A GLU A 1 53  ? -20.949 6.080   -0.811  0.50 37.15 ? 53  GLU A OE2 1 
ATOM   235  O  OE2 B GLU A 1 53  ? -21.706 9.008   -1.561  0.50 34.28 ? 53  GLU A OE2 1 
ATOM   236  N  N   . ASN A 1 54  ? -17.903 4.868   -5.141  1.00 33.85 ? 54  ASN A N   1 
ATOM   237  C  CA  . ASN A 1 54  ? -18.057 3.963   -6.245  1.00 34.12 ? 54  ASN A CA  1 
ATOM   238  C  C   . ASN A 1 54  ? -16.759 3.225   -6.503  1.00 35.05 ? 54  ASN A C   1 
ATOM   239  O  O   . ASN A 1 54  ? -16.474 2.867   -7.644  1.00 36.98 ? 54  ASN A O   1 
ATOM   240  C  CB  . ASN A 1 54  ? -18.490 4.763   -7.498  1.00 33.82 ? 54  ASN A CB  1 
ATOM   241  C  CG  . ASN A 1 54  ? -17.412 5.758   -7.959  1.00 34.10 ? 54  ASN A CG  1 
ATOM   242  O  OD1 . ASN A 1 54  ? -16.481 6.057   -7.216  1.00 36.46 ? 54  ASN A OD1 1 
ATOM   243  N  ND2 . ASN A 1 54  ? -17.520 6.231   -9.184  1.00 32.94 ? 54  ASN A ND2 1 
ATOM   244  N  N   . MET A 1 55  ? -15.993 2.971   -5.447  1.00 34.59 ? 55  MET A N   1 
ATOM   245  C  CA  . MET A 1 55  ? -14.722 2.285   -5.555  1.00 35.75 ? 55  MET A CA  1 
ATOM   246  C  C   . MET A 1 55  ? -14.820 0.874   -6.114  1.00 35.52 ? 55  MET A C   1 
ATOM   247  O  O   . MET A 1 55  ? -15.654 0.079   -5.667  1.00 36.04 ? 55  MET A O   1 
ATOM   248  C  CB  . MET A 1 55  ? -14.034 2.206   -4.175  1.00 34.42 ? 55  MET A CB  1 
ATOM   249  C  CG  . MET A 1 55  ? -12.834 1.267   -4.114  1.00 35.68 ? 55  MET A CG  1 
ATOM   250  S  SD  . MET A 1 55  ? -12.150 1.249   -2.443  1.00 37.15 ? 55  MET A SD  1 
ATOM   251  C  CE  . MET A 1 55  ? -11.183 -0.266  -2.444  1.00 33.38 ? 55  MET A CE  1 
ATOM   252  N  N   . ARG A 1 56  ? -13.930 0.586   -7.060  1.00 35.28 ? 56  ARG A N   1 
ATOM   253  C  CA  . ARG A 1 56  ? -13.687 -0.746  -7.575  1.00 35.22 ? 56  ARG A CA  1 
ATOM   254  C  C   . ARG A 1 56  ? -12.407 -1.238  -6.969  1.00 35.90 ? 56  ARG A C   1 
ATOM   255  O  O   . ARG A 1 56  ? -12.382 -2.311  -6.409  1.00 35.54 ? 56  ARG A O   1 
ATOM   256  C  CB  . ARG A 1 56  ? -13.625 -0.764  -9.115  1.00 35.80 ? 56  ARG A CB  1 
ATOM   257  C  CG  . ARG A 1 56  ? -14.951 -0.357  -9.735  1.00 34.52 ? 56  ARG A CG  1 
ATOM   258  C  CD  . ARG A 1 56  ? -15.049 -0.540  -11.229 1.00 36.89 ? 56  ARG A CD  1 
ATOM   259  N  NE  . ARG A 1 56  ? -16.343 -0.015  -11.711 1.00 39.95 ? 56  ARG A NE  1 
ATOM   260  C  CZ  . ARG A 1 56  ? -17.400 -0.777  -12.021 1.00 42.86 ? 56  ARG A CZ  1 
ATOM   261  N  NH1 . ARG A 1 56  ? -18.538 -0.207  -12.437 1.00 41.53 ? 56  ARG A NH1 1 
ATOM   262  N  NH2 . ARG A 1 56  ? -17.330 -2.117  -11.904 1.00 42.54 ? 56  ARG A NH2 1 
ATOM   263  N  N   . ARG A 1 57  ? -11.341 -0.446  -7.064  1.00 35.69 ? 57  ARG A N   1 
ATOM   264  C  CA  . ARG A 1 57  ? -10.077 -0.829  -6.450  1.00 37.59 ? 57  ARG A CA  1 
ATOM   265  C  C   . ARG A 1 57  ? -9.107  0.329   -6.247  1.00 36.52 ? 57  ARG A C   1 
ATOM   266  O  O   . ARG A 1 57  ? -9.305  1.397   -6.788  1.00 36.20 ? 57  ARG A O   1 
ATOM   267  C  CB  . ARG A 1 57  ? -9.406  -2.001  -7.188  1.00 37.02 ? 57  ARG A CB  1 
ATOM   268  C  CG  . ARG A 1 57  ? -9.301  -1.924  -8.676  1.00 40.22 ? 57  ARG A CG  1 
ATOM   269  C  CD  . ARG A 1 57  ? -8.521  -3.153  -9.219  1.00 42.46 ? 57  ARG A CD  1 
ATOM   270  N  NE  . ARG A 1 57  ? -9.329  -4.281  -9.695  1.00 48.11 ? 57  ARG A NE  1 
ATOM   271  C  CZ  . ARG A 1 57  ? -8.859  -5.287  -10.453 1.00 49.05 ? 57  ARG A CZ  1 
ATOM   272  N  NH1 . ARG A 1 57  ? -9.674  -6.266  -10.861 1.00 46.06 ? 57  ARG A NH1 1 
ATOM   273  N  NH2 . ARG A 1 57  ? -7.580  -5.313  -10.825 1.00 46.83 ? 57  ARG A NH2 1 
ATOM   274  N  N   . PHE A 1 58  ? -8.084  0.116   -5.417  1.00 36.39 ? 58  PHE A N   1 
ATOM   275  C  CA  . PHE A 1 58  ? -6.954  1.032   -5.366  1.00 35.41 ? 58  PHE A CA  1 
ATOM   276  C  C   . PHE A 1 58  ? -5.724  0.246   -4.977  1.00 36.22 ? 58  PHE A C   1 
ATOM   277  O  O   . PHE A 1 58  ? -5.831  -0.938  -4.588  1.00 35.35 ? 58  PHE A O   1 
ATOM   278  C  CB  . PHE A 1 58  ? -7.215  2.287   -4.471  1.00 35.17 ? 58  PHE A CB  1 
ATOM   279  C  CG  . PHE A 1 58  ? -7.269  2.027   -2.946  1.00 33.30 ? 58  PHE A CG  1 
ATOM   280  C  CD1 . PHE A 1 58  ? -8.493  2.007   -2.283  1.00 34.93 ? 58  PHE A CD1 1 
ATOM   281  C  CD2 . PHE A 1 58  ? -6.091  1.942   -2.189  1.00 32.20 ? 58  PHE A CD2 1 
ATOM   282  C  CE1 . PHE A 1 58  ? -8.576  1.805   -0.898  1.00 37.47 ? 58  PHE A CE1 1 
ATOM   283  C  CE2 . PHE A 1 58  ? -6.136  1.741   -0.769  1.00 36.32 ? 58  PHE A CE2 1 
ATOM   284  C  CZ  . PHE A 1 58  ? -7.398  1.688   -0.132  1.00 35.37 ? 58  PHE A CZ  1 
ATOM   285  N  N   . HIS A 1 59  ? -4.563  0.871   -5.066  1.00 34.92 ? 59  HIS A N   1 
ATOM   286  C  CA  . HIS A 1 59  ? -3.385  0.188   -4.575  1.00 36.89 ? 59  HIS A CA  1 
ATOM   287  C  C   . HIS A 1 59  ? -2.402  1.123   -3.876  1.00 37.20 ? 59  HIS A C   1 
ATOM   288  O  O   . HIS A 1 59  ? -2.411  2.330   -4.093  1.00 37.72 ? 59  HIS A O   1 
ATOM   289  C  CB  . HIS A 1 59  ? -2.654  -0.570  -5.730  1.00 36.38 ? 59  HIS A CB  1 
ATOM   290  C  CG  . HIS A 1 59  ? -2.101  0.332   -6.782  1.00 36.57 ? 59  HIS A CG  1 
ATOM   291  N  ND1 . HIS A 1 59  ? -2.826  0.698   -7.892  1.00 37.32 ? 59  HIS A ND1 1 
ATOM   292  C  CD2 . HIS A 1 59  ? -0.922  0.995   -6.867  1.00 34.37 ? 59  HIS A CD2 1 
ATOM   293  C  CE1 . HIS A 1 59  ? -2.113  1.535   -8.632  1.00 37.40 ? 59  HIS A CE1 1 
ATOM   294  N  NE2 . HIS A 1 59  ? -0.950  1.723   -8.036  1.00 37.87 ? 59  HIS A NE2 1 
ATOM   295  N  N   . VAL A 1 60  ? -1.548  0.534   -3.050  1.00 37.90 ? 60  VAL A N   1 
ATOM   296  C  CA  . VAL A 1 60  ? -0.357  1.204   -2.551  1.00 37.98 ? 60  VAL A CA  1 
ATOM   297  C  C   . VAL A 1 60  ? 0.834   0.313   -2.942  1.00 37.83 ? 60  VAL A C   1 
ATOM   298  O  O   . VAL A 1 60  ? 0.840   -0.874  -2.638  1.00 38.62 ? 60  VAL A O   1 
ATOM   299  C  CB  . VAL A 1 60  ? -0.403  1.320   -0.990  1.00 38.17 ? 60  VAL A CB  1 
ATOM   300  C  CG1 . VAL A 1 60  ? 0.930   1.911   -0.422  1.00 37.79 ? 60  VAL A CG1 1 
ATOM   301  C  CG2 . VAL A 1 60  ? -1.667  2.149   -0.520  1.00 38.30 ? 60  VAL A CG2 1 
ATOM   302  N  N   . ASN A 1 61  ? 1.823   0.908   -3.608  1.00 36.62 ? 61  ASN A N   1 
ATOM   303  C  CA  . ASN A 1 61  ? 3.035   0.219   -4.003  1.00 35.26 ? 61  ASN A CA  1 
ATOM   304  C  C   . ASN A 1 61  ? 4.240   0.740   -3.221  1.00 34.97 ? 61  ASN A C   1 
ATOM   305  O  O   . ASN A 1 61  ? 4.455   1.936   -3.131  1.00 34.42 ? 61  ASN A O   1 
ATOM   306  C  CB  . ASN A 1 61  ? 3.304   0.424   -5.502  1.00 34.83 ? 61  ASN A CB  1 
ATOM   307  C  CG  . ASN A 1 61  ? 2.318   -0.285  -6.368  1.00 34.31 ? 61  ASN A CG  1 
ATOM   308  O  OD1 . ASN A 1 61  ? 1.664   -1.219  -5.923  1.00 39.17 ? 61  ASN A OD1 1 
ATOM   309  N  ND2 . ASN A 1 61  ? 2.165   0.176   -7.610  1.00 36.63 ? 61  ASN A ND2 1 
ATOM   310  N  N   . PHE A 1 62  ? 5.019   -0.194  -2.707  1.00 35.76 ? 62  PHE A N   1 
ATOM   311  C  CA  . PHE A 1 62  ? 6.333   0.054   -2.183  1.00 35.33 ? 62  PHE A CA  1 
ATOM   312  C  C   . PHE A 1 62  ? 7.281   -0.213  -3.343  1.00 36.05 ? 62  PHE A C   1 
ATOM   313  O  O   . PHE A 1 62  ? 7.571   -1.343  -3.663  1.00 36.29 ? 62  PHE A O   1 
ATOM   314  C  CB  . PHE A 1 62  ? 6.596   -0.866  -0.993  1.00 37.14 ? 62  PHE A CB  1 
ATOM   315  C  CG  . PHE A 1 62  ? 5.813   -0.503  0.224   1.00 37.13 ? 62  PHE A CG  1 
ATOM   316  C  CD1 . PHE A 1 62  ? 6.354   0.302   1.185   1.00 37.97 ? 62  PHE A CD1 1 
ATOM   317  C  CD2 . PHE A 1 62  ? 4.529   -0.941  0.396   1.00 40.15 ? 62  PHE A CD2 1 
ATOM   318  C  CE1 . PHE A 1 62  ? 5.645   0.654   2.279   1.00 38.16 ? 62  PHE A CE1 1 
ATOM   319  C  CE2 . PHE A 1 62  ? 3.822   -0.587  1.508   1.00 37.17 ? 62  PHE A CE2 1 
ATOM   320  C  CZ  . PHE A 1 62  ? 4.383   0.213   2.441   1.00 39.65 ? 62  PHE A CZ  1 
ATOM   321  N  N   . ALA A 1 63  ? 7.720   0.856   -3.984  1.00 34.91 ? 63  ALA A N   1 
ATOM   322  C  CA  . ALA A 1 63  ? 8.397   0.786   -5.262  1.00 35.77 ? 63  ALA A CA  1 
ATOM   323  C  C   . ALA A 1 63  ? 9.906   0.926   -5.198  1.00 36.71 ? 63  ALA A C   1 
ATOM   324  O  O   . ALA A 1 63  ? 10.445  1.606   -4.362  1.00 35.41 ? 63  ALA A O   1 
ATOM   325  C  CB  . ALA A 1 63  ? 7.831   1.812   -6.200  1.00 35.17 ? 63  ALA A CB  1 
ATOM   326  N  N   . VAL A 1 64  ? 10.551  0.273   -6.140  1.00 38.27 ? 64  VAL A N   1 
ATOM   327  C  CA  . VAL A 1 64  ? 11.979  0.305   -6.316  1.00 39.38 ? 64  VAL A CA  1 
ATOM   328  C  C   . VAL A 1 64  ? 12.310  1.372   -7.349  1.00 40.84 ? 64  VAL A C   1 
ATOM   329  O  O   . VAL A 1 64  ? 12.335  1.098   -8.520  1.00 42.22 ? 64  VAL A O   1 
ATOM   330  C  CB  . VAL A 1 64  ? 12.483  -1.055  -6.820  1.00 39.47 ? 64  VAL A CB  1 
ATOM   331  C  CG1 . VAL A 1 64  ? 13.950  -1.023  -7.077  1.00 37.52 ? 64  VAL A CG1 1 
ATOM   332  C  CG2 . VAL A 1 64  ? 12.165  -2.143  -5.836  1.00 38.94 ? 64  VAL A CG2 1 
ATOM   333  N  N   . GLY A 1 65  ? 12.533  2.592   -6.909  1.00 42.52 ? 65  GLY A N   1 
ATOM   334  C  CA  . GLY A 1 65  ? 12.816  3.680   -7.817  1.00 44.79 ? 65  GLY A CA  1 
ATOM   335  C  C   . GLY A 1 65  ? 11.614  4.457   -8.309  1.00 46.81 ? 65  GLY A C   1 
ATOM   336  O  O   . GLY A 1 65  ? 10.489  4.091   -8.053  1.00 45.87 ? 65  GLY A O   1 
ATOM   337  N  N   . GLN A 1 66  ? 11.885  5.533   -9.039  1.00 49.16 ? 66  GLN A N   1 
ATOM   338  C  CA  . GLN A 1 66  ? 10.891  6.538   -9.404  1.00 52.10 ? 66  GLN A CA  1 
ATOM   339  C  C   . GLN A 1 66  ? 10.184  6.310   -10.719 1.00 52.89 ? 66  GLN A C   1 
ATOM   340  O  O   . GLN A 1 66  ? 9.142   6.874   -10.962 1.00 53.18 ? 66  GLN A O   1 
ATOM   341  C  CB  . GLN A 1 66  ? 11.542  7.914   -9.439  1.00 52.51 ? 66  GLN A CB  1 
ATOM   342  C  CG  . GLN A 1 66  ? 10.561  9.049   -9.308  1.00 57.01 ? 66  GLN A CG  1 
ATOM   343  C  CD  . GLN A 1 66  ? 10.952  10.269  -10.115 1.00 61.95 ? 66  GLN A CD  1 
ATOM   344  O  OE1 . GLN A 1 66  ? 12.131  10.620  -10.209 1.00 65.04 ? 66  GLN A OE1 1 
ATOM   345  N  NE2 . GLN A 1 66  ? 9.959   10.931  -10.694 1.00 63.44 ? 66  GLN A NE2 1 
ATOM   346  N  N   . ASP A 1 67  ? 10.762  5.499   -11.575 1.00 54.29 ? 67  ASP A N   1 
ATOM   347  C  CA  . ASP A 1 67  ? 10.176  5.232   -12.881 1.00 55.77 ? 67  ASP A CA  1 
ATOM   348  C  C   . ASP A 1 67  ? 8.791   4.636   -12.708 1.00 56.55 ? 67  ASP A C   1 
ATOM   349  O  O   . ASP A 1 67  ? 8.435   4.209   -11.617 1.00 57.03 ? 67  ASP A O   1 
ATOM   350  C  CB  . ASP A 1 67  ? 11.056  4.287   -13.693 1.00 55.99 ? 67  ASP A CB  1 
ATOM   351  C  CG  . ASP A 1 67  ? 12.391  4.901   -14.066 1.00 57.76 ? 67  ASP A CG  1 
ATOM   352  O  OD1 . ASP A 1 67  ? 12.647  6.061   -13.691 1.00 59.19 ? 67  ASP A OD1 1 
ATOM   353  O  OD2 . ASP A 1 67  ? 13.190  4.215   -14.735 1.00 59.54 ? 67  ASP A OD2 1 
ATOM   354  N  N   . ASP A 1 68  ? 8.010   4.597   -13.781 1.00 20.00 ? 68  ASP A N   1 
ATOM   355  C  CA  . ASP A 1 68  ? 6.577   4.344   -13.667 1.00 20.00 ? 68  ASP A CA  1 
ATOM   356  C  C   . ASP A 1 68  ? 6.218   2.870   -13.815 1.00 20.00 ? 68  ASP A C   1 
ATOM   357  O  O   . ASP A 1 68  ? 5.162   2.440   -13.367 1.00 56.24 ? 68  ASP A O   1 
ATOM   358  C  CB  . ASP A 1 68  ? 5.786   5.176   -14.679 1.00 20.00 ? 68  ASP A CB  1 
ATOM   359  C  CG  . ASP A 1 68  ? 5.355   6.523   -14.124 1.00 20.00 ? 68  ASP A CG  1 
ATOM   360  O  OD1 . ASP A 1 68  ? 5.352   6.697   -12.887 1.00 20.00 ? 68  ASP A OD1 1 
ATOM   361  O  OD2 . ASP A 1 68  ? 5.020   7.414   -14.928 1.00 20.00 ? 68  ASP A OD2 1 
ATOM   362  N  N   . GLY A 1 69  ? 7.097   2.100   -14.443 1.00 54.11 ? 69  GLY A N   1 
ATOM   363  C  CA  . GLY A 1 69  ? 7.019   0.653   -14.361 1.00 51.98 ? 69  GLY A CA  1 
ATOM   364  C  C   . GLY A 1 69  ? 8.134   0.024   -13.547 1.00 49.48 ? 69  GLY A C   1 
ATOM   365  O  O   . GLY A 1 69  ? 8.558   -1.089  -13.817 1.00 49.90 ? 69  GLY A O   1 
ATOM   366  N  N   . ALA A 1 70  ? 8.599   0.756   -12.545 1.00 47.15 ? 70  ALA A N   1 
ATOM   367  C  CA  . ALA A 1 70  ? 9.507   0.230   -11.543 1.00 44.41 ? 70  ALA A CA  1 
ATOM   368  C  C   . ALA A 1 70  ? 9.021   -1.069  -10.921 1.00 42.86 ? 70  ALA A C   1 
ATOM   369  O  O   . ALA A 1 70  ? 7.830   -1.306  -10.810 1.00 42.84 ? 70  ALA A O   1 
ATOM   370  C  CB  . ALA A 1 70  ? 9.752   1.258   -10.490 1.00 44.20 ? 70  ALA A CB  1 
ATOM   371  N  N   . ASP A 1 71  ? 9.956   -1.908  -10.510 1.00 41.21 ? 71  ASP A N   1 
ATOM   372  C  CA  . ASP A 1 71  ? 9.618   -3.032  -9.678  1.00 40.12 ? 71  ASP A CA  1 
ATOM   373  C  C   . ASP A 1 71  ? 8.933   -2.583  -8.378  1.00 38.69 ? 71  ASP A C   1 
ATOM   374  O  O   . ASP A 1 71  ? 9.097   -1.454  -7.920  1.00 36.96 ? 71  ASP A O   1 
ATOM   375  C  CB  . ASP A 1 71  ? 10.869  -3.868  -9.389  1.00 40.24 ? 71  ASP A CB  1 
ATOM   376  C  CG  . ASP A 1 71  ? 11.292  -4.701  -10.594 1.00 42.49 ? 71  ASP A CG  1 
ATOM   377  O  OD1 . ASP A 1 71  ? 10.603  -4.669  -11.634 1.00 40.74 ? 71  ASP A OD1 1 
ATOM   378  O  OD2 . ASP A 1 71  ? 12.288  -5.422  -10.480 1.00 43.25 ? 71  ASP A OD2 1 
ATOM   379  N  N   . VAL A 1 72  ? 8.167   -3.490  -7.794  1.00 37.86 ? 72  VAL A N   1 
ATOM   380  C  CA  . VAL A 1 72  ? 7.356   -3.192  -6.638  1.00 36.84 ? 72  VAL A CA  1 
ATOM   381  C  C   . VAL A 1 72  ? 7.598   -4.297  -5.612  1.00 37.06 ? 72  VAL A C   1 
ATOM   382  O  O   . VAL A 1 72  ? 7.195   -5.427  -5.841  1.00 37.05 ? 72  VAL A O   1 
ATOM   383  C  CB  . VAL A 1 72  ? 5.869   -3.129  -7.037  1.00 37.61 ? 72  VAL A CB  1 
ATOM   384  C  CG1 . VAL A 1 72  ? 5.022   -3.009  -5.812  1.00 36.72 ? 72  VAL A CG1 1 
ATOM   385  C  CG2 . VAL A 1 72  ? 5.601   -1.929  -8.058  1.00 36.79 ? 72  VAL A CG2 1 
ATOM   386  N  N   . ALA A 1 73  ? 8.250   -3.978  -4.488  1.00 36.73 ? 73  ALA A N   1 
ATOM   387  C  CA  . ALA A 1 73  ? 8.484   -4.985  -3.439  1.00 37.02 ? 73  ALA A CA  1 
ATOM   388  C  C   . ALA A 1 73  ? 7.175   -5.462  -2.820  1.00 38.29 ? 73  ALA A C   1 
ATOM   389  O  O   . ALA A 1 73  ? 7.032   -6.637  -2.445  1.00 38.77 ? 73  ALA A O   1 
ATOM   390  C  CB  . ALA A 1 73  ? 9.455   -4.439  -2.354  1.00 37.15 ? 73  ALA A CB  1 
ATOM   391  N  N   . PHE A 1 74  ? 6.194   -4.569  -2.738  1.00 37.71 ? 74  PHE A N   1 
ATOM   392  C  CA  . PHE A 1 74  ? 4.922   -4.913  -2.108  1.00 37.06 ? 74  PHE A CA  1 
ATOM   393  C  C   . PHE A 1 74  ? 3.829   -4.036  -2.716  1.00 37.81 ? 74  PHE A C   1 
ATOM   394  O  O   . PHE A 1 74  ? 3.865   -2.793  -2.639  1.00 36.62 ? 74  PHE A O   1 
ATOM   395  C  CB  . PHE A 1 74  ? 5.042   -4.724  -0.597  1.00 36.99 ? 74  PHE A CB  1 
ATOM   396  C  CG  . PHE A 1 74  ? 3.787   -5.031  0.168   1.00 36.26 ? 74  PHE A CG  1 
ATOM   397  C  CD1 . PHE A 1 74  ? 2.922   -6.025  -0.249  1.00 40.53 ? 74  PHE A CD1 1 
ATOM   398  C  CD2 . PHE A 1 74  ? 3.476   -4.298  1.325   1.00 38.89 ? 74  PHE A CD2 1 
ATOM   399  C  CE1 . PHE A 1 74  ? 1.728   -6.335  0.454   1.00 41.64 ? 74  PHE A CE1 1 
ATOM   400  C  CE2 . PHE A 1 74  ? 2.289   -4.586  2.075   1.00 39.24 ? 74  PHE A CE2 1 
ATOM   401  C  CZ  . PHE A 1 74  ? 1.409   -5.622  1.647   1.00 39.53 ? 74  PHE A CZ  1 
ATOM   402  N  N   . HIS A 1 75  ? 2.884   -4.724  -3.342  1.00 38.66 ? 75  HIS A N   1 
ATOM   403  C  CA  . HIS A 1 75  ? 1.686   -4.170  -3.938  1.00 38.44 ? 75  HIS A CA  1 
ATOM   404  C  C   . HIS A 1 75  ? 0.506   -4.608  -3.061  1.00 38.48 ? 75  HIS A C   1 
ATOM   405  O  O   . HIS A 1 75  ? 0.206   -5.823  -2.924  1.00 38.44 ? 75  HIS A O   1 
ATOM   406  C  CB  . HIS A 1 75  ? 1.550   -4.764  -5.364  1.00 38.89 ? 75  HIS A CB  1 
ATOM   407  C  CG  . HIS A 1 75  ? 0.309   -4.359  -6.128  1.00 38.05 ? 75  HIS A CG  1 
ATOM   408  N  ND1 . HIS A 1 75  ? 0.113   -3.084  -6.618  1.00 38.29 ? 75  HIS A ND1 1 
ATOM   409  C  CD2 . HIS A 1 75  ? -0.712  -5.105  -6.622  1.00 36.65 ? 75  HIS A CD2 1 
ATOM   410  C  CE1 . HIS A 1 75  ? -1.006  -3.048  -7.326  1.00 38.72 ? 75  HIS A CE1 1 
ATOM   411  N  NE2 . HIS A 1 75  ? -1.537  -4.259  -7.322  1.00 38.15 ? 75  HIS A NE2 1 
ATOM   412  N  N   . PHE A 1 76  ? -0.217  -3.618  -2.533  1.00 37.46 ? 76  PHE A N   1 
ATOM   413  C  CA  . PHE A 1 76  ? -1.345  -3.853  -1.625  1.00 38.08 ? 76  PHE A CA  1 
ATOM   414  C  C   . PHE A 1 76  ? -2.578  -3.331  -2.385  1.00 38.60 ? 76  PHE A C   1 
ATOM   415  O  O   . PHE A 1 76  ? -2.645  -2.148  -2.723  1.00 38.38 ? 76  PHE A O   1 
ATOM   416  C  CB  . PHE A 1 76  ? -1.137  -3.034  -0.321  1.00 36.02 ? 76  PHE A CB  1 
ATOM   417  C  CG  . PHE A 1 76  ? -2.343  -3.021  0.610   1.00 38.04 ? 76  PHE A CG  1 
ATOM   418  C  CD1 . PHE A 1 76  ? -2.564  -4.054  1.483   1.00 36.28 ? 76  PHE A CD1 1 
ATOM   419  C  CD2 . PHE A 1 76  ? -3.273  -1.953  0.576   1.00 37.99 ? 76  PHE A CD2 1 
ATOM   420  C  CE1 . PHE A 1 76  ? -3.700  -4.076  2.338   1.00 40.01 ? 76  PHE A CE1 1 
ATOM   421  C  CE2 . PHE A 1 76  ? -4.373  -1.941  1.416   1.00 36.09 ? 76  PHE A CE2 1 
ATOM   422  C  CZ  . PHE A 1 76  ? -4.607  -2.997  2.303   1.00 38.16 ? 76  PHE A CZ  1 
ATOM   423  N  N   . ASN A 1 77  ? -3.563  -4.194  -2.629  1.00 39.58 ? 77  ASN A N   1 
ATOM   424  C  CA  . ASN A 1 77  ? -4.527  -3.945  -3.701  1.00 38.72 ? 77  ASN A CA  1 
ATOM   425  C  C   . ASN A 1 77  ? -5.942  -4.443  -3.356  1.00 39.03 ? 77  ASN A C   1 
ATOM   426  O  O   . ASN A 1 77  ? -6.366  -5.513  -3.804  1.00 38.27 ? 77  ASN A O   1 
ATOM   427  C  CB  . ASN A 1 77  ? -3.981  -4.555  -5.024  1.00 39.06 ? 77  ASN A CB  1 
ATOM   428  C  CG  . ASN A 1 77  ? -4.946  -4.394  -6.248  1.00 41.20 ? 77  ASN A CG  1 
ATOM   429  O  OD1 . ASN A 1 77  ? -5.060  -5.309  -7.071  1.00 42.70 ? 77  ASN A OD1 1 
ATOM   430  N  ND2 . ASN A 1 77  ? -5.598  -3.234  -6.373  1.00 37.22 ? 77  ASN A ND2 1 
ATOM   431  N  N   . PRO A 1 78  ? -6.679  -3.652  -2.545  1.00 38.29 ? 78  PRO A N   1 
ATOM   432  C  CA  . PRO A 1 78  ? -8.092  -3.930  -2.293  1.00 38.53 ? 78  PRO A CA  1 
ATOM   433  C  C   . PRO A 1 78  ? -8.974  -3.859  -3.569  1.00 38.59 ? 78  PRO A C   1 
ATOM   434  O  O   . PRO A 1 78  ? -8.836  -2.953  -4.417  1.00 38.04 ? 78  PRO A O   1 
ATOM   435  C  CB  . PRO A 1 78  ? -8.499  -2.828  -1.275  1.00 38.17 ? 78  PRO A CB  1 
ATOM   436  C  CG  . PRO A 1 78  ? -7.504  -1.727  -1.518  1.00 38.70 ? 78  PRO A CG  1 
ATOM   437  C  CD  . PRO A 1 78  ? -6.205  -2.483  -1.772  1.00 36.76 ? 78  PRO A CD  1 
ATOM   438  N  N   . ARG A 1 79  ? -9.842  -4.849  -3.716  1.00 38.56 ? 79  ARG A N   1 
ATOM   439  C  CA  . ARG A 1 79  ? -10.690 -4.954  -4.898  1.00 38.16 ? 79  ARG A CA  1 
ATOM   440  C  C   . ARG A 1 79  ? -12.076 -5.345  -4.486  1.00 38.90 ? 79  ARG A C   1 
ATOM   441  O  O   . ARG A 1 79  ? -12.241 -6.394  -3.878  1.00 37.84 ? 79  ARG A O   1 
ATOM   442  C  CB  . ARG A 1 79  ? -10.187 -6.041  -5.875  1.00 38.28 ? 79  ARG A CB  1 
ATOM   443  C  CG  . ARG A 1 79  ? -8.725  -5.952  -6.327  1.00 37.71 ? 79  ARG A CG  1 
ATOM   444  C  CD  . ARG A 1 79  ? -8.401  -7.103  -7.278  1.00 36.20 ? 79  ARG A CD  1 
ATOM   445  N  NE  . ARG A 1 79  ? -7.033  -7.024  -7.780  1.00 32.28 ? 79  ARG A NE  1 
ATOM   446  C  CZ  . ARG A 1 79  ? -6.466  -7.849  -8.666  1.00 35.37 ? 79  ARG A CZ  1 
ATOM   447  N  NH1 . ARG A 1 79  ? -7.166  -8.839  -9.215  1.00 34.66 ? 79  ARG A NH1 1 
ATOM   448  N  NH2 . ARG A 1 79  ? -5.183  -7.666  -9.023  1.00 34.84 ? 79  ARG A NH2 1 
ATOM   449  N  N   . PHE A 1 80  ? -13.066 -4.530  -4.862  1.00 38.42 ? 80  PHE A N   1 
ATOM   450  C  CA  . PHE A 1 80  ? -14.462 -4.930  -4.824  1.00 41.53 ? 80  PHE A CA  1 
ATOM   451  C  C   . PHE A 1 80  ? -14.756 -5.665  -6.166  1.00 42.91 ? 80  PHE A C   1 
ATOM   452  O  O   . PHE A 1 80  ? -14.388 -5.170  -7.213  1.00 44.48 ? 80  PHE A O   1 
ATOM   453  C  CB  . PHE A 1 80  ? -15.397 -3.701  -4.632  1.00 39.58 ? 80  PHE A CB  1 
ATOM   454  C  CG  . PHE A 1 80  ? -15.355 -3.099  -3.223  1.00 36.84 ? 80  PHE A CG  1 
ATOM   455  C  CD1 . PHE A 1 80  ? -16.164 -3.614  -2.206  1.00 33.91 ? 80  PHE A CD1 1 
ATOM   456  C  CD2 . PHE A 1 80  ? -14.535 -2.016  -2.935  1.00 35.19 ? 80  PHE A CD2 1 
ATOM   457  C  CE1 . PHE A 1 80  ? -16.168 -3.084  -0.940  1.00 35.54 ? 80  PHE A CE1 1 
ATOM   458  C  CE2 . PHE A 1 80  ? -14.509 -1.450  -1.620  1.00 37.97 ? 80  PHE A CE2 1 
ATOM   459  C  CZ  . PHE A 1 80  ? -15.333 -2.001  -0.625  1.00 36.47 ? 80  PHE A CZ  1 
ATOM   460  N  N   . ASP A 1 81  ? -15.350 -6.855  -6.116  1.00 44.86 ? 81  ASP A N   1 
ATOM   461  C  CA  . ASP A 1 81  ? -15.458 -7.804  -7.274  1.00 45.80 ? 81  ASP A CA  1 
ATOM   462  C  C   . ASP A 1 81  ? -16.660 -8.592  -6.931  1.00 46.58 ? 81  ASP A C   1 
ATOM   463  O  O   . ASP A 1 81  ? -17.441 -8.160  -6.027  1.00 49.75 ? 81  ASP A O   1 
ATOM   464  C  CB  . ASP A 1 81  ? -14.392 -8.929  -7.251  1.00 46.61 ? 81  ASP A CB  1 
ATOM   465  C  CG  . ASP A 1 81  ? -12.962 -8.439  -7.091  0.50 46.36 ? 81  ASP A CG  1 
ATOM   466  O  OD1 . ASP A 1 81  ? -12.458 -8.549  -5.952  0.50 43.42 ? 81  ASP A OD1 1 
ATOM   467  O  OD2 . ASP A 1 81  ? -12.333 -8.018  -8.107  0.50 47.54 ? 81  ASP A OD2 1 
ATOM   468  N  N   . GLY A 1 82  ? -16.757 -9.833  -7.546  1.00 46.02 ? 82  GLY A N   1 
ATOM   469  C  CA  . GLY A 1 82  ? -17.682 -10.766 -6.827  1.00 44.08 ? 82  GLY A CA  1 
ATOM   470  C  C   . GLY A 1 82  ? -17.183 -10.836 -5.395  1.00 42.07 ? 82  GLY A C   1 
ATOM   471  O  O   . GLY A 1 82  ? -17.743 -10.186 -4.521  1.00 40.05 ? 82  GLY A O   1 
ATOM   472  N  N   . TRP A 1 83  ? -16.128 -11.611 -5.155  1.00 41.15 ? 83  TRP A N   1 
ATOM   473  C  CA  . TRP A 1 83  ? -15.565 -11.731 -3.820  1.00 41.67 ? 83  TRP A CA  1 
ATOM   474  C  C   . TRP A 1 83  ? -14.813 -10.489 -3.411  1.00 41.33 ? 83  TRP A C   1 
ATOM   475  O  O   . TRP A 1 83  ? -13.696 -10.342 -3.837  1.00 44.69 ? 83  TRP A O   1 
ATOM   476  C  CB  . TRP A 1 83  ? -14.541 -12.886 -3.790  1.00 41.94 ? 83  TRP A CB  1 
ATOM   477  C  CG  . TRP A 1 83  ? -15.151 -14.200 -3.788  1.00 41.35 ? 83  TRP A CG  1 
ATOM   478  C  CD1 . TRP A 1 83  ? -15.412 -14.985 -4.870  1.00 40.36 ? 83  TRP A CD1 1 
ATOM   479  C  CD2 . TRP A 1 83  ? -15.614 -14.910 -2.646  1.00 40.46 ? 83  TRP A CD2 1 
ATOM   480  N  NE1 . TRP A 1 83  ? -16.009 -16.143 -4.472  1.00 40.51 ? 83  TRP A NE1 1 
ATOM   481  C  CE2 . TRP A 1 83  ? -16.147 -16.125 -3.107  1.00 40.34 ? 83  TRP A CE2 1 
ATOM   482  C  CE3 . TRP A 1 83  ? -15.638 -14.630 -1.272  1.00 41.79 ? 83  TRP A CE3 1 
ATOM   483  C  CZ2 . TRP A 1 83  ? -16.712 -17.084 -2.240  1.00 43.61 ? 83  TRP A CZ2 1 
ATOM   484  C  CZ3 . TRP A 1 83  ? -16.180 -15.594 -0.405  1.00 41.55 ? 83  TRP A CZ3 1 
ATOM   485  C  CH2 . TRP A 1 83  ? -16.702 -16.800 -0.895  1.00 42.35 ? 83  TRP A CH2 1 
ATOM   486  N  N   . ASP A 1 84  ? -15.322 -9.646  -2.525  1.00 40.57 ? 84  ASP A N   1 
ATOM   487  C  CA  . ASP A 1 84  ? -14.521 -8.516  -2.077  1.00 39.90 ? 84  ASP A CA  1 
ATOM   488  C  C   . ASP A 1 84  ? -13.245 -9.016  -1.353  1.00 39.76 ? 84  ASP A C   1 
ATOM   489  O  O   . ASP A 1 84  ? -13.324 -9.858  -0.461  1.00 40.01 ? 84  ASP A O   1 
ATOM   490  C  CB  . ASP A 1 84  ? -15.321 -7.577  -1.162  1.00 40.42 ? 84  ASP A CB  1 
ATOM   491  C  CG  . ASP A 1 84  ? -16.608 -7.042  -1.815  1.00 41.44 ? 84  ASP A CG  1 
ATOM   492  O  OD1 . ASP A 1 84  ? -16.674 -6.886  -3.057  1.00 39.60 ? 84  ASP A OD1 1 
ATOM   493  O  OD2 . ASP A 1 84  ? -17.574 -6.788  -1.064  1.00 42.64 ? 84  ASP A OD2 1 
ATOM   494  N  N   . LYS A 1 85  ? -12.073 -8.518  -1.730  1.00 38.93 ? 85  LYS A N   1 
ATOM   495  C  CA  . LYS A 1 85  ? -10.819 -9.142  -1.256  1.00 39.77 ? 85  LYS A CA  1 
ATOM   496  C  C   . LYS A 1 85  ? -9.731  -8.101  -1.331  1.00 39.58 ? 85  LYS A C   1 
ATOM   497  O  O   . LYS A 1 85  ? -9.916  -7.019  -1.931  1.00 40.41 ? 85  LYS A O   1 
ATOM   498  C  CB  . LYS A 1 85  ? -10.426 -10.341 -2.149  1.00 38.06 ? 85  LYS A CB  1 
ATOM   499  C  CG  . LYS A 1 85  ? -10.150 -9.889  -3.604  1.00 39.13 ? 85  LYS A CG  1 
ATOM   500  C  CD  . LYS A 1 85  ? -9.620  -10.975 -4.501  1.00 42.02 ? 85  LYS A CD  1 
ATOM   501  C  CE  . LYS A 1 85  ? -10.695 -11.820 -5.113  1.00 47.25 ? 85  LYS A CE  1 
ATOM   502  N  NZ  . LYS A 1 85  ? -11.631 -11.056 -6.002  1.00 50.64 ? 85  LYS A NZ  1 
ATOM   503  N  N   . VAL A 1 86  ? -8.595  -8.428  -0.738  1.00 38.86 ? 86  VAL A N   1 
ATOM   504  C  CA  . VAL A 1 86  ? -7.362  -7.659  -0.953  1.00 38.46 ? 86  VAL A CA  1 
ATOM   505  C  C   . VAL A 1 86  ? -6.319  -8.615  -1.615  1.00 38.65 ? 86  VAL A C   1 
ATOM   506  O  O   . VAL A 1 86  ? -6.189  -9.774  -1.232  1.00 38.37 ? 86  VAL A O   1 
ATOM   507  C  CB  . VAL A 1 86  ? -6.847  -7.008  0.370   1.00 38.65 ? 86  VAL A CB  1 
ATOM   508  C  CG1 . VAL A 1 86  ? -5.567  -6.203  0.113   1.00 36.19 ? 86  VAL A CG1 1 
ATOM   509  C  CG2 . VAL A 1 86  ? -7.940  -6.079  0.945   1.00 37.82 ? 86  VAL A CG2 1 
ATOM   510  N  N   . VAL A 1 87  ? -5.670  -8.130  -2.667  1.00 37.91 ? 87  VAL A N   1 
ATOM   511  C  CA  . VAL A 1 87  ? -4.658  -8.863  -3.380  1.00 37.18 ? 87  VAL A CA  1 
ATOM   512  C  C   . VAL A 1 87  ? -3.307  -8.274  -2.966  1.00 36.75 ? 87  VAL A C   1 
ATOM   513  O  O   . VAL A 1 87  ? -3.196  -7.070  -2.735  1.00 36.01 ? 87  VAL A O   1 
ATOM   514  C  CB  . VAL A 1 87  ? -4.885  -8.777  -4.914  1.00 37.70 ? 87  VAL A CB  1 
ATOM   515  C  CG1 . VAL A 1 87  ? -3.612  -9.130  -5.680  1.00 39.06 ? 87  VAL A CG1 1 
ATOM   516  C  CG2 . VAL A 1 87  ? -6.019  -9.665  -5.312  1.00 36.63 ? 87  VAL A CG2 1 
ATOM   517  N  N   . PHE A 1 88  ? -2.310  -9.136  -2.801  1.00 35.53 ? 88  PHE A N   1 
ATOM   518  C  CA  . PHE A 1 88  ? -0.960  -8.714  -2.421  1.00 37.42 ? 88  PHE A CA  1 
ATOM   519  C  C   . PHE A 1 88  ? 0.002   -9.365  -3.403  1.00 37.47 ? 88  PHE A C   1 
ATOM   520  O  O   . PHE A 1 88  ? -0.146  -10.565 -3.719  1.00 36.98 ? 88  PHE A O   1 
ATOM   521  C  CB  . PHE A 1 88  ? -0.585  -9.213  -1.006  1.00 37.58 ? 88  PHE A CB  1 
ATOM   522  C  CG  . PHE A 1 88  ? -1.673  -9.026  0.031   1.00 40.10 ? 88  PHE A CG  1 
ATOM   523  C  CD1 . PHE A 1 88  ? -1.743  -7.848  0.780   1.00 43.80 ? 88  PHE A CD1 1 
ATOM   524  C  CD2 . PHE A 1 88  ? -2.578  -10.031 0.289   1.00 40.47 ? 88  PHE A CD2 1 
ATOM   525  C  CE1 . PHE A 1 88  ? -2.723  -7.664  1.786   1.00 39.77 ? 88  PHE A CE1 1 
ATOM   526  C  CE2 . PHE A 1 88  ? -3.590  -9.839  1.267   1.00 43.62 ? 88  PHE A CE2 1 
ATOM   527  C  CZ  . PHE A 1 88  ? -3.654  -8.621  1.986   1.00 38.29 ? 88  PHE A CZ  1 
ATOM   528  N  N   . ASN A 1 89  ? 0.980   -8.604  -3.884  1.00 36.67 ? 89  ASN A N   1 
ATOM   529  C  CA  . ASN A 1 89  ? 1.924   -9.164  -4.885  1.00 36.71 ? 89  ASN A CA  1 
ATOM   530  C  C   . ASN A 1 89  ? 3.224   -8.353  -4.933  1.00 36.73 ? 89  ASN A C   1 
ATOM   531  O  O   . ASN A 1 89  ? 3.357   -7.340  -4.207  1.00 35.94 ? 89  ASN A O   1 
ATOM   532  C  CB  . ASN A 1 89  ? 1.286   -9.294  -6.294  1.00 35.73 ? 89  ASN A CB  1 
ATOM   533  C  CG  . ASN A 1 89  ? 1.825   -10.508 -7.077  1.00 36.35 ? 89  ASN A CG  1 
ATOM   534  O  OD1 . ASN A 1 89  ? 2.888   -11.052 -6.746  1.00 35.74 ? 89  ASN A OD1 1 
ATOM   535  N  ND2 . ASN A 1 89  ? 1.098   -10.928 -8.099  1.00 33.73 ? 89  ASN A ND2 1 
ATOM   536  N  N   . THR A 1 90  ? 4.172   -8.837  -5.745  1.00 35.04 ? 90  THR A N   1 
ATOM   537  C  CA  . THR A 1 90  ? 5.473   -8.231  -5.948  1.00 33.65 ? 90  THR A CA  1 
ATOM   538  C  C   . THR A 1 90  ? 5.673   -8.255  -7.453  1.00 35.21 ? 90  THR A C   1 
ATOM   539  O  O   . THR A 1 90  ? 5.354   -9.260  -8.095  1.00 34.54 ? 90  THR A O   1 
ATOM   540  C  CB  . THR A 1 90  ? 6.602   -9.055  -5.220  1.00 34.39 ? 90  THR A CB  1 
ATOM   541  O  OG1 . THR A 1 90  ? 6.476   -8.885  -3.793  1.00 35.08 ? 90  THR A OG1 1 
ATOM   542  C  CG2 . THR A 1 90  ? 8.017   -8.607  -5.659  1.00 31.76 ? 90  THR A CG2 1 
ATOM   543  N  N   . MET A 1 91  ? 6.173   -7.153  -8.012  1.00 34.35 ? 91  MET A N   1 
ATOM   544  C  CA  . MET A 1 91  ? 6.588   -7.125  -9.403  1.00 36.64 ? 91  MET A CA  1 
ATOM   545  C  C   . MET A 1 91  ? 8.123   -7.089  -9.416  1.00 37.08 ? 91  MET A C   1 
ATOM   546  O  O   . MET A 1 91  ? 8.745   -6.194  -8.805  1.00 36.90 ? 91  MET A O   1 
ATOM   547  C  CB  . MET A 1 91  ? 6.049   -5.888  -10.103 1.00 35.59 ? 91  MET A CB  1 
ATOM   548  C  CG  . MET A 1 91  ? 6.688   -5.698  -11.487 1.00 36.95 ? 91  MET A CG  1 
ATOM   549  S  SD  . MET A 1 91  ? 5.791   -4.577  -12.571 1.00 41.18 ? 91  MET A SD  1 
ATOM   550  C  CE  . MET A 1 91  ? 4.428   -5.617  -12.974 1.00 42.37 ? 91  MET A CE  1 
ATOM   551  N  N   . GLN A 1 92  ? 8.735   -8.070  -10.083 1.00 36.94 ? 92  GLN A N   1 
ATOM   552  C  CA  . GLN A 1 92  ? 10.192  -8.170  -10.113 1.00 36.48 ? 92  GLN A CA  1 
ATOM   553  C  C   . GLN A 1 92  ? 10.622  -8.425  -11.537 1.00 36.71 ? 92  GLN A C   1 
ATOM   554  O  O   . GLN A 1 92  ? 10.077  -9.314  -12.248 1.00 35.33 ? 92  GLN A O   1 
ATOM   555  C  CB  . GLN A 1 92  ? 10.731  -9.225  -9.124  1.00 36.44 ? 92  GLN A CB  1 
ATOM   556  C  CG  . GLN A 1 92  ? 12.225  -9.559  -9.292  1.00 36.92 ? 92  GLN A CG  1 
ATOM   557  C  CD  . GLN A 1 92  ? 12.727  -10.504 -8.205  1.00 38.51 ? 92  GLN A CD  1 
ATOM   558  O  OE1 . GLN A 1 92  ? 12.205  -10.526 -7.078  1.00 40.44 ? 92  GLN A OE1 1 
ATOM   559  N  NE2 . GLN A 1 92  ? 13.717  -11.304 -8.541  1.00 36.79 ? 92  GLN A NE2 1 
ATOM   560  N  N   . SER A 1 93  ? 11.644  -7.660  -11.927 1.00 36.69 ? 93  SER A N   1 
ATOM   561  C  CA  A SER A 1 93  ? 12.105  -7.591  -13.308 0.50 37.25 ? 93  SER A CA  1 
ATOM   562  C  CA  B SER A 1 93  ? 12.104  -7.622  -13.303 0.50 36.28 ? 93  SER A CA  1 
ATOM   563  C  C   . SER A 1 93  ? 10.906  -7.491  -14.257 1.00 36.90 ? 93  SER A C   1 
ATOM   564  O  O   . SER A 1 93  ? 10.846  -8.126  -15.327 1.00 36.31 ? 93  SER A O   1 
ATOM   565  C  CB  A SER A 1 93  ? 13.035  -8.756  -13.648 0.50 37.69 ? 93  SER A CB  1 
ATOM   566  C  CB  B SER A 1 93  ? 12.993  -8.830  -13.609 0.50 36.57 ? 93  SER A CB  1 
ATOM   567  O  OG  A SER A 1 93  ? 12.369  -9.986  -13.493 0.50 40.32 ? 93  SER A OG  1 
ATOM   568  O  OG  B SER A 1 93  ? 14.157  -8.807  -12.795 0.50 33.38 ? 93  SER A OG  1 
ATOM   569  N  N   . GLY A 1 94  ? 9.936   -6.672  -13.852 1.00 37.32 ? 94  GLY A N   1 
ATOM   570  C  CA  . GLY A 1 94  ? 8.777   -6.361  -14.703 1.00 37.30 ? 94  GLY A CA  1 
ATOM   571  C  C   . GLY A 1 94  ? 7.658   -7.395  -14.677 1.00 37.75 ? 94  GLY A C   1 
ATOM   572  O  O   . GLY A 1 94  ? 6.712   -7.289  -15.463 1.00 37.05 ? 94  GLY A O   1 
ATOM   573  N  N   . GLN A 1 95  ? 7.741   -8.398  -13.798 1.00 35.76 ? 95  GLN A N   1 
ATOM   574  C  CA  . GLN A 1 95  ? 6.726   -9.469  -13.818 1.00 36.26 ? 95  GLN A CA  1 
ATOM   575  C  C   . GLN A 1 95  ? 6.102   -9.634  -12.442 1.00 35.79 ? 95  GLN A C   1 
ATOM   576  O  O   . GLN A 1 95  ? 6.841   -9.734  -11.463 1.00 34.59 ? 95  GLN A O   1 
ATOM   577  C  CB  . GLN A 1 95  ? 7.344   -10.807 -14.232 1.00 36.26 ? 95  GLN A CB  1 
ATOM   578  C  CG  . GLN A 1 95  ? 7.790   -10.874 -15.676 1.00 42.07 ? 95  GLN A CG  1 
ATOM   579  C  CD  . GLN A 1 95  ? 6.694   -11.382 -16.599 1.00 50.55 ? 95  GLN A CD  1 
ATOM   580  O  OE1 . GLN A 1 95  ? 6.698   -12.562 -16.972 1.00 55.86 ? 95  GLN A OE1 1 
ATOM   581  N  NE2 . GLN A 1 95  ? 5.745   -10.504 -16.979 1.00 51.42 ? 95  GLN A NE2 1 
ATOM   582  N  N   . TRP A 1 96  ? 4.762   -9.686  -12.392 1.00 35.31 ? 96  TRP A N   1 
ATOM   583  C  CA  . TRP A 1 96  ? 4.009   -10.006 -11.184 1.00 36.15 ? 96  TRP A CA  1 
ATOM   584  C  C   . TRP A 1 96  ? 4.285   -11.436 -10.751 1.00 35.73 ? 96  TRP A C   1 
ATOM   585  O  O   . TRP A 1 96  ? 4.309   -12.357 -11.585 1.00 33.31 ? 96  TRP A O   1 
ATOM   586  C  CB  . TRP A 1 96  ? 2.500   -9.854  -11.417 1.00 36.50 ? 96  TRP A CB  1 
ATOM   587  C  CG  . TRP A 1 96  ? 2.095   -8.440  -11.551 1.00 38.01 ? 96  TRP A CG  1 
ATOM   588  C  CD1 . TRP A 1 96  ? 1.595   -7.843  -12.661 1.00 37.48 ? 96  TRP A CD1 1 
ATOM   589  C  CD2 . TRP A 1 96  ? 2.230   -7.399  -10.555 1.00 36.89 ? 96  TRP A CD2 1 
ATOM   590  N  NE1 . TRP A 1 96  ? 1.361   -6.504  -12.419 1.00 37.50 ? 96  TRP A NE1 1 
ATOM   591  C  CE2 . TRP A 1 96  ? 1.727   -6.203  -11.140 1.00 38.17 ? 96  TRP A CE2 1 
ATOM   592  C  CE3 . TRP A 1 96  ? 2.648   -7.379  -9.219  1.00 36.58 ? 96  TRP A CE3 1 
ATOM   593  C  CZ2 . TRP A 1 96  ? 1.675   -4.983  -10.443 1.00 38.43 ? 96  TRP A CZ2 1 
ATOM   594  C  CZ3 . TRP A 1 96  ? 2.608   -6.174  -8.515  1.00 36.94 ? 96  TRP A CZ3 1 
ATOM   595  C  CH2 . TRP A 1 96  ? 2.136   -4.978  -9.143  1.00 36.93 ? 96  TRP A CH2 1 
ATOM   596  N  N   . GLY A 1 97  ? 4.458   -11.616 -9.441  1.00 36.68 ? 97  GLY A N   1 
ATOM   597  C  CA  . GLY A 1 97  ? 4.689   -12.952 -8.899  1.00 36.70 ? 97  GLY A CA  1 
ATOM   598  C  C   . GLY A 1 97  ? 3.386   -13.647 -8.586  1.00 38.01 ? 97  GLY A C   1 
ATOM   599  O  O   . GLY A 1 97  ? 2.339   -13.325 -9.179  1.00 37.75 ? 97  GLY A O   1 
ATOM   600  N  N   . LYS A 1 98  ? 3.449   -14.596 -7.651  1.00 38.16 ? 98  LYS A N   1 
ATOM   601  C  CA  . LYS A 1 98  ? 2.267   -15.337 -7.190  1.00 39.71 ? 98  LYS A CA  1 
ATOM   602  C  C   . LYS A 1 98  ? 1.442   -14.470 -6.261  1.00 38.81 ? 98  LYS A C   1 
ATOM   603  O  O   . LYS A 1 98  ? 1.935   -14.049 -5.226  1.00 38.81 ? 98  LYS A O   1 
ATOM   604  C  CB  . LYS A 1 98  ? 2.683   -16.594 -6.424  1.00 39.38 ? 98  LYS A CB  1 
ATOM   605  C  CG  . LYS A 1 98  ? 3.399   -17.659 -7.255  1.00 44.89 ? 98  LYS A CG  1 
ATOM   606  C  CD  . LYS A 1 98  ? 4.141   -18.603 -6.287  1.00 51.19 ? 98  LYS A CD  1 
ATOM   607  C  CE  . LYS A 1 98  ? 4.852   -19.749 -6.995  1.00 55.49 ? 98  LYS A CE  1 
ATOM   608  N  NZ  . LYS A 1 98  ? 5.804   -20.394 -5.986  1.00 59.62 ? 98  LYS A NZ  1 
ATOM   609  N  N   . GLU A 1 99  ? 0.198   -14.189 -6.631  1.00 39.25 ? 99  GLU A N   1 
ATOM   610  C  CA  . GLU A 1 99  ? -0.678  -13.330 -5.807  1.00 40.24 ? 99  GLU A CA  1 
ATOM   611  C  C   . GLU A 1 99  ? -0.965  -14.068 -4.530  1.00 39.55 ? 99  GLU A C   1 
ATOM   612  O  O   . GLU A 1 99  ? -1.180  -15.280 -4.553  1.00 40.32 ? 99  GLU A O   1 
ATOM   613  C  CB  . GLU A 1 99  ? -2.043  -13.091 -6.481  1.00 39.75 ? 99  GLU A CB  1 
ATOM   614  C  CG  . GLU A 1 99  ? -1.952  -12.244 -7.682  1.00 40.98 ? 99  GLU A CG  1 
ATOM   615  C  CD  . GLU A 1 99  ? -3.313  -11.850 -8.284  1.00 41.92 ? 99  GLU A CD  1 
ATOM   616  O  OE1 . GLU A 1 99  ? -4.374  -12.456 -7.970  1.00 42.20 ? 99  GLU A OE1 1 
ATOM   617  O  OE2 . GLU A 1 99  ? -3.293  -10.914 -9.095  1.00 43.21 ? 99  GLU A OE2 1 
ATOM   618  N  N   . GLU A 1 100 ? -0.961  -13.323 -3.443  1.00 38.65 ? 100 GLU A N   1 
ATOM   619  C  CA  . GLU A 1 100 ? -1.577  -13.725 -2.207  1.00 38.31 ? 100 GLU A CA  1 
ATOM   620  C  C   . GLU A 1 100 ? -2.886  -12.962 -2.149  1.00 38.76 ? 100 GLU A C   1 
ATOM   621  O  O   . GLU A 1 100 ? -3.034  -11.897 -2.758  1.00 37.32 ? 100 GLU A O   1 
ATOM   622  C  CB  . GLU A 1 100 ? -0.640  -13.403 -1.014  1.00 37.86 ? 100 GLU A CB  1 
ATOM   623  C  CG  . GLU A 1 100 ? 0.599   -14.384 -0.972  1.00 36.06 ? 100 GLU A CG  1 
ATOM   624  C  CD  . GLU A 1 100 ? 1.665   -13.939 0.030   1.00 40.76 ? 100 GLU A CD  1 
ATOM   625  O  OE1 . GLU A 1 100 ? 1.305   -13.542 1.164   1.00 41.99 ? 100 GLU A OE1 1 
ATOM   626  O  OE2 . GLU A 1 100 ? 2.874   -13.973 -0.306  1.00 44.74 ? 100 GLU A OE2 1 
ATOM   627  N  N   . LYS A 1 101 ? -3.868  -13.527 -1.482  1.00 39.35 ? 101 LYS A N   1 
ATOM   628  C  CA  . LYS A 1 101 ? -5.089  -12.761 -1.285  1.00 42.31 ? 101 LYS A CA  1 
ATOM   629  C  C   . LYS A 1 101 ? -5.736  -13.110 0.032   1.00 41.30 ? 101 LYS A C   1 
ATOM   630  O  O   . LYS A 1 101 ? -5.556  -14.185 0.561   1.00 41.72 ? 101 LYS A O   1 
ATOM   631  C  CB  . LYS A 1 101 ? -6.079  -12.951 -2.439  1.00 41.88 ? 101 LYS A CB  1 
ATOM   632  C  CG  . LYS A 1 101 ? -6.523  -14.336 -2.649  1.00 46.82 ? 101 LYS A CG  1 
ATOM   633  C  CD  . LYS A 1 101 ? -7.779  -14.317 -3.562  1.00 55.21 ? 101 LYS A CD  1 
ATOM   634  C  CE  . LYS A 1 101 ? -8.198  -15.730 -3.974  1.00 59.57 ? 101 LYS A CE  1 
ATOM   635  N  NZ  . LYS A 1 101 ? -9.057  -15.742 -5.218  1.00 62.84 ? 101 LYS A NZ  1 
ATOM   636  N  N   . LYS A 1 102 ? -6.480  -12.153 0.551   1.00 40.69 ? 102 LYS A N   1 
ATOM   637  C  CA  . LYS A 1 102 ? -7.314  -12.410 1.699   1.00 39.85 ? 102 LYS A CA  1 
ATOM   638  C  C   . LYS A 1 102 ? -8.728  -12.030 1.303   1.00 39.60 ? 102 LYS A C   1 
ATOM   639  O  O   . LYS A 1 102 ? -8.957  -10.893 0.918   1.00 38.79 ? 102 LYS A O   1 
ATOM   640  C  CB  . LYS A 1 102 ? -6.829  -11.558 2.880   1.00 38.71 ? 102 LYS A CB  1 
ATOM   641  C  CG  . LYS A 1 102 ? -7.715  -11.770 4.140   1.00 41.47 ? 102 LYS A CG  1 
ATOM   642  C  CD  . LYS A 1 102 ? -7.003  -11.224 5.372   1.00 40.23 ? 102 LYS A CD  1 
ATOM   643  C  CE  . LYS A 1 102 ? -7.956  -11.316 6.599   1.00 43.28 ? 102 LYS A CE  1 
ATOM   644  N  NZ  . LYS A 1 102 ? -7.236  -11.087 7.898   1.00 43.03 ? 102 LYS A NZ  1 
ATOM   645  N  N   . LYS A 1 103 ? -9.660  -12.959 1.424   1.00 40.24 ? 103 LYS A N   1 
ATOM   646  C  CA  . LYS A 1 103 ? -11.025 -12.723 0.982   1.00 42.37 ? 103 LYS A CA  1 
ATOM   647  C  C   . LYS A 1 103 ? -11.823 -12.021 2.061   1.00 41.41 ? 103 LYS A C   1 
ATOM   648  O  O   . LYS A 1 103 ? -12.866 -12.499 2.520   1.00 40.82 ? 103 LYS A O   1 
ATOM   649  C  CB  . LYS A 1 103 ? -11.709 -14.011 0.509   1.00 42.06 ? 103 LYS A CB  1 
ATOM   650  C  CG  . LYS A 1 103 ? -11.232 -14.514 -0.858  1.00 45.74 ? 103 LYS A CG  1 
ATOM   651  C  CD  . LYS A 1 103 ? -12.016 -15.756 -1.278  1.00 44.49 ? 103 LYS A CD  1 
ATOM   652  C  CE  . LYS A 1 103 ? -12.140 -15.875 -2.806  1.00 50.31 ? 103 LYS A CE  1 
ATOM   653  N  NZ  . LYS A 1 103 ? -12.807 -17.170 -3.276  1.00 49.06 ? 103 LYS A NZ  1 
ATOM   654  N  N   . SER A 1 104 ? -11.337 -10.844 2.413   1.00 41.96 ? 104 SER A N   1 
ATOM   655  C  CA  . SER A 1 104 ? -11.961 -10.004 3.431   1.00 42.77 ? 104 SER A CA  1 
ATOM   656  C  C   . SER A 1 104 ? -11.729 -8.557  3.007   1.00 41.98 ? 104 SER A C   1 
ATOM   657  O  O   . SER A 1 104 ? -10.692 -8.234  2.450   1.00 41.66 ? 104 SER A O   1 
ATOM   658  C  CB  . SER A 1 104 ? -11.321 -10.315 4.785   1.00 43.34 ? 104 SER A CB  1 
ATOM   659  O  OG  . SER A 1 104 ? -11.881 -9.515  5.799   1.00 48.00 ? 104 SER A OG  1 
ATOM   660  N  N   . MET A 1 105 ? -12.710 -7.689  3.210   1.00 41.95 ? 105 MET A N   1 
ATOM   661  C  CA  . MET A 1 105 ? -12.576 -6.304  2.753   1.00 40.98 ? 105 MET A CA  1 
ATOM   662  C  C   . MET A 1 105 ? -12.622 -5.344  3.953   1.00 40.22 ? 105 MET A C   1 
ATOM   663  O  O   . MET A 1 105 ? -13.666 -5.163  4.559   1.00 39.34 ? 105 MET A O   1 
ATOM   664  C  CB  . MET A 1 105 ? -13.660 -5.993  1.708   1.00 41.20 ? 105 MET A CB  1 
ATOM   665  C  CG  . MET A 1 105 ? -13.760 -4.543  1.291   1.00 40.90 ? 105 MET A CG  1 
ATOM   666  S  SD  . MET A 1 105 ? -12.227 -3.850  0.655   1.00 40.20 ? 105 MET A SD  1 
ATOM   667  C  CE  . MET A 1 105 ? -12.208 -4.569  -0.974  1.00 43.95 ? 105 MET A CE  1 
ATOM   668  N  N   . PRO A 1 106 ? -11.472 -4.783  4.349   1.00 39.95 ? 106 PRO A N   1 
ATOM   669  C  CA  . PRO A 1 106 ? -11.538 -3.896  5.526   1.00 40.56 ? 106 PRO A CA  1 
ATOM   670  C  C   . PRO A 1 106 ? -11.888 -2.426  5.219   1.00 40.50 ? 106 PRO A C   1 
ATOM   671  O  O   . PRO A 1 106 ? -11.956 -1.590  6.133   1.00 40.54 ? 106 PRO A O   1 
ATOM   672  C  CB  . PRO A 1 106 ? -10.124 -3.984  6.080   1.00 39.82 ? 106 PRO A CB  1 
ATOM   673  C  CG  . PRO A 1 106 ? -9.274  -4.117  4.823   1.00 39.40 ? 106 PRO A CG  1 
ATOM   674  C  CD  . PRO A 1 106 ? -10.085 -4.966  3.881   1.00 40.25 ? 106 PRO A CD  1 
ATOM   675  N  N   . PHE A 1 107 ? -12.101 -2.112  3.946   1.00 39.95 ? 107 PHE A N   1 
ATOM   676  C  CA  . PHE A 1 107 ? -12.448 -0.760  3.577   1.00 39.56 ? 107 PHE A CA  1 
ATOM   677  C  C   . PHE A 1 107 ? -13.936 -0.751  3.300   1.00 39.91 ? 107 PHE A C   1 
ATOM   678  O  O   . PHE A 1 107 ? -14.562 -1.799  3.137   1.00 40.35 ? 107 PHE A O   1 
ATOM   679  C  CB  . PHE A 1 107 ? -11.656 -0.311  2.344   1.00 38.76 ? 107 PHE A CB  1 
ATOM   680  C  CG  . PHE A 1 107 ? -10.182 -0.328  2.553   1.00 38.47 ? 107 PHE A CG  1 
ATOM   681  C  CD1 . PHE A 1 107 ? -9.550  0.710   3.249   1.00 35.44 ? 107 PHE A CD1 1 
ATOM   682  C  CD2 . PHE A 1 107 ? -9.425  -1.379  2.071   1.00 36.14 ? 107 PHE A CD2 1 
ATOM   683  C  CE1 . PHE A 1 107 ? -8.178  0.677   3.469   1.00 39.14 ? 107 PHE A CE1 1 
ATOM   684  C  CE2 . PHE A 1 107 ? -8.071  -1.415  2.257   1.00 38.06 ? 107 PHE A CE2 1 
ATOM   685  C  CZ  . PHE A 1 107 ? -7.433  -0.377  2.963   1.00 37.35 ? 107 PHE A CZ  1 
ATOM   686  N  N   . GLN A 1 108 ? -14.528 0.435   3.299   1.00 40.61 ? 108 GLN A N   1 
ATOM   687  C  CA  A GLN A 1 108 ? -15.900 0.542   2.863   0.50 40.54 ? 108 GLN A CA  1 
ATOM   688  C  CA  B GLN A 1 108 ? -15.968 0.595   2.914   0.50 40.54 ? 108 GLN A CA  1 
ATOM   689  C  C   . GLN A 1 108 ? -16.116 1.777   2.026   1.00 38.52 ? 108 GLN A C   1 
ATOM   690  O  O   . GLN A 1 108 ? -15.642 2.855   2.359   1.00 36.89 ? 108 GLN A O   1 
ATOM   691  C  CB  A GLN A 1 108 ? -16.892 0.452   4.032   0.50 43.03 ? 108 GLN A CB  1 
ATOM   692  C  CB  B GLN A 1 108 ? -16.960 0.505   4.082   0.50 43.03 ? 108 GLN A CB  1 
ATOM   693  C  CG  A GLN A 1 108 ? -16.552 1.265   5.273   0.50 49.90 ? 108 GLN A CG  1 
ATOM   694  C  CG  B GLN A 1 108 ? -18.438 0.592   3.723   0.50 49.90 ? 108 GLN A CG  1 
ATOM   695  C  CD  A GLN A 1 108 ? -15.634 0.587   6.296   0.50 57.11 ? 108 GLN A CD  1 
ATOM   696  C  CD  B GLN A 1 108 ? -19.426 0.437   4.884   0.50 57.11 ? 108 GLN A CD  1 
ATOM   697  O  OE1 A GLN A 1 108 ? -15.297 -0.606  6.196   0.50 62.54 ? 108 GLN A OE1 1 
ATOM   698  O  OE1 B GLN A 1 108 ? -19.050 0.270   6.058   0.50 62.54 ? 108 GLN A OE1 1 
ATOM   699  N  NE2 A GLN A 1 108 ? -15.220 1.367   7.304   0.50 58.10 ? 108 GLN A NE2 1 
ATOM   700  N  NE2 B GLN A 1 108 ? -20.722 0.497   4.549   0.50 58.10 ? 108 GLN A NE2 1 
ATOM   701  N  N   . LYS A 1 109 ? -16.857 1.583   0.937   1.00 37.36 ? 109 LYS A N   1 
ATOM   702  C  CA  . LYS A 1 109 ? -17.194 2.635   -0.035  1.00 35.89 ? 109 LYS A CA  1 
ATOM   703  C  C   . LYS A 1 109 ? -17.696 3.881   0.649   1.00 35.16 ? 109 LYS A C   1 
ATOM   704  O  O   . LYS A 1 109 ? -18.700 3.840   1.372   1.00 35.62 ? 109 LYS A O   1 
ATOM   705  C  CB  . LYS A 1 109 ? -18.226 2.102   -1.027  1.00 35.42 ? 109 LYS A CB  1 
ATOM   706  C  CG  . LYS A 1 109 ? -17.646 0.961   -1.846  1.00 33.85 ? 109 LYS A CG  1 
ATOM   707  C  CD  . LYS A 1 109 ? -18.569 0.596   -3.002  1.00 31.44 ? 109 LYS A CD  1 
ATOM   708  C  CE  . LYS A 1 109 ? -17.997 -0.666  -3.722  1.00 29.12 ? 109 LYS A CE  1 
ATOM   709  N  NZ  . LYS A 1 109 ? -18.896 -1.020  -4.861  1.00 27.99 ? 109 LYS A NZ  1 
ATOM   710  N  N   . GLY A 1 110 ? -16.995 4.998   0.436   1.00 34.65 ? 110 GLY A N   1 
ATOM   711  C  CA  . GLY A 1 110 ? -17.467 6.306   0.914   1.00 33.68 ? 110 GLY A CA  1 
ATOM   712  C  C   . GLY A 1 110 ? -16.926 6.617   2.295   1.00 34.37 ? 110 GLY A C   1 
ATOM   713  O  O   . GLY A 1 110 ? -17.103 7.718   2.789   1.00 34.45 ? 110 GLY A O   1 
ATOM   714  N  N   . LYS A 1 111 ? -16.231 5.647   2.912   1.00 35.99 ? 111 LYS A N   1 
ATOM   715  C  CA  . LYS A 1 111 ? -15.722 5.811   4.293   1.00 36.10 ? 111 LYS A CA  1 
ATOM   716  C  C   . LYS A 1 111 ? -14.235 6.125   4.408   1.00 35.79 ? 111 LYS A C   1 
ATOM   717  O  O   . LYS A 1 111 ? -13.401 5.634   3.615   1.00 35.64 ? 111 LYS A O   1 
ATOM   718  C  CB  . LYS A 1 111 ? -16.056 4.581   5.177   1.00 37.38 ? 111 LYS A CB  1 
ATOM   719  C  CG  . LYS A 1 111 ? -17.572 4.204   5.188   1.00 35.85 ? 111 LYS A CG  1 
ATOM   720  C  CD  . LYS A 1 111 ? -18.416 5.220   5.921   1.00 42.11 ? 111 LYS A CD  1 
ATOM   721  C  CE  . LYS A 1 111 ? -19.915 4.883   5.840   1.00 42.97 ? 111 LYS A CE  1 
ATOM   722  N  NZ  . LYS A 1 111 ? -20.779 6.057   6.177   1.00 45.66 ? 111 LYS A NZ  1 
ATOM   723  N  N   . HIS A 1 112 ? -13.930 6.920   5.441   1.00 35.04 ? 112 HIS A N   1 
ATOM   724  C  CA  A HIS A 1 112 ? -12.570 7.280   5.820   0.50 35.77 ? 112 HIS A CA  1 
ATOM   725  C  CA  B HIS A 1 112 ? -12.565 7.263   5.759   0.50 35.53 ? 112 HIS A CA  1 
ATOM   726  C  C   . HIS A 1 112 ? -11.874 6.047   6.368   1.00 35.97 ? 112 HIS A C   1 
ATOM   727  O  O   . HIS A 1 112 ? -12.500 5.208   7.028   1.00 36.55 ? 112 HIS A O   1 
ATOM   728  C  CB  A HIS A 1 112 ? -12.560 8.406   6.880   0.50 35.84 ? 112 HIS A CB  1 
ATOM   729  C  CB  B HIS A 1 112 ? -12.504 8.489   6.687   0.50 35.39 ? 112 HIS A CB  1 
ATOM   730  C  CG  A HIS A 1 112 ? -11.207 8.666   7.475   0.50 37.29 ? 112 HIS A CG  1 
ATOM   731  C  CG  B HIS A 1 112 ? -13.085 9.734   6.082   0.50 35.92 ? 112 HIS A CG  1 
ATOM   732  N  ND1 A HIS A 1 112 ? -10.801 8.118   8.676   0.50 39.73 ? 112 HIS A ND1 1 
ATOM   733  N  ND1 B HIS A 1 112 ? -12.500 10.396  5.024   0.50 36.40 ? 112 HIS A ND1 1 
ATOM   734  C  CD2 A HIS A 1 112 ? -10.151 9.381   7.016   0.50 39.30 ? 112 HIS A CD2 1 
ATOM   735  C  CD2 B HIS A 1 112 ? -14.203 10.437  6.388   0.50 35.90 ? 112 HIS A CD2 1 
ATOM   736  C  CE1 A HIS A 1 112 ? -9.563  8.498   8.937   0.50 38.57 ? 112 HIS A CE1 1 
ATOM   737  C  CE1 B HIS A 1 112 ? -13.227 11.450  4.703   0.50 35.67 ? 112 HIS A CE1 1 
ATOM   738  N  NE2 A HIS A 1 112 ? -9.139  9.252   7.939   0.50 38.35 ? 112 HIS A NE2 1 
ATOM   739  N  NE2 B HIS A 1 112 ? -14.264 11.499  5.518   0.50 35.41 ? 112 HIS A NE2 1 
ATOM   740  N  N   . PHE A 1 113 ? -10.592 5.915   6.088   1.00 35.74 ? 113 PHE A N   1 
ATOM   741  C  CA  . PHE A 1 113 ? -9.850  4.820   6.659   1.00 34.99 ? 113 PHE A CA  1 
ATOM   742  C  C   . PHE A 1 113 ? -8.484  5.277   7.194   1.00 35.37 ? 113 PHE A C   1 
ATOM   743  O  O   . PHE A 1 113 ? -7.949  6.323   6.776   1.00 34.18 ? 113 PHE A O   1 
ATOM   744  C  CB  . PHE A 1 113 ? -9.653  3.683   5.632   1.00 35.71 ? 113 PHE A CB  1 
ATOM   745  C  CG  . PHE A 1 113 ? -8.853  4.078   4.415   1.00 34.83 ? 113 PHE A CG  1 
ATOM   746  C  CD1 . PHE A 1 113 ? -9.505  4.378   3.222   1.00 36.07 ? 113 PHE A CD1 1 
ATOM   747  C  CD2 . PHE A 1 113 ? -7.447  4.101   4.452   1.00 34.69 ? 113 PHE A CD2 1 
ATOM   748  C  CE1 . PHE A 1 113 ? -8.761  4.733   2.066   1.00 36.44 ? 113 PHE A CE1 1 
ATOM   749  C  CE2 . PHE A 1 113 ? -6.691  4.437   3.333   1.00 36.10 ? 113 PHE A CE2 1 
ATOM   750  C  CZ  . PHE A 1 113 ? -7.355  4.781   2.123   1.00 36.81 ? 113 PHE A CZ  1 
ATOM   751  N  N   . GLU A 1 114 ? -7.920  4.443   8.081   1.00 35.66 ? 114 GLU A N   1 
ATOM   752  C  CA  . GLU A 1 114 ? -6.540  4.556   8.529   1.00 37.07 ? 114 GLU A CA  1 
ATOM   753  C  C   . GLU A 1 114 ? -5.804  3.269   8.157   1.00 36.84 ? 114 GLU A C   1 
ATOM   754  O  O   . GLU A 1 114 ? -6.190  2.196   8.587   1.00 37.45 ? 114 GLU A O   1 
ATOM   755  C  CB  . GLU A 1 114 ? -6.487  4.795   10.029  1.00 37.72 ? 114 GLU A CB  1 
ATOM   756  C  CG  . GLU A 1 114 ? -6.953  6.167   10.394  1.00 41.11 ? 114 GLU A CG  1 
ATOM   757  C  CD  . GLU A 1 114 ? -6.870  6.440   11.875  1.00 49.66 ? 114 GLU A CD  1 
ATOM   758  O  OE1 . GLU A 1 114 ? -7.714  5.874   12.608  1.00 53.08 ? 114 GLU A OE1 1 
ATOM   759  O  OE2 . GLU A 1 114 ? -5.983  7.235   12.303  1.00 51.57 ? 114 GLU A OE2 1 
ATOM   760  N  N   . LEU A 1 115 ? -4.775  3.394   7.328   1.00 36.05 ? 115 LEU A N   1 
ATOM   761  C  CA  . LEU A 1 115 ? -4.069  2.249   6.802   1.00 36.80 ? 115 LEU A CA  1 
ATOM   762  C  C   . LEU A 1 115 ? -2.602  2.321   7.253   1.00 36.90 ? 115 LEU A C   1 
ATOM   763  O  O   . LEU A 1 115 ? -1.889  3.273   6.914   1.00 36.17 ? 115 LEU A O   1 
ATOM   764  C  CB  . LEU A 1 115 ? -4.208  2.236   5.264   1.00 36.32 ? 115 LEU A CB  1 
ATOM   765  C  CG  . LEU A 1 115 ? -3.383  1.223   4.455   1.00 38.32 ? 115 LEU A CG  1 
ATOM   766  C  CD1 . LEU A 1 115 ? -3.639  -0.247  4.914   1.00 37.16 ? 115 LEU A CD1 1 
ATOM   767  C  CD2 . LEU A 1 115 ? -3.682  1.437   2.946   1.00 38.01 ? 115 LEU A CD2 1 
ATOM   768  N  N   . VAL A 1 116 ? -2.160  1.319   8.016   1.00 35.99 ? 116 VAL A N   1 
ATOM   769  C  CA  . VAL A 1 116 ? -0.814  1.332   8.549   1.00 36.55 ? 116 VAL A CA  1 
ATOM   770  C  C   . VAL A 1 116 ? -0.010  0.113   8.065   1.00 37.19 ? 116 VAL A C   1 
ATOM   771  O  O   . VAL A 1 116 ? -0.518  -1.019  8.109   1.00 38.14 ? 116 VAL A O   1 
ATOM   772  C  CB  . VAL A 1 116 ? -0.840  1.402   10.094  1.00 35.87 ? 116 VAL A CB  1 
ATOM   773  C  CG1 . VAL A 1 116 ? 0.561   1.251   10.657  1.00 35.36 ? 116 VAL A CG1 1 
ATOM   774  C  CG2 . VAL A 1 116 ? -1.468  2.708   10.583  1.00 34.31 ? 116 VAL A CG2 1 
ATOM   775  N  N   . PHE A 1 117 ? 1.221   0.361   7.593   1.00 36.78 ? 117 PHE A N   1 
ATOM   776  C  CA  . PHE A 1 117 ? 2.156   -0.692  7.240   1.00 36.70 ? 117 PHE A CA  1 
ATOM   777  C  C   . PHE A 1 117 ? 3.313   -0.609  8.183   1.00 36.99 ? 117 PHE A C   1 
ATOM   778  O  O   . PHE A 1 117 ? 3.879   0.467   8.328   1.00 38.15 ? 117 PHE A O   1 
ATOM   779  C  CB  . PHE A 1 117 ? 2.694   -0.474  5.829   1.00 37.46 ? 117 PHE A CB  1 
ATOM   780  C  CG  . PHE A 1 117 ? 1.630   -0.470  4.777   1.00 38.44 ? 117 PHE A CG  1 
ATOM   781  C  CD1 . PHE A 1 117 ? 1.204   -1.677  4.217   1.00 38.61 ? 117 PHE A CD1 1 
ATOM   782  C  CD2 . PHE A 1 117 ? 1.037   0.755   4.348   1.00 39.42 ? 117 PHE A CD2 1 
ATOM   783  C  CE1 . PHE A 1 117 ? 0.205   -1.702  3.202   1.00 40.76 ? 117 PHE A CE1 1 
ATOM   784  C  CE2 . PHE A 1 117 ? 0.055   0.733   3.346   1.00 40.28 ? 117 PHE A CE2 1 
ATOM   785  C  CZ  . PHE A 1 117 ? -0.356  -0.512  2.772   1.00 37.92 ? 117 PHE A CZ  1 
ATOM   786  N  N   . MET A 1 118 ? 3.663   -1.716  8.833   1.00 35.52 ? 118 MET A N   1 
ATOM   787  C  CA  . MET A 1 118 ? 4.817   -1.747  9.724   1.00 37.16 ? 118 MET A CA  1 
ATOM   788  C  C   . MET A 1 118 ? 5.850   -2.661  9.082   1.00 37.66 ? 118 MET A C   1 
ATOM   789  O  O   . MET A 1 118 ? 5.496   -3.735  8.610   1.00 37.69 ? 118 MET A O   1 
ATOM   790  C  CB  . MET A 1 118 ? 4.423   -2.339  11.057  1.00 36.57 ? 118 MET A CB  1 
ATOM   791  C  CG  . MET A 1 118 ? 3.733   -1.334  11.945  1.00 39.00 ? 118 MET A CG  1 
ATOM   792  S  SD  . MET A 1 118 ? 3.058   -1.915  13.540  1.00 39.54 ? 118 MET A SD  1 
ATOM   793  C  CE  . MET A 1 118 ? 1.694   -2.846  12.897  1.00 40.27 ? 118 MET A CE  1 
ATOM   794  N  N   . VAL A 1 119 ? 7.102   -2.232  9.017   1.00 37.44 ? 119 VAL A N   1 
ATOM   795  C  CA  . VAL A 1 119 ? 8.109   -3.053  8.296   1.00 36.38 ? 119 VAL A CA  1 
ATOM   796  C  C   . VAL A 1 119 ? 8.822   -3.848  9.373   1.00 36.40 ? 119 VAL A C   1 
ATOM   797  O  O   . VAL A 1 119 ? 9.627   -3.313  10.152  1.00 36.40 ? 119 VAL A O   1 
ATOM   798  C  CB  . VAL A 1 119 ? 9.145   -2.237  7.446   1.00 36.87 ? 119 VAL A CB  1 
ATOM   799  C  CG1 . VAL A 1 119 ? 10.028  -3.178  6.613   1.00 36.64 ? 119 VAL A CG1 1 
ATOM   800  C  CG2 . VAL A 1 119 ? 8.416   -1.216  6.470   1.00 35.82 ? 119 VAL A CG2 1 
ATOM   801  N  N   . MET A 1 120 ? 8.481   -5.126  9.440   1.00 36.68 ? 120 MET A N   1 
ATOM   802  C  CA  . MET A 1 120 ? 9.187   -6.018  10.355  1.00 35.95 ? 120 MET A CA  1 
ATOM   803  C  C   . MET A 1 120 ? 10.280  -6.798  9.612   1.00 34.87 ? 120 MET A C   1 
ATOM   804  O  O   . MET A 1 120 ? 10.332  -6.792  8.386   1.00 34.81 ? 120 MET A O   1 
ATOM   805  C  CB  . MET A 1 120 ? 8.162   -6.912  11.046  1.00 36.81 ? 120 MET A CB  1 
ATOM   806  C  CG  . MET A 1 120 ? 7.021   -6.005  11.783  1.00 36.74 ? 120 MET A CG  1 
ATOM   807  S  SD  . MET A 1 120 ? 5.688   -6.987  12.375  1.00 44.35 ? 120 MET A SD  1 
ATOM   808  C  CE  . MET A 1 120 ? 4.817   -5.718  13.375  1.00 36.32 ? 120 MET A CE  1 
ATOM   809  N  N   . PRO A 1 121 ? 11.174  -7.455  10.362  1.00 34.44 ? 121 PRO A N   1 
ATOM   810  C  CA  . PRO A 1 121 ? 12.243  -8.237  9.705   1.00 34.85 ? 121 PRO A CA  1 
ATOM   811  C  C   . PRO A 1 121 ? 11.693  -9.281  8.723   1.00 35.35 ? 121 PRO A C   1 
ATOM   812  O  O   . PRO A 1 121 ? 12.243  -9.405  7.654   1.00 35.74 ? 121 PRO A O   1 
ATOM   813  C  CB  . PRO A 1 121 ? 13.034  -8.859  10.892  1.00 34.38 ? 121 PRO A CB  1 
ATOM   814  C  CG  . PRO A 1 121 ? 12.776  -7.875  12.056  1.00 32.50 ? 121 PRO A CG  1 
ATOM   815  C  CD  . PRO A 1 121 ? 11.278  -7.468  11.837  1.00 32.90 ? 121 PRO A CD  1 
ATOM   816  N  N   . GLU A 1 122 ? 10.598  -9.971  9.036   1.00 36.40 ? 122 GLU A N   1 
ATOM   817  C  CA  . GLU A 1 122 ? 10.130  -11.029 8.155   1.00 36.97 ? 122 GLU A CA  1 
ATOM   818  C  C   . GLU A 1 122 ? 9.035   -10.616 7.217   1.00 37.84 ? 122 GLU A C   1 
ATOM   819  O  O   . GLU A 1 122 ? 8.829   -11.248 6.154   1.00 37.77 ? 122 GLU A O   1 
ATOM   820  C  CB  . GLU A 1 122 ? 9.693   -12.281 8.970   1.00 37.48 ? 122 GLU A CB  1 
ATOM   821  C  CG  . GLU A 1 122 ? 10.893  -12.968 9.783   1.00 38.37 ? 122 GLU A CG  1 
ATOM   822  C  CD  . GLU A 1 122 ? 10.470  -14.242 10.552  0.50 38.23 ? 122 GLU A CD  1 
ATOM   823  O  OE1 . GLU A 1 122 ? 9.335   -14.751 10.343  0.50 40.12 ? 122 GLU A OE1 1 
ATOM   824  O  OE2 . GLU A 1 122 ? 11.294  -14.757 11.340  0.50 40.40 ? 122 GLU A OE2 1 
ATOM   825  N  N   . HIS A 1 123 ? 8.279   -9.589  7.599   1.00 38.47 ? 123 HIS A N   1 
ATOM   826  C  CA  . HIS A 1 123 ? 7.108   -9.209  6.772   1.00 38.27 ? 123 HIS A CA  1 
ATOM   827  C  C   . HIS A 1 123 ? 6.718   -7.758  6.924   1.00 37.97 ? 123 HIS A C   1 
ATOM   828  O  O   . HIS A 1 123 ? 7.177   -7.065  7.846   1.00 38.54 ? 123 HIS A O   1 
ATOM   829  C  CB  . HIS A 1 123 ? 5.916   -10.141 7.100   1.00 38.80 ? 123 HIS A CB  1 
ATOM   830  C  CG  . HIS A 1 123 ? 5.698   -10.326 8.552   1.00 38.36 ? 123 HIS A CG  1 
ATOM   831  N  ND1 . HIS A 1 123 ? 6.103   -11.461 9.239   1.00 35.86 ? 123 HIS A ND1 1 
ATOM   832  C  CD2 . HIS A 1 123 ? 5.198   -9.465  9.480   1.00 39.47 ? 123 HIS A CD2 1 
ATOM   833  C  CE1 . HIS A 1 123 ? 5.828   -11.302 10.525  1.00 43.19 ? 123 HIS A CE1 1 
ATOM   834  N  NE2 . HIS A 1 123 ? 5.261   -10.104 10.697  1.00 43.35 ? 123 HIS A NE2 1 
ATOM   835  N  N   . TYR A 1 124 ? 5.929   -7.263  5.966   1.00 37.28 ? 124 TYR A N   1 
ATOM   836  C  CA  . TYR A 1 124 ? 5.105   -6.070  6.214   1.00 37.41 ? 124 TYR A CA  1 
ATOM   837  C  C   . TYR A 1 124 ? 3.870   -6.487  6.980   1.00 37.67 ? 124 TYR A C   1 
ATOM   838  O  O   . TYR A 1 124 ? 3.180   -7.387  6.528   1.00 37.21 ? 124 TYR A O   1 
ATOM   839  C  CB  . TYR A 1 124 ? 4.588   -5.480  4.889   1.00 36.44 ? 124 TYR A CB  1 
ATOM   840  C  CG  . TYR A 1 124 ? 5.677   -5.010  3.925   1.00 39.21 ? 124 TYR A CG  1 
ATOM   841  C  CD1 . TYR A 1 124 ? 6.139   -3.678  3.943   1.00 41.13 ? 124 TYR A CD1 1 
ATOM   842  C  CD2 . TYR A 1 124 ? 6.239   -5.877  3.018   1.00 37.18 ? 124 TYR A CD2 1 
ATOM   843  C  CE1 . TYR A 1 124 ? 7.098   -3.250  3.029   1.00 42.64 ? 124 TYR A CE1 1 
ATOM   844  C  CE2 . TYR A 1 124 ? 7.224   -5.470  2.155   1.00 38.43 ? 124 TYR A CE2 1 
ATOM   845  C  CZ  . TYR A 1 124 ? 7.613   -4.147  2.125   1.00 37.78 ? 124 TYR A CZ  1 
ATOM   846  O  OH  . TYR A 1 124 ? 8.606   -3.763  1.256   1.00 38.79 ? 124 TYR A OH  1 
ATOM   847  N  N   . LYS A 1 125 ? 3.583   -5.838  8.124   1.00 37.43 ? 125 LYS A N   1 
ATOM   848  C  CA  . LYS A 1 125 ? 2.307   -6.045  8.807   1.00 37.08 ? 125 LYS A CA  1 
ATOM   849  C  C   . LYS A 1 125 ? 1.312   -4.918  8.416   1.00 38.09 ? 125 LYS A C   1 
ATOM   850  O  O   . LYS A 1 125 ? 1.639   -3.736  8.487   1.00 39.55 ? 125 LYS A O   1 
ATOM   851  C  CB  . LYS A 1 125 ? 2.480   -6.242  10.350  1.00 37.61 ? 125 LYS A CB  1 
ATOM   852  C  CG  . LYS A 1 125 ? 1.147   -6.485  11.069  1.00 35.67 ? 125 LYS A CG  1 
ATOM   853  C  CD  . LYS A 1 125 ? 1.306   -6.758  12.531  1.00 35.59 ? 125 LYS A CD  1 
ATOM   854  C  CE  . LYS A 1 125 ? -0.018  -7.156  13.153  1.00 31.86 ? 125 LYS A CE  1 
ATOM   855  N  NZ  . LYS A 1 125 ? 0.268   -7.430  14.615  1.00 32.35 ? 125 LYS A NZ  1 
ATOM   856  N  N   . VAL A 1 126 ? 0.125   -5.305  7.957   1.00 36.90 ? 126 VAL A N   1 
ATOM   857  C  CA  . VAL A 1 126 ? -0.909  -4.337  7.567   1.00 37.07 ? 126 VAL A CA  1 
ATOM   858  C  C   . VAL A 1 126 ? -1.985  -4.258  8.618   1.00 35.91 ? 126 VAL A C   1 
ATOM   859  O  O   . VAL A 1 126 ? -2.511  -5.267  9.059   1.00 36.01 ? 126 VAL A O   1 
ATOM   860  C  CB  . VAL A 1 126 ? -1.583  -4.711  6.193   1.00 36.67 ? 126 VAL A CB  1 
ATOM   861  C  CG1 . VAL A 1 126 ? -2.485  -3.558  5.716   1.00 35.80 ? 126 VAL A CG1 1 
ATOM   862  C  CG2 . VAL A 1 126 ? -0.499  -5.002  5.147   1.00 35.51 ? 126 VAL A CG2 1 
ATOM   863  N  N   . VAL A 1 127 ? -2.298  -3.044  9.046   1.00 36.24 ? 127 VAL A N   1 
ATOM   864  C  CA  . VAL A 1 127 ? -3.328  -2.828  10.038  1.00 35.20 ? 127 VAL A CA  1 
ATOM   865  C  C   . VAL A 1 127 ? -4.307  -1.778  9.457   1.00 36.22 ? 127 VAL A C   1 
ATOM   866  O  O   . VAL A 1 127 ? -3.863  -0.717  8.986   1.00 35.47 ? 127 VAL A O   1 
ATOM   867  C  CB  . VAL A 1 127 ? -2.721  -2.341  11.404  1.00 35.35 ? 127 VAL A CB  1 
ATOM   868  C  CG1 . VAL A 1 127 ? -3.821  -2.227  12.465  1.00 31.05 ? 127 VAL A CG1 1 
ATOM   869  C  CG2 . VAL A 1 127 ? -1.642  -3.351  11.919  1.00 35.66 ? 127 VAL A CG2 1 
ATOM   870  N  N   . VAL A 1 128 ? -5.604  -2.094  9.433   1.00 35.71 ? 128 VAL A N   1 
ATOM   871  C  CA  . VAL A 1 128 ? -6.619  -1.186  8.830   1.00 34.78 ? 128 VAL A CA  1 
ATOM   872  C  C   . VAL A 1 128 ? -7.621  -0.813  9.921   1.00 36.05 ? 128 VAL A C   1 
ATOM   873  O  O   . VAL A 1 128 ? -8.183  -1.693  10.576  1.00 34.35 ? 128 VAL A O   1 
ATOM   874  C  CB  . VAL A 1 128 ? -7.358  -1.806  7.608   1.00 35.92 ? 128 VAL A CB  1 
ATOM   875  C  CG1 . VAL A 1 128 ? -8.263  -0.735  6.887   1.00 33.21 ? 128 VAL A CG1 1 
ATOM   876  C  CG2 . VAL A 1 128 ? -6.310  -2.469  6.631   1.00 35.79 ? 128 VAL A CG2 1 
ATOM   877  N  N   . ASN A 1 129 ? -7.771  0.495   10.150  1.00 36.58 ? 129 ASN A N   1 
ATOM   878  C  CA  . ASN A 1 129 ? -8.642  1.020   11.199  1.00 36.59 ? 129 ASN A CA  1 
ATOM   879  C  C   . ASN A 1 129 ? -8.349  0.380   12.553  1.00 36.23 ? 129 ASN A C   1 
ATOM   880  O  O   . ASN A 1 129 ? -9.249  0.105   13.334  1.00 35.48 ? 129 ASN A O   1 
ATOM   881  C  CB  . ASN A 1 129 ? -10.122 0.891   10.784  1.00 36.78 ? 129 ASN A CB  1 
ATOM   882  C  CG  . ASN A 1 129 ? -10.416 1.636   9.481   1.00 37.69 ? 129 ASN A CG  1 
ATOM   883  O  OD1 . ASN A 1 129 ? -9.851  2.713   9.231   1.00 37.82 ? 129 ASN A OD1 1 
ATOM   884  N  ND2 . ASN A 1 129 ? -11.254 1.052   8.632   1.00 34.52 ? 129 ASN A ND2 1 
ATOM   885  N  N   . GLY A 1 130 ? -7.072  0.154   12.827  1.00 36.83 ? 130 GLY A N   1 
ATOM   886  C  CA  . GLY A 1 130 ? -6.705  -0.424  14.128  1.00 36.30 ? 130 GLY A CA  1 
ATOM   887  C  C   . GLY A 1 130 ? -6.756  -1.953  14.195  1.00 36.34 ? 130 GLY A C   1 
ATOM   888  O  O   . GLY A 1 130 ? -6.283  -2.536  15.184  1.00 35.66 ? 130 GLY A O   1 
ATOM   889  N  N   . ASN A 1 131 ? -7.313  -2.599  13.166  1.00 36.11 ? 131 ASN A N   1 
ATOM   890  C  CA  . ASN A 1 131 ? -7.512  -4.049  13.154  1.00 35.61 ? 131 ASN A CA  1 
ATOM   891  C  C   . ASN A 1 131 ? -6.395  -4.719  12.349  1.00 35.74 ? 131 ASN A C   1 
ATOM   892  O  O   . ASN A 1 131 ? -6.226  -4.447  11.135  1.00 35.42 ? 131 ASN A O   1 
ATOM   893  C  CB  . ASN A 1 131 ? -8.870  -4.403  12.531  1.00 36.27 ? 131 ASN A CB  1 
ATOM   894  C  CG  . ASN A 1 131 ? -10.062 -3.788  13.250  1.00 37.11 ? 131 ASN A CG  1 
ATOM   895  O  OD1 . ASN A 1 131 ? -10.202 -3.911  14.472  1.00 40.21 ? 131 ASN A OD1 1 
ATOM   896  N  ND2 . ASN A 1 131 ? -10.994 -3.178  12.468  1.00 36.68 ? 131 ASN A ND2 1 
ATOM   897  N  N   . SER A 1 132 ? -5.591  -5.568  12.986  1.00 35.44 ? 132 SER A N   1 
ATOM   898  C  CA  . SER A 1 132 ? -4.581  -6.306  12.227  1.00 36.41 ? 132 SER A CA  1 
ATOM   899  C  C   . SER A 1 132 ? -5.241  -7.047  11.072  1.00 36.09 ? 132 SER A C   1 
ATOM   900  O  O   . SER A 1 132 ? -6.301  -7.673  11.236  1.00 35.54 ? 132 SER A O   1 
ATOM   901  C  CB  . SER A 1 132 ? -3.807  -7.280  13.104  1.00 36.26 ? 132 SER A CB  1 
ATOM   902  O  OG  . SER A 1 132 ? -3.323  -6.585  14.223  1.00 38.74 ? 132 SER A OG  1 
ATOM   903  N  N   . PHE A 1 133 ? -4.591  -6.983  9.915   1.00 36.57 ? 133 PHE A N   1 
ATOM   904  C  CA  . PHE A 1 133 ? -5.221  -7.463  8.684   1.00 38.21 ? 133 PHE A CA  1 
ATOM   905  C  C   . PHE A 1 133 ? -4.419  -8.557  7.981   1.00 38.41 ? 133 PHE A C   1 
ATOM   906  O  O   . PHE A 1 133 ? -4.985  -9.597  7.611   1.00 39.88 ? 133 PHE A O   1 
ATOM   907  C  CB  . PHE A 1 133 ? -5.552  -6.277  7.711   1.00 37.29 ? 133 PHE A CB  1 
ATOM   908  C  CG  . PHE A 1 133 ? -6.273  -6.720  6.462   1.00 36.32 ? 133 PHE A CG  1 
ATOM   909  C  CD1 . PHE A 1 133 ? -7.576  -7.220  6.548   1.00 36.23 ? 133 PHE A CD1 1 
ATOM   910  C  CD2 . PHE A 1 133 ? -5.617  -6.707  5.209   1.00 37.39 ? 133 PHE A CD2 1 
ATOM   911  C  CE1 . PHE A 1 133 ? -8.259  -7.685  5.408   1.00 35.72 ? 133 PHE A CE1 1 
ATOM   912  C  CE2 . PHE A 1 133 ? -6.278  -7.162  4.064   1.00 35.21 ? 133 PHE A CE2 1 
ATOM   913  C  CZ  . PHE A 1 133 ? -7.608  -7.643  4.163   1.00 34.46 ? 133 PHE A CZ  1 
ATOM   914  N  N   . TYR A 1 134 ? -3.111  -8.342  7.809   1.00 38.67 ? 134 TYR A N   1 
ATOM   915  C  CA  . TYR A 1 134 ? -2.276  -9.267  7.030   1.00 38.21 ? 134 TYR A CA  1 
ATOM   916  C  C   . TYR A 1 134 ? -0.785  -9.081  7.309   1.00 38.19 ? 134 TYR A C   1 
ATOM   917  O  O   . TYR A 1 134 ? -0.341  -7.974  7.643   1.00 38.90 ? 134 TYR A O   1 
ATOM   918  C  CB  . TYR A 1 134 ? -2.552  -9.063  5.512   1.00 39.32 ? 134 TYR A CB  1 
ATOM   919  C  CG  . TYR A 1 134 ? -2.181  -10.277 4.658   1.00 39.30 ? 134 TYR A CG  1 
ATOM   920  C  CD1 . TYR A 1 134 ? -2.976  -11.455 4.678   1.00 37.60 ? 134 TYR A CD1 1 
ATOM   921  C  CD2 . TYR A 1 134 ? -1.051  -10.251 3.856   1.00 37.75 ? 134 TYR A CD2 1 
ATOM   922  C  CE1 . TYR A 1 134 ? -2.631  -12.572 3.903   1.00 40.82 ? 134 TYR A CE1 1 
ATOM   923  C  CE2 . TYR A 1 134 ? -0.698  -11.373 3.070   1.00 40.25 ? 134 TYR A CE2 1 
ATOM   924  C  CZ  . TYR A 1 134 ? -1.485  -12.511 3.099   1.00 41.63 ? 134 TYR A CZ  1 
ATOM   925  O  OH  . TYR A 1 134 ? -1.123  -13.587 2.326   1.00 41.14 ? 134 TYR A OH  1 
ATOM   926  N  N   . GLU A 1 135 ? -0.017  -10.163 7.136   1.00 37.64 ? 135 GLU A N   1 
ATOM   927  C  CA  . GLU A 1 135 ? 1.442   -10.105 7.136   1.00 38.44 ? 135 GLU A CA  1 
ATOM   928  C  C   . GLU A 1 135 ? 2.004   -10.647 5.797   1.00 38.32 ? 135 GLU A C   1 
ATOM   929  O  O   . GLU A 1 135 ? 1.802   -11.801 5.435   1.00 37.01 ? 135 GLU A O   1 
ATOM   930  C  CB  . GLU A 1 135 ? 2.002   -10.923 8.325   1.00 38.38 ? 135 GLU A CB  1 
ATOM   931  C  CG  . GLU A 1 135 ? 1.505   -10.369 9.660   1.00 37.63 ? 135 GLU A CG  1 
ATOM   932  C  CD  . GLU A 1 135 ? 1.941   -11.181 10.853  0.50 41.76 ? 135 GLU A CD  1 
ATOM   933  O  OE1 . GLU A 1 135 ? 2.181   -12.419 10.711  0.50 38.44 ? 135 GLU A OE1 1 
ATOM   934  O  OE2 . GLU A 1 135 ? 2.020   -10.552 11.938  0.50 41.41 ? 135 GLU A OE2 1 
ATOM   935  N  N   . TYR A 1 136 ? 2.679   -9.780  5.056   1.00 38.66 ? 136 TYR A N   1 
ATOM   936  C  CA  . TYR A 1 136 ? 3.170   -10.146 3.730   1.00 37.95 ? 136 TYR A CA  1 
ATOM   937  C  C   . TYR A 1 136 ? 4.694   -10.357 3.812   1.00 38.15 ? 136 TYR A C   1 
ATOM   938  O  O   . TYR A 1 136 ? 5.433   -9.426  4.131   1.00 37.42 ? 136 TYR A O   1 
ATOM   939  C  CB  . TYR A 1 136 ? 2.821   -9.045  2.758   1.00 37.71 ? 136 TYR A CB  1 
ATOM   940  C  CG  . TYR A 1 136 ? 3.252   -9.331  1.321   1.00 38.62 ? 136 TYR A CG  1 
ATOM   941  C  CD1 . TYR A 1 136 ? 2.428   -10.106 0.477   1.00 37.39 ? 136 TYR A CD1 1 
ATOM   942  C  CD2 . TYR A 1 136 ? 4.462   -8.808  0.811   1.00 37.46 ? 136 TYR A CD2 1 
ATOM   943  C  CE1 . TYR A 1 136 ? 2.791   -10.343 -0.863  1.00 37.48 ? 136 TYR A CE1 1 
ATOM   944  C  CE2 . TYR A 1 136 ? 4.866   -9.088  -0.528  1.00 37.82 ? 136 TYR A CE2 1 
ATOM   945  C  CZ  . TYR A 1 136 ? 4.005   -9.821  -1.353  1.00 36.51 ? 136 TYR A CZ  1 
ATOM   946  O  OH  . TYR A 1 136 ? 4.332   -10.060 -2.681  1.00 36.50 ? 136 TYR A OH  1 
ATOM   947  N  N   . GLY A 1 137 ? 5.133   -11.608 3.641   1.00 37.80 ? 137 GLY A N   1 
ATOM   948  C  CA  . GLY A 1 137 ? 6.561   -11.924 3.729   1.00 37.60 ? 137 GLY A CA  1 
ATOM   949  C  C   . GLY A 1 137 ? 7.300   -11.150 2.653   1.00 38.09 ? 137 GLY A C   1 
ATOM   950  O  O   . GLY A 1 137 ? 6.834   -11.038 1.488   1.00 37.39 ? 137 GLY A O   1 
ATOM   951  N  N   . HIS A 1 138 ? 8.493   -10.688 3.001   1.00 37.02 ? 138 HIS A N   1 
ATOM   952  C  CA  . HIS A 1 138 ? 9.322   -9.946  2.042   1.00 36.48 ? 138 HIS A CA  1 
ATOM   953  C  C   . HIS A 1 138 ? 9.756   -10.852 0.896   1.00 36.46 ? 138 HIS A C   1 
ATOM   954  O  O   . HIS A 1 138 ? 10.245  -11.971 1.138   1.00 35.70 ? 138 HIS A O   1 
ATOM   955  C  CB  . HIS A 1 138 ? 10.563  -9.457  2.770   1.00 36.18 ? 138 HIS A CB  1 
ATOM   956  C  CG  . HIS A 1 138 ? 10.275  -8.455  3.837   1.00 39.93 ? 138 HIS A CG  1 
ATOM   957  N  ND1 . HIS A 1 138 ? 9.636   -7.260  3.586   1.00 37.66 ? 138 HIS A ND1 1 
ATOM   958  C  CD2 . HIS A 1 138 ? 10.590  -8.447  5.159   1.00 37.57 ? 138 HIS A CD2 1 
ATOM   959  C  CE1 . HIS A 1 138 ? 9.493   -6.599  4.722   1.00 39.43 ? 138 HIS A CE1 1 
ATOM   960  N  NE2 . HIS A 1 138 ? 10.065  -7.299  5.688   1.00 37.61 ? 138 HIS A NE2 1 
ATOM   961  N  N   . ARG A 1 139 ? 9.641   -10.385 -0.352  1.00 36.00 ? 139 ARG A N   1 
ATOM   962  C  CA  . ARG A 1 139 ? 10.180  -11.140 -1.485  1.00 34.77 ? 139 ARG A CA  1 
ATOM   963  C  C   . ARG A 1 139 ? 11.376  -10.416 -2.103  1.00 35.31 ? 139 ARG A C   1 
ATOM   964  O  O   . ARG A 1 139 ? 12.259  -11.075 -2.632  1.00 34.29 ? 139 ARG A O   1 
ATOM   965  C  CB  . ARG A 1 139 ? 9.118   -11.341 -2.599  1.00 35.94 ? 139 ARG A CB  1 
ATOM   966  C  CG  . ARG A 1 139 ? 7.856   -12.090 -2.111  1.00 35.38 ? 139 ARG A CG  1 
ATOM   967  C  CD  . ARG A 1 139 ? 6.918   -12.290 -3.216  1.00 34.24 ? 139 ARG A CD  1 
ATOM   968  N  NE  . ARG A 1 139 ? 5.617   -12.759 -2.721  1.00 36.94 ? 139 ARG A NE  1 
ATOM   969  C  CZ  . ARG A 1 139 ? 4.537   -12.897 -3.501  1.00 38.38 ? 139 ARG A CZ  1 
ATOM   970  N  NH1 . ARG A 1 139 ? 4.621   -12.609 -4.818  1.00 33.94 ? 139 ARG A NH1 1 
ATOM   971  N  NH2 . ARG A 1 139 ? 3.388   -13.365 -2.986  1.00 37.45 ? 139 ARG A NH2 1 
ATOM   972  N  N   . LEU A 1 140 ? 11.378  -9.075  -2.075  1.00 34.98 ? 140 LEU A N   1 
ATOM   973  C  CA  . LEU A 1 140 ? 12.537  -8.254  -2.490  1.00 36.83 ? 140 LEU A CA  1 
ATOM   974  C  C   . LEU A 1 140 ? 13.067  -7.554  -1.228  1.00 35.91 ? 140 LEU A C   1 
ATOM   975  O  O   . LEU A 1 140 ? 12.299  -7.226  -0.360  1.00 37.20 ? 140 LEU A O   1 
ATOM   976  C  CB  . LEU A 1 140 ? 12.133  -7.161  -3.527  1.00 36.93 ? 140 LEU A CB  1 
ATOM   977  C  CG  . LEU A 1 140 ? 11.965  -7.542  -4.986  1.00 39.41 ? 140 LEU A CG  1 
ATOM   978  C  CD1 . LEU A 1 140 ? 11.430  -6.398  -5.858  1.00 39.85 ? 140 LEU A CD1 1 
ATOM   979  C  CD2 . LEU A 1 140 ? 13.330  -8.018  -5.533  1.00 40.95 ? 140 LEU A CD2 1 
ATOM   980  N  N   . PRO A 1 141 ? 14.387  -7.384  -1.101  1.00 36.16 ? 141 PRO A N   1 
ATOM   981  C  CA  . PRO A 1 141 ? 14.945  -6.724  0.087   1.00 36.10 ? 141 PRO A CA  1 
ATOM   982  C  C   . PRO A 1 141 ? 14.338  -5.315  0.315   1.00 38.32 ? 141 PRO A C   1 
ATOM   983  O  O   . PRO A 1 141 ? 14.134  -4.522  -0.656  1.00 36.30 ? 141 PRO A O   1 
ATOM   984  C  CB  . PRO A 1 141 ? 16.451  -6.646  -0.227  1.00 35.48 ? 141 PRO A CB  1 
ATOM   985  C  CG  . PRO A 1 141 ? 16.687  -7.749  -1.268  1.00 35.32 ? 141 PRO A CG  1 
ATOM   986  C  CD  . PRO A 1 141 ? 15.430  -7.832  -2.054  1.00 35.73 ? 141 PRO A CD  1 
ATOM   987  N  N   . VAL A 1 142 ? 13.982  -5.052  1.577   1.00 38.90 ? 142 VAL A N   1 
ATOM   988  C  CA  . VAL A 1 142 ? 13.365  -3.797  2.020   1.00 39.47 ? 142 VAL A CA  1 
ATOM   989  C  C   . VAL A 1 142 ? 14.180  -2.594  1.550   1.00 40.87 ? 142 VAL A C   1 
ATOM   990  O  O   . VAL A 1 142 ? 13.596  -1.608  1.081   1.00 40.96 ? 142 VAL A O   1 
ATOM   991  C  CB  . VAL A 1 142 ? 13.242  -3.801  3.589   1.00 41.36 ? 142 VAL A CB  1 
ATOM   992  C  CG1 . VAL A 1 142 ? 12.886  -2.428  4.165   1.00 40.25 ? 142 VAL A CG1 1 
ATOM   993  C  CG2 . VAL A 1 142 ? 12.214  -4.823  4.026   1.00 42.11 ? 142 VAL A CG2 1 
ATOM   994  N  N   . GLN A 1 143 ? 15.500  -2.641  1.681   1.00 40.76 ? 143 GLN A N   1 
ATOM   995  C  CA  A GLN A 1 143 ? 16.414  -1.586  1.326   0.50 41.74 ? 143 GLN A CA  1 
ATOM   996  C  CA  B GLN A 1 143 ? 16.317  -1.493  1.299   0.50 41.74 ? 143 GLN A CA  1 
ATOM   997  C  C   . GLN A 1 143 ? 16.639  -1.439  -0.198  1.00 41.26 ? 143 GLN A C   1 
ATOM   998  O  O   . GLN A 1 143 ? 17.685  -0.951  -0.621  1.00 40.49 ? 143 GLN A O   1 
ATOM   999  C  CB  A GLN A 1 143 ? 17.914  -1.888  1.660   0.50 43.14 ? 143 GLN A CB  1 
ATOM   1000 C  CB  B GLN A 1 143 ? 17.591  -1.413  2.151   0.50 43.14 ? 143 GLN A CB  1 
ATOM   1001 C  CG  A GLN A 1 143 ? 18.200  -2.648  3.017   0.50 49.06 ? 143 GLN A CG  1 
ATOM   1002 C  CG  B GLN A 1 143 ? 17.336  -1.227  3.648   0.50 49.06 ? 143 GLN A CG  1 
ATOM   1003 C  CD  A GLN A 1 143 ? 17.962  -4.181  2.930   0.50 53.16 ? 143 GLN A CD  1 
ATOM   1004 C  CD  B GLN A 1 143 ? 18.482  -1.739  4.508   0.50 53.16 ? 143 GLN A CD  1 
ATOM   1005 O  OE1 A GLN A 1 143 ? 16.855  -4.637  3.198   0.50 53.52 ? 143 GLN A OE1 1 
ATOM   1006 O  OE1 B GLN A 1 143 ? 18.851  -2.912  4.440   0.50 53.52 ? 143 GLN A OE1 1 
ATOM   1007 N  NE2 A GLN A 1 143 ? 19.011  -4.976  2.561   0.50 55.79 ? 143 GLN A NE2 1 
ATOM   1008 N  NE2 B GLN A 1 143 ? 19.048  -0.858  5.325   0.50 55.79 ? 143 GLN A NE2 1 
ATOM   1009 N  N   . MET A 1 144 ? 15.712  -1.964  -0.994  1.00 40.83 ? 144 MET A N   1 
ATOM   1010 C  CA  . MET A 1 144 ? 15.544  -1.600  -2.406  1.00 41.58 ? 144 MET A CA  1 
ATOM   1011 C  C   . MET A 1 144 ? 14.371  -0.599  -2.623  1.00 39.51 ? 144 MET A C   1 
ATOM   1012 O  O   . MET A 1 144 ? 14.290  0.084   -3.661  1.00 38.37 ? 144 MET A O   1 
ATOM   1013 C  CB  . MET A 1 144 ? 15.333  -2.865  -3.244  1.00 40.48 ? 144 MET A CB  1 
ATOM   1014 C  CG  . MET A 1 144 ? 16.628  -3.669  -3.437  1.00 43.25 ? 144 MET A CG  1 
ATOM   1015 S  SD  . MET A 1 144 ? 16.407  -5.082  -4.536  1.00 47.59 ? 144 MET A SD  1 
ATOM   1016 C  CE  . MET A 1 144 ? 16.428  -4.258  -6.149  1.00 49.59 ? 144 MET A CE  1 
ATOM   1017 N  N   . VAL A 1 145 ? 13.454  -0.543  -1.647  1.00 38.63 ? 145 VAL A N   1 
ATOM   1018 C  CA  . VAL A 1 145 ? 12.277  0.322   -1.760  1.00 37.13 ? 145 VAL A CA  1 
ATOM   1019 C  C   . VAL A 1 145 ? 12.666  1.764   -1.508  1.00 36.20 ? 145 VAL A C   1 
ATOM   1020 O  O   . VAL A 1 145 ? 13.163  2.084   -0.429  1.00 36.47 ? 145 VAL A O   1 
ATOM   1021 C  CB  . VAL A 1 145 ? 11.180  -0.079  -0.779  1.00 37.53 ? 145 VAL A CB  1 
ATOM   1022 C  CG1 . VAL A 1 145 ? 10.021  0.919   -0.826  1.00 35.85 ? 145 VAL A CG1 1 
ATOM   1023 C  CG2 . VAL A 1 145 ? 10.686  -1.477  -1.143  1.00 37.09 ? 145 VAL A CG2 1 
ATOM   1024 N  N   . THR A 1 146 ? 12.480  2.615   -2.516  1.00 35.18 ? 146 THR A N   1 
ATOM   1025 C  CA  . THR A 1 146 ? 12.815  4.031   -2.399  1.00 34.70 ? 146 THR A CA  1 
ATOM   1026 C  C   . THR A 1 146 ? 11.597  4.989   -2.536  1.00 34.60 ? 146 THR A C   1 
ATOM   1027 O  O   . THR A 1 146 ? 11.713  6.166   -2.221  1.00 33.94 ? 146 THR A O   1 
ATOM   1028 C  CB  . THR A 1 146 ? 13.815  4.433   -3.476  1.00 35.90 ? 146 THR A CB  1 
ATOM   1029 O  OG1 . THR A 1 146 ? 13.185  4.245   -4.738  1.00 35.93 ? 146 THR A OG1 1 
ATOM   1030 C  CG2 . THR A 1 146 ? 15.160  3.604   -3.400  1.00 36.06 ? 146 THR A CG2 1 
ATOM   1031 N  N   . HIS A 1 147 ? 10.452  4.488   -3.005  1.00 34.66 ? 147 HIS A N   1 
ATOM   1032 C  CA  . HIS A 1 147 ? 9.297   5.351   -3.334  1.00 34.95 ? 147 HIS A CA  1 
ATOM   1033 C  C   . HIS A 1 147 ? 8.010   4.702   -2.937  1.00 35.04 ? 147 HIS A C   1 
ATOM   1034 O  O   . HIS A 1 147 ? 7.902   3.460   -2.918  1.00 35.88 ? 147 HIS A O   1 
ATOM   1035 C  CB  . HIS A 1 147 ? 9.241   5.686   -4.839  1.00 33.53 ? 147 HIS A CB  1 
ATOM   1036 C  CG  . HIS A 1 147 ? 10.253  6.680   -5.257  1.00 33.75 ? 147 HIS A CG  1 
ATOM   1037 N  ND1 . HIS A 1 147 ? 11.594  6.380   -5.344  1.00 33.12 ? 147 HIS A ND1 1 
ATOM   1038 C  CD2 . HIS A 1 147 ? 10.132  7.984   -5.587  1.00 31.36 ? 147 HIS A CD2 1 
ATOM   1039 C  CE1 . HIS A 1 147 ? 12.257  7.465   -5.689  1.00 32.85 ? 147 HIS A CE1 1 
ATOM   1040 N  NE2 . HIS A 1 147 ? 11.389  8.445   -5.867  1.00 33.86 ? 147 HIS A NE2 1 
ATOM   1041 N  N   . LEU A 1 148 ? 7.046   5.535   -2.561  1.00 35.59 ? 148 LEU A N   1 
ATOM   1042 C  CA  . LEU A 1 148 ? 5.702   5.036   -2.295  1.00 36.71 ? 148 LEU A CA  1 
ATOM   1043 C  C   . LEU A 1 148 ? 4.796   5.558   -3.411  1.00 36.27 ? 148 LEU A C   1 
ATOM   1044 O  O   . LEU A 1 148 ? 4.810   6.742   -3.718  1.00 36.98 ? 148 LEU A O   1 
ATOM   1045 C  CB  . LEU A 1 148 ? 5.177   5.475   -0.927  1.00 36.99 ? 148 LEU A CB  1 
ATOM   1046 C  CG  . LEU A 1 148 ? 3.856   4.791   -0.491  1.00 38.34 ? 148 LEU A CG  1 
ATOM   1047 C  CD1 . LEU A 1 148 ? 4.111   3.414   0.171   1.00 38.54 ? 148 LEU A CD1 1 
ATOM   1048 C  CD2 . LEU A 1 148 ? 3.160   5.708   0.476   1.00 39.82 ? 148 LEU A CD2 1 
ATOM   1049 N  N   . GLN A 1 149 ? 4.033   4.662   -4.037  1.00 36.74 ? 149 GLN A N   1 
ATOM   1050 C  CA  . GLN A 1 149 ? 3.106   5.068   -5.089  1.00 36.79 ? 149 GLN A CA  1 
ATOM   1051 C  C   . GLN A 1 149 ? 1.691   4.683   -4.612  1.00 36.20 ? 149 GLN A C   1 
ATOM   1052 O  O   . GLN A 1 149 ? 1.507   3.625   -4.043  1.00 34.95 ? 149 GLN A O   1 
ATOM   1053 C  CB  . GLN A 1 149 ? 3.501   4.394   -6.405  1.00 37.13 ? 149 GLN A CB  1 
ATOM   1054 C  CG  . GLN A 1 149 ? 2.973   5.058   -7.692  1.00 42.14 ? 149 GLN A CG  1 
ATOM   1055 C  CD  . GLN A 1 149 ? 1.709   4.401   -8.259  1.00 48.33 ? 149 GLN A CD  1 
ATOM   1056 O  OE1 . GLN A 1 149 ? 1.270   3.348   -7.788  1.00 52.61 ? 149 GLN A OE1 1 
ATOM   1057 N  NE2 . GLN A 1 149 ? 1.124   5.022   -9.276  1.00 46.94 ? 149 GLN A NE2 1 
ATOM   1058 N  N   . VAL A 1 150 ? 0.718   5.580   -4.791  1.00 36.97 ? 150 VAL A N   1 
ATOM   1059 C  CA  . VAL A 1 150 ? -0.670  5.318   -4.417  1.00 36.72 ? 150 VAL A CA  1 
ATOM   1060 C  C   . VAL A 1 150 ? -1.555  5.777   -5.572  1.00 36.64 ? 150 VAL A C   1 
ATOM   1061 O  O   . VAL A 1 150 ? -1.362  6.863   -6.101  1.00 36.61 ? 150 VAL A O   1 
ATOM   1062 C  CB  . VAL A 1 150 ? -1.078  6.098   -3.119  1.00 37.83 ? 150 VAL A CB  1 
ATOM   1063 C  CG1 . VAL A 1 150 ? -2.596  5.859   -2.761  1.00 36.54 ? 150 VAL A CG1 1 
ATOM   1064 C  CG2 . VAL A 1 150 ? -0.168  5.723   -1.938  1.00 35.66 ? 150 VAL A CG2 1 
ATOM   1065 N  N   . ASP A 1 151 ? -2.542  4.972   -5.953  1.00 36.88 ? 151 ASP A N   1 
ATOM   1066 C  CA  . ASP A 1 151 ? -3.462  5.361   -7.037  1.00 36.45 ? 151 ASP A CA  1 
ATOM   1067 C  C   . ASP A 1 151 ? -4.708  4.512   -7.016  1.00 36.30 ? 151 ASP A C   1 
ATOM   1068 O  O   . ASP A 1 151 ? -4.709  3.472   -6.400  1.00 36.24 ? 151 ASP A O   1 
ATOM   1069 C  CB  . ASP A 1 151 ? -2.781  5.220   -8.385  1.00 36.86 ? 151 ASP A CB  1 
ATOM   1070 C  CG  . ASP A 1 151 ? -3.444  6.070   -9.492  1.00 40.00 ? 151 ASP A CG  1 
ATOM   1071 O  OD1 . ASP A 1 151 ? -4.340  6.909   -9.227  1.00 40.36 ? 151 ASP A OD1 1 
ATOM   1072 O  OD2 . ASP A 1 151 ? -3.049  5.877   -10.652 1.00 44.80 ? 151 ASP A OD2 1 
ATOM   1073 N  N   . GLY A 1 152 ? -5.766  4.949   -7.695  1.00 36.46 ? 152 GLY A N   1 
ATOM   1074 C  CA  . GLY A 1 152 ? -7.016  4.189   -7.728  1.00 36.23 ? 152 GLY A CA  1 
ATOM   1075 C  C   . GLY A 1 152 ? -8.205  4.948   -7.182  1.00 36.09 ? 152 GLY A C   1 
ATOM   1076 O  O   . GLY A 1 152 ? -8.226  6.189   -7.184  1.00 35.04 ? 152 GLY A O   1 
ATOM   1077 N  N   . ASP A 1 153 ? -9.213  4.204   -6.731  1.00 35.85 ? 153 ASP A N   1 
ATOM   1078 C  CA  . ASP A 1 153 ? -10.517 4.820   -6.405  1.00 36.40 ? 153 ASP A CA  1 
ATOM   1079 C  C   . ASP A 1 153 ? -10.583 5.249   -4.934  1.00 36.26 ? 153 ASP A C   1 
ATOM   1080 O  O   . ASP A 1 153 ? -11.345 4.711   -4.141  1.00 35.53 ? 153 ASP A O   1 
ATOM   1081 C  CB  . ASP A 1 153 ? -11.660 3.894   -6.766  1.00 36.23 ? 153 ASP A CB  1 
ATOM   1082 C  CG  . ASP A 1 153 ? -11.618 3.445   -8.226  1.00 38.68 ? 153 ASP A CG  1 
ATOM   1083 O  OD1 . ASP A 1 153 ? -11.153 4.226   -9.106  1.00 35.51 ? 153 ASP A OD1 1 
ATOM   1084 O  OD2 . ASP A 1 153 ? -12.056 2.293   -8.487  1.00 37.27 ? 153 ASP A OD2 1 
ATOM   1085 N  N   . LEU A 1 154 ? -9.753  6.226   -4.584  1.00 35.96 ? 154 LEU A N   1 
ATOM   1086 C  CA  . LEU A 1 154 ? -9.704  6.711   -3.218  1.00 36.01 ? 154 LEU A CA  1 
ATOM   1087 C  C   . LEU A 1 154 ? -9.454  8.214   -3.240  1.00 35.97 ? 154 LEU A C   1 
ATOM   1088 O  O   . LEU A 1 154 ? -9.089  8.794   -4.264  1.00 35.99 ? 154 LEU A O   1 
ATOM   1089 C  CB  . LEU A 1 154 ? -8.606  5.960   -2.436  1.00 35.18 ? 154 LEU A CB  1 
ATOM   1090 C  CG  . LEU A 1 154 ? -7.149  6.450   -2.559  1.00 36.13 ? 154 LEU A CG  1 
ATOM   1091 C  CD1 . LEU A 1 154 ? -6.310  5.944   -1.346  1.00 35.88 ? 154 LEU A CD1 1 
ATOM   1092 C  CD2 . LEU A 1 154 ? -6.505  5.995   -3.875  1.00 32.13 ? 154 LEU A CD2 1 
ATOM   1093 N  N   . GLU A 1 155 ? -9.668  8.866   -2.118  1.00 36.18 ? 155 GLU A N   1 
ATOM   1094 C  CA  . GLU A 1 155 ? -9.199  10.236  -1.972  1.00 36.16 ? 155 GLU A CA  1 
ATOM   1095 C  C   . GLU A 1 155 ? -8.158  10.146  -0.880  1.00 35.76 ? 155 GLU A C   1 
ATOM   1096 O  O   . GLU A 1 155 ? -8.409  9.554   0.144   1.00 35.18 ? 155 GLU A O   1 
ATOM   1097 C  CB  . GLU A 1 155 ? -10.348 11.170  -1.611  1.00 36.69 ? 155 GLU A CB  1 
ATOM   1098 C  CG  . GLU A 1 155 ? -11.336 11.194  -2.796  1.00 42.41 ? 155 GLU A CG  1 
ATOM   1099 C  CD  . GLU A 1 155 ? -12.549 12.019  -2.568  1.00 51.47 ? 155 GLU A CD  1 
ATOM   1100 O  OE1 . GLU A 1 155 ? -12.828 12.290  -1.372  1.00 56.09 ? 155 GLU A OE1 1 
ATOM   1101 O  OE2 . GLU A 1 155 ? -13.229 12.387  -3.582  1.00 50.81 ? 155 GLU A OE2 1 
ATOM   1102 N  N   . LEU A 1 156 ? -6.982  10.688  -1.129  1.00 35.42 ? 156 LEU A N   1 
ATOM   1103 C  CA  . LEU A 1 156 ? -5.871  10.601  -0.186  1.00 37.47 ? 156 LEU A CA  1 
ATOM   1104 C  C   . LEU A 1 156 ? -5.800  11.865  0.696   1.00 37.12 ? 156 LEU A C   1 
ATOM   1105 O  O   . LEU A 1 156 ? -5.926  12.972  0.184   1.00 37.40 ? 156 LEU A O   1 
ATOM   1106 C  CB  . LEU A 1 156 ? -4.599  10.390  -1.005  1.00 37.13 ? 156 LEU A CB  1 
ATOM   1107 C  CG  . LEU A 1 156 ? -3.285  10.063  -0.341  1.00 39.13 ? 156 LEU A CG  1 
ATOM   1108 C  CD1 . LEU A 1 156 ? -3.421  8.760   0.504   1.00 36.14 ? 156 LEU A CD1 1 
ATOM   1109 C  CD2 . LEU A 1 156 ? -2.228  9.983   -1.410  1.00 39.22 ? 156 LEU A CD2 1 
ATOM   1110 N  N   . GLN A 1 157 ? -5.675  11.700  2.017   1.00 37.22 ? 157 GLN A N   1 
ATOM   1111 C  CA  . GLN A 1 157 ? -5.592  12.854  2.928   1.00 37.58 ? 157 GLN A CA  1 
ATOM   1112 C  C   . GLN A 1 157 ? -4.179  13.070  3.464   1.00 37.16 ? 157 GLN A C   1 
ATOM   1113 O  O   . GLN A 1 157 ? -3.680  14.178  3.374   1.00 36.18 ? 157 GLN A O   1 
ATOM   1114 C  CB  . GLN A 1 157 ? -6.523  12.755  4.143   1.00 38.31 ? 157 GLN A CB  1 
ATOM   1115 C  CG  . GLN A 1 157 ? -7.971  13.237  3.950   1.00 43.96 ? 157 GLN A CG  1 
ATOM   1116 C  CD  . GLN A 1 157 ? -8.999  12.088  4.055   1.00 50.50 ? 157 GLN A CD  1 
ATOM   1117 O  OE1 . GLN A 1 157 ? -9.007  11.313  5.023   1.00 51.41 ? 157 GLN A OE1 1 
ATOM   1118 N  NE2 . GLN A 1 157 ? -9.883  11.999  3.062   1.00 53.68 ? 157 GLN A NE2 1 
ATOM   1119 N  N   . SER A 1 158 ? -3.555  12.024  4.058   1.00 36.38 ? 158 SER A N   1 
ATOM   1120 C  CA  A SER A 1 158 ? -2.213  12.151  4.648   0.50 36.03 ? 158 SER A CA  1 
ATOM   1121 C  CA  B SER A 1 158 ? -2.223  12.152  4.668   0.50 36.14 ? 158 SER A CA  1 
ATOM   1122 C  C   . SER A 1 158 ? -1.394  10.887  4.476   1.00 36.25 ? 158 SER A C   1 
ATOM   1123 O  O   . SER A 1 158 ? -1.944  9.788   4.455   1.00 36.06 ? 158 SER A O   1 
ATOM   1124 C  CB  A SER A 1 158 ? -2.294  12.504  6.137   0.50 35.92 ? 158 SER A CB  1 
ATOM   1125 C  CB  B SER A 1 158 ? -2.337  12.490  6.166   0.50 36.06 ? 158 SER A CB  1 
ATOM   1126 O  OG  A SER A 1 158 ? -2.744  11.401  6.903   0.50 35.13 ? 158 SER A OG  1 
ATOM   1127 O  OG  B SER A 1 158 ? -3.047  13.707  6.391   0.50 35.92 ? 158 SER A OG  1 
ATOM   1128 N  N   . ILE A 1 159 ? -0.075  11.062  4.328   1.00 36.35 ? 159 ILE A N   1 
ATOM   1129 C  CA  . ILE A 1 159 ? 0.907   9.962   4.338   1.00 37.99 ? 159 ILE A CA  1 
ATOM   1130 C  C   . ILE A 1 159 ? 2.054   10.407  5.237   1.00 37.74 ? 159 ILE A C   1 
ATOM   1131 O  O   . ILE A 1 159 ? 2.565   11.521  5.092   1.00 37.02 ? 159 ILE A O   1 
ATOM   1132 C  CB  . ILE A 1 159 ? 1.405   9.547   2.909   1.00 37.93 ? 159 ILE A CB  1 
ATOM   1133 C  CG1 . ILE A 1 159 ? 0.180   9.049   2.126   1.00 39.07 ? 159 ILE A CG1 1 
ATOM   1134 C  CG2 . ILE A 1 159 ? 2.538   8.444   2.992   1.00 37.06 ? 159 ILE A CG2 1 
ATOM   1135 C  CD1 . ILE A 1 159 ? 0.432   8.277   0.846   1.00 42.01 ? 159 ILE A CD1 1 
ATOM   1136 N  N   . ASN A 1 160 ? 2.347   9.601   6.257   1.00 36.82 ? 160 ASN A N   1 
ATOM   1137 C  CA  . ASN A 1 160 ? 3.415   9.927   7.205   1.00 37.97 ? 160 ASN A CA  1 
ATOM   1138 C  C   . ASN A 1 160 ? 4.305   8.706   7.365   1.00 37.63 ? 160 ASN A C   1 
ATOM   1139 O  O   . ASN A 1 160 ? 3.813   7.596   7.478   1.00 37.59 ? 160 ASN A O   1 
ATOM   1140 C  CB  . ASN A 1 160 ? 2.892   10.336  8.575   1.00 37.87 ? 160 ASN A CB  1 
ATOM   1141 C  CG  . ASN A 1 160 ? 2.287   11.722  8.574   1.00 41.19 ? 160 ASN A CG  1 
ATOM   1142 O  OD1 . ASN A 1 160 ? 3.009   12.753  8.583   1.00 46.20 ? 160 ASN A OD1 1 
ATOM   1143 N  ND2 . ASN A 1 160 ? 0.967   11.773  8.632   1.00 42.00 ? 160 ASN A ND2 1 
ATOM   1144 N  N   . PHE A 1 161 ? 5.609   8.948   7.359   1.00 37.63 ? 161 PHE A N   1 
ATOM   1145 C  CA  . PHE A 1 161 ? 6.612   7.900   7.498   1.00 38.74 ? 161 PHE A CA  1 
ATOM   1146 C  C   . PHE A 1 161 ? 7.167   8.016   8.906   1.00 38.79 ? 161 PHE A C   1 
ATOM   1147 O  O   . PHE A 1 161 ? 7.393   9.114   9.409   1.00 36.59 ? 161 PHE A O   1 
ATOM   1148 C  CB  . PHE A 1 161 ? 7.722   8.079   6.456   1.00 38.64 ? 161 PHE A CB  1 
ATOM   1149 C  CG  . PHE A 1 161 ? 7.232   7.966   5.052   1.00 39.39 ? 161 PHE A CG  1 
ATOM   1150 C  CD1 . PHE A 1 161 ? 6.961   6.730   4.503   1.00 44.24 ? 161 PHE A CD1 1 
ATOM   1151 C  CD2 . PHE A 1 161 ? 7.032   9.106   4.277   1.00 46.36 ? 161 PHE A CD2 1 
ATOM   1152 C  CE1 . PHE A 1 161 ? 6.466   6.617   3.200   1.00 45.00 ? 161 PHE A CE1 1 
ATOM   1153 C  CE2 . PHE A 1 161 ? 6.548   8.999   2.961   1.00 45.79 ? 161 PHE A CE2 1 
ATOM   1154 C  CZ  . PHE A 1 161 ? 6.272   7.743   2.438   1.00 42.93 ? 161 PHE A CZ  1 
ATOM   1155 N  N   . LEU A 1 162 ? 7.328   6.879   9.560   1.00 39.52 ? 162 LEU A N   1 
ATOM   1156 C  CA  . LEU A 1 162 ? 7.789   6.897   10.935  1.00 41.16 ? 162 LEU A CA  1 
ATOM   1157 C  C   . LEU A 1 162 ? 9.011   5.989   11.078  1.00 41.50 ? 162 LEU A C   1 
ATOM   1158 O  O   . LEU A 1 162 ? 9.048   4.921   10.475  1.00 39.25 ? 162 LEU A O   1 
ATOM   1159 C  CB  . LEU A 1 162 ? 6.674   6.348   11.829  1.00 42.30 ? 162 LEU A CB  1 
ATOM   1160 C  CG  . LEU A 1 162 ? 5.237   6.879   11.917  1.00 46.07 ? 162 LEU A CG  1 
ATOM   1161 C  CD1 . LEU A 1 162 ? 4.217   6.199   10.959  1.00 49.05 ? 162 LEU A CD1 1 
ATOM   1162 C  CD2 . LEU A 1 162 ? 4.832   6.673   13.363  1.00 50.37 ? 162 LEU A CD2 1 
ATOM   1163 N  N   . GLY A 1 163 ? 9.975   6.410   11.888  1.00 43.32 ? 163 GLY A N   1 
ATOM   1164 C  CA  . GLY A 1 163 ? 11.064  5.563   12.325  1.00 47.50 ? 163 GLY A CA  1 
ATOM   1165 C  C   . GLY A 1 163 ? 12.175  5.392   11.308  1.00 51.09 ? 163 GLY A C   1 
ATOM   1166 O  O   . GLY A 1 163 ? 12.953  4.410   11.382  1.00 52.67 ? 163 GLY A O   1 
ATOM   1167 N  N   . GLY A 1 164 ? 12.269  6.317   10.351  1.00 52.95 ? 164 GLY A N   1 
ATOM   1168 C  CA  . GLY A 1 164 ? 13.332  6.225   9.336   1.00 55.43 ? 164 GLY A CA  1 
ATOM   1169 C  C   . GLY A 1 164 ? 14.230  7.427   9.159   1.00 56.22 ? 164 GLY A C   1 
ATOM   1170 O  O   . GLY A 1 164 ? 15.028  7.755   10.055  1.00 57.72 ? 164 GLY A O   1 
HETATM 1171 C  C1  . GLC B 2 .   ? -4.803  -12.419 -13.722 1.00 48.35 ? 1   GLC B C1  1 
HETATM 1172 C  C2  . GLC B 2 .   ? -5.086  -12.029 -12.272 1.00 43.77 ? 1   GLC B C2  1 
HETATM 1173 C  C3  . GLC B 2 .   ? -5.194  -10.518 -12.108 1.00 42.74 ? 1   GLC B C3  1 
HETATM 1174 C  C4  . GLC B 2 .   ? -3.960  -9.855  -12.696 1.00 45.38 ? 1   GLC B C4  1 
HETATM 1175 C  C5  . GLC B 2 .   ? -3.714  -10.315 -14.159 1.00 48.52 ? 1   GLC B C5  1 
HETATM 1176 C  C6  . GLC B 2 .   ? -2.392  -9.793  -14.752 1.00 51.20 ? 1   GLC B C6  1 
HETATM 1177 O  O1  . GLC B 2 .   ? -5.948  -12.136 -14.510 1.00 53.77 ? 1   GLC B O1  1 
HETATM 1178 O  O2  . GLC B 2 .   ? -6.294  -12.638 -11.896 1.00 41.06 ? 1   GLC B O2  1 
HETATM 1179 O  O3  . GLC B 2 .   ? -5.345  -10.224 -10.746 1.00 42.12 ? 1   GLC B O3  1 
HETATM 1180 O  O4  . GLC B 2 .   ? -4.130  -8.465  -12.591 1.00 44.06 ? 1   GLC B O4  1 
HETATM 1181 O  O5  . GLC B 2 .   ? -3.667  -11.735 -14.224 1.00 49.26 ? 1   GLC B O5  1 
HETATM 1182 O  O6  . GLC B 2 .   ? -1.256  -10.322 -14.054 1.00 50.71 ? 1   GLC B O6  1 
HETATM 1183 C  C1  . GAL B 2 .   ? -3.052  -7.699  -12.123 1.00 43.05 ? 2   GAL B C1  1 
HETATM 1184 C  C2  . GAL B 2 .   ? -3.381  -6.209  -12.290 1.00 42.71 ? 2   GAL B C2  1 
HETATM 1185 C  C3  . GAL B 2 .   ? -2.256  -5.397  -11.621 1.00 40.00 ? 2   GAL B C3  1 
HETATM 1186 C  C4  . GAL B 2 .   ? -1.985  -5.896  -10.202 1.00 36.91 ? 2   GAL B C4  1 
HETATM 1187 C  C5  . GAL B 2 .   ? -1.664  -7.382  -10.229 1.00 36.39 ? 2   GAL B C5  1 
HETATM 1188 C  C6  . GAL B 2 .   ? -1.253  -7.962  -8.847  1.00 33.05 ? 2   GAL B C6  1 
HETATM 1189 O  O2  . GAL B 2 .   ? -3.483  -5.856  -13.663 1.00 45.93 ? 2   GAL B O2  1 
HETATM 1190 O  O3  . GAL B 2 .   ? -2.581  -4.031  -11.573 1.00 39.89 ? 2   GAL B O3  1 
HETATM 1191 O  O4  . GAL B 2 .   ? -3.099  -5.702  -9.364  1.00 33.38 ? 2   GAL B O4  1 
HETATM 1192 O  O5  . GAL B 2 .   ? -2.809  -8.031  -10.743 1.00 40.70 ? 2   GAL B O5  1 
HETATM 1193 O  O6  . GAL B 2 .   ? -1.189  -9.371  -8.940  1.00 29.78 ? 2   GAL B O6  1 
HETATM 1194 C  C1  . GOL C 3 .   ? 15.238  -8.891  6.095   1.00 48.82 ? 166 GOL A C1  1 
HETATM 1195 O  O1  . GOL C 3 .   ? 14.385  -8.042  6.801   1.00 41.82 ? 166 GOL A O1  1 
HETATM 1196 C  C2  . GOL C 3 .   ? 15.845  -8.018  5.013   1.00 48.39 ? 166 GOL A C2  1 
HETATM 1197 O  O2  . GOL C 3 .   ? 17.036  -8.581  4.461   1.00 47.94 ? 166 GOL A O2  1 
HETATM 1198 C  C3  . GOL C 3 .   ? 14.740  -7.824  3.975   1.00 44.24 ? 166 GOL A C3  1 
HETATM 1199 O  O3  . GOL C 3 .   ? 15.135  -6.703  3.271   1.00 39.45 ? 166 GOL A O3  1 
HETATM 1200 C  C1  . GOL D 3 .   ? -4.833  -2.218  -9.745  1.00 53.07 ? 167 GOL A C1  1 
HETATM 1201 O  O1  . GOL D 3 .   ? -5.205  -3.601  -9.871  1.00 48.24 ? 167 GOL A O1  1 
HETATM 1202 C  C2  . GOL D 3 .   ? -5.923  -1.223  -9.249  1.00 50.74 ? 167 GOL A C2  1 
HETATM 1203 O  O2  . GOL D 3 .   ? -5.388  -0.350  -8.310  1.00 40.85 ? 167 GOL A O2  1 
HETATM 1204 C  C3  . GOL D 3 .   ? -6.440  -0.249  -10.328 1.00 56.25 ? 167 GOL A C3  1 
HETATM 1205 O  O3  . GOL D 3 .   ? -6.700  1.036   -9.734  1.00 57.62 ? 167 GOL A O3  1 
HETATM 1206 C  C1  . PEG E 4 .   ? 5.557   1.016   -10.387 1.00 55.24 ? 168 PEG A C1  1 
HETATM 1207 O  O1  . PEG E 4 .   ? 5.150   -0.202  -11.045 1.00 54.73 ? 168 PEG A O1  1 
HETATM 1208 C  C2  . PEG E 4 .   ? 4.625   1.456   -9.240  1.00 55.69 ? 168 PEG A C2  1 
HETATM 1209 O  O2  . PEG E 4 .   ? 5.117   2.597   -8.517  1.00 57.75 ? 168 PEG A O2  1 
HETATM 1210 C  C3  . PEG E 4 .   ? 5.840   3.547   -9.325  1.00 57.56 ? 168 PEG A C3  1 
HETATM 1211 C  C4  . PEG E 4 .   ? 6.981   4.258   -8.598  1.00 58.23 ? 168 PEG A C4  1 
HETATM 1212 O  O4  . PEG E 4 .   ? 8.244   4.049   -9.267  1.00 57.00 ? 168 PEG A O4  1 
HETATM 1213 NA NA  . NA  F 5 .   ? 11.997  -11.538 14.453  0.25 25.84 ? 169 NA  A NA  1 
HETATM 1214 O  O   . HOH G 6 .   ? 9.598   -10.356 11.780  1.00 21.43 ? 170 HOH A O   1 
HETATM 1215 O  O   . HOH G 6 .   ? 13.594  -11.482 -4.953  1.00 26.25 ? 171 HOH A O   1 
HETATM 1216 O  O   . HOH G 6 .   ? 3.126   -13.691 3.069   1.00 22.20 ? 172 HOH A O   1 
HETATM 1217 O  O   . HOH G 6 .   ? -4.750  1.179   11.383  1.00 21.10 ? 173 HOH A O   1 
HETATM 1218 O  O   . HOH G 6 .   ? 5.372   -12.882 0.281   1.00 21.19 ? 174 HOH A O   1 
HETATM 1219 O  O   . HOH G 6 .   ? 10.144  -6.109  0.867   1.00 18.92 ? 175 HOH A O   1 
HETATM 1220 O  O   . HOH G 6 .   ? 16.582  -2.477  6.851   1.00 32.00 ? 176 HOH A O   1 
HETATM 1221 O  O   . HOH G 6 .   ? -18.566 -0.967  1.041   1.00 33.55 ? 177 HOH A O   1 
HETATM 1222 O  O   . HOH G 6 .   ? -6.864  -6.490  15.697  1.00 25.96 ? 178 HOH A O   1 
HETATM 1223 O  O   . HOH G 6 .   ? -8.691  -4.553  16.501  1.00 29.78 ? 179 HOH A O   1 
HETATM 1224 O  O   . HOH G 6 .   ? -7.165  -1.982  17.699  1.00 25.44 ? 180 HOH A O   1 
HETATM 1225 O  O   . HOH G 6 .   ? 4.450   -10.135 13.215  1.00 37.03 ? 181 HOH A O   1 
HETATM 1226 O  O   . HOH G 6 .   ? -2.122  -8.247  16.007  1.00 23.00 ? 182 HOH A O   1 
HETATM 1227 O  O   . HOH G 6 .   ? -6.443  12.109  -3.502  1.00 33.39 ? 183 HOH A O   1 
HETATM 1228 O  O   . HOH G 6 .   ? -1.360  -12.764 7.516   1.00 28.67 ? 184 HOH A O   1 
HETATM 1229 O  O   . HOH G 6 .   ? 8.918   -7.798  -0.895  1.00 20.88 ? 185 HOH A O   1 
HETATM 1230 O  O   . HOH G 6 .   ? -12.889 2.637   3.935   1.00 26.10 ? 186 HOH A O   1 
HETATM 1231 O  O   . HOH G 6 .   ? -9.004  -15.548 2.658   1.00 35.28 ? 187 HOH A O   1 
HETATM 1232 O  O   . HOH G 6 .   ? -3.169  -16.316 -0.571  1.00 30.40 ? 188 HOH A O   1 
HETATM 1233 O  O   . HOH G 6 .   ? 3.525   12.880  1.169   1.00 46.40 ? 189 HOH A O   1 
HETATM 1234 O  O   . HOH G 6 .   ? -16.170 8.074   7.676   1.00 43.94 ? 190 HOH A O   1 
HETATM 1235 O  O   . HOH G 6 .   ? 2.479   -8.918  14.986  1.00 27.21 ? 191 HOH A O   1 
HETATM 1236 O  O   . HOH G 6 .   ? 6.558   -19.134 -3.682  1.00 36.22 ? 192 HOH A O   1 
HETATM 1237 O  O   . HOH G 6 .   ? -19.548 -5.094  -1.269  1.00 43.14 ? 193 HOH A O   1 
HETATM 1238 O  O   . HOH G 6 .   ? 12.447  -0.901  -10.700 1.00 43.80 ? 194 HOH A O   1 
HETATM 1239 O  O   . HOH G 6 .   ? -21.709 2.501   -3.269  1.00 35.65 ? 195 HOH A O   1 
HETATM 1240 O  O   . HOH G 6 .   ? 6.438   11.726  6.964   1.00 33.56 ? 196 HOH A O   1 
HETATM 1241 O  O   . HOH G 6 .   ? 0.757   -1.295  -9.836  1.00 37.22 ? 197 HOH A O   1 
HETATM 1242 O  O   . HOH G 6 .   ? -12.823 2.374   6.438   1.00 33.66 ? 198 HOH A O   1 
HETATM 1243 O  O   . HOH G 6 .   ? 7.684   -11.089 -8.974  1.00 27.30 ? 199 HOH A O   1 
HETATM 1244 O  O   . HOH G 6 .   ? -10.724 -3.557  9.449   1.00 32.46 ? 200 HOH A O   1 
HETATM 1245 O  O   . HOH G 6 .   ? 16.408  0.648   -5.219  1.00 39.81 ? 201 HOH A O   1 
HETATM 1246 O  O   . HOH G 6 .   ? -1.790  -1.710  -10.419 1.00 35.94 ? 202 HOH A O   1 
HETATM 1247 O  O   . HOH G 6 .   ? 1.134   -11.418 16.132  1.00 45.50 ? 203 HOH A O   1 
HETATM 1248 O  O   . HOH G 6 .   ? 15.450  4.251   6.466   1.00 41.47 ? 204 HOH A O   1 
HETATM 1249 O  O   . HOH G 6 .   ? -9.122  3.873   12.959  1.00 41.56 ? 205 HOH A O   1 
HETATM 1250 O  O   . HOH G 6 .   ? 10.390  -11.925 -12.168 1.00 34.65 ? 206 HOH A O   1 
HETATM 1251 O  O   . HOH G 6 .   ? -15.443 -8.556  3.856   1.00 48.35 ? 207 HOH A O   1 
HETATM 1252 O  O   . HOH G 6 .   ? 14.996  6.110   -8.968  1.00 50.54 ? 208 HOH A O   1 
HETATM 1253 O  O   . HOH G 6 .   ? -12.143 -1.798  8.868   1.00 34.87 ? 209 HOH A O   1 
HETATM 1254 O  O   . HOH G 6 .   ? -17.013 -2.954  2.587   1.00 39.43 ? 210 HOH A O   1 
HETATM 1255 O  O   . HOH G 6 .   ? 13.908  -4.914  -8.639  1.00 45.46 ? 211 HOH A O   1 
HETATM 1256 O  O   . HOH G 6 .   ? -15.265 -3.635  6.149   1.00 41.97 ? 212 HOH A O   1 
HETATM 1257 O  O   . HOH G 6 .   ? 4.552   -16.066 -1.467  1.00 29.42 ? 213 HOH A O   1 
HETATM 1258 O  O   . HOH G 6 .   ? -0.822  -15.256 -9.341  1.00 43.87 ? 214 HOH A O   1 
HETATM 1259 O  O   . HOH G 6 .   ? 2.756   12.895  -5.608  1.00 49.29 ? 215 HOH A O   1 
HETATM 1260 O  O   . HOH G 6 .   ? 14.145  7.215   -0.992  1.00 35.42 ? 216 HOH A O   1 
HETATM 1261 O  O   . HOH G 6 .   ? -16.578 9.445   -3.322  1.00 46.91 ? 217 HOH A O   1 
HETATM 1262 O  O   . HOH G 6 .   ? 3.277   -9.891  -15.093 1.00 41.60 ? 218 HOH A O   1 
HETATM 1263 O  O   . HOH G 6 .   ? 5.775   14.761  1.329   1.00 52.38 ? 219 HOH A O   1 
HETATM 1264 O  O   . HOH G 6 .   ? -12.363 -3.001  15.900  1.00 38.07 ? 220 HOH A O   1 
HETATM 1265 O  O   . HOH G 6 .   ? 0.939   -4.125  -14.246 1.00 51.79 ? 221 HOH A O   1 
HETATM 1266 O  O   . HOH G 6 .   ? 9.077   11.836  6.882   1.00 48.13 ? 222 HOH A O   1 
HETATM 1267 O  O   . HOH G 6 .   ? -8.519  -5.025  9.170   1.00 42.64 ? 223 HOH A O   1 
HETATM 1268 O  O   . HOH G 6 .   ? -6.136  8.160   -10.747 1.00 51.64 ? 224 HOH A O   1 
HETATM 1269 O  O   . HOH G 6 .   ? -6.420  13.204  -8.045  1.00 48.58 ? 225 HOH A O   1 
HETATM 1270 O  O   . HOH G 6 .   ? -1.220  3.778   -11.204 1.00 50.08 ? 226 HOH A O   1 
HETATM 1271 O  O   . HOH G 6 .   ? -11.033 7.116   -9.383  1.00 45.42 ? 227 HOH A O   1 
HETATM 1272 O  O   . HOH G 6 .   ? 15.892  -2.676  -9.434  1.00 56.58 ? 228 HOH A O   1 
HETATM 1273 O  O   . HOH G 6 .   ? -0.803  -11.117 -11.398 0.50 35.97 ? 229 HOH A O   1 
HETATM 1274 O  O   . HOH G 6 .   ? -6.853  -7.377  -12.706 1.00 47.11 ? 230 HOH A O   1 
HETATM 1275 O  O   . HOH G 6 .   ? -6.759  -12.761 -9.247  1.00 56.14 ? 231 HOH A O   1 
HETATM 1276 O  O   . HOH G 6 .   ? 17.068  -5.009  6.253   1.00 41.81 ? 232 HOH A O   1 
HETATM 1277 O  O   . HOH G 6 .   ? 8.973   12.413  0.532   1.00 53.52 ? 233 HOH A O   1 
HETATM 1278 O  O   . HOH G 6 .   ? -9.172  -7.481  9.899   1.00 41.41 ? 234 HOH A O   1 
HETATM 1279 O  O   . HOH G 6 .   ? 10.730  9.049   12.873  1.00 55.70 ? 235 HOH A O   1 
HETATM 1280 O  O   . HOH G 6 .   ? 14.554  9.801   8.188   1.00 52.30 ? 236 HOH A O   1 
HETATM 1281 O  O   . HOH G 6 .   ? 16.518  2.055   1.270   1.00 59.32 ? 237 HOH A O   1 
HETATM 1282 O  O   . HOH G 6 .   ? -15.284 -10.819 1.260   1.00 42.57 ? 238 HOH A O   1 
HETATM 1283 O  O   . HOH G 6 .   ? -5.415  -2.261  -12.901 1.00 61.81 ? 239 HOH A O   1 
HETATM 1284 O  O   . HOH G 6 .   ? -11.600 -7.267  6.996   1.00 44.47 ? 240 HOH A O   1 
HETATM 1285 O  O   . HOH G 6 .   ? 18.712  6.283   5.714   1.00 63.32 ? 241 HOH A O   1 
HETATM 1286 O  O   . HOH G 6 .   ? 10.694  14.102  -10.213 1.00 62.08 ? 242 HOH A O   1 
HETATM 1287 O  O   . HOH G 6 .   ? -12.409 -0.519  13.193  1.00 46.11 ? 243 HOH A O   1 
HETATM 1288 O  O   . HOH G 6 .   ? -17.591 -5.454  1.960   1.00 54.96 ? 244 HOH A O   1 
HETATM 1289 O  O   . HOH G 6 .   ? 6.992   -21.850 -7.297  1.00 49.54 ? 245 HOH A O   1 
HETATM 1290 O  O   . HOH G 6 .   ? -0.367  13.726  -9.153  1.00 57.81 ? 246 HOH A O   1 
HETATM 1291 O  O   . HOH G 6 .   ? -10.853 4.885   10.620  1.00 58.80 ? 247 HOH A O   1 
HETATM 1292 O  O   . HOH G 6 .   ? 13.598  -4.346  -13.190 1.00 53.23 ? 248 HOH A O   1 
HETATM 1293 O  O   . HOH G 6 .   ? -4.902  2.829   -10.466 1.00 54.64 ? 249 HOH A O   1 
HETATM 1294 O  O   . HOH G 6 .   ? -1.062  9.785   8.080   1.00 46.09 ? 250 HOH A O   1 
HETATM 1295 O  O   . HOH G 6 .   ? 14.566  1.873   10.640  1.00 44.91 ? 251 HOH A O   1 
HETATM 1296 O  O   . HOH G 6 .   ? -8.904  23.491  -1.219  1.00 52.20 ? 252 HOH A O   1 
HETATM 1297 O  O   . HOH G 6 .   ? 17.620  -4.457  9.192   1.00 40.93 ? 253 HOH A O   1 
HETATM 1298 O  O   . HOH G 6 .   ? 10.922  8.622   8.971   1.00 55.28 ? 254 HOH A O   1 
HETATM 1299 O  O   . HOH G 6 .   ? 10.377  -4.002  13.026  1.00 22.54 ? 255 HOH A O   1 
HETATM 1300 O  O   . HOH G 6 .   ? 12.560  -3.755  14.289  1.00 35.34 ? 256 HOH A O   1 
HETATM 1301 O  O   . HOH G 6 .   ? -12.188 -5.126  -8.685  1.00 52.96 ? 257 HOH A O   1 
HETATM 1302 O  O   . HOH G 6 .   ? -0.449  17.362  -5.035  0.50 35.27 ? 258 HOH A O   1 
# 
loop_
_pdbx_poly_seq_scheme.asym_id 
_pdbx_poly_seq_scheme.entity_id 
_pdbx_poly_seq_scheme.seq_id 
_pdbx_poly_seq_scheme.mon_id 
_pdbx_poly_seq_scheme.ndb_seq_num 
_pdbx_poly_seq_scheme.pdb_seq_num 
_pdbx_poly_seq_scheme.auth_seq_num 
_pdbx_poly_seq_scheme.pdb_mon_id 
_pdbx_poly_seq_scheme.auth_mon_id 
_pdbx_poly_seq_scheme.pdb_strand_id 
_pdbx_poly_seq_scheme.pdb_ins_code 
_pdbx_poly_seq_scheme.hetero 
A 1 1   MET 1   1   ?   ?   ?   A . n 
A 1 2   ARG 2   2   ?   ?   ?   A . n 
A 1 3   GLY 3   3   ?   ?   ?   A . n 
A 1 4   SER 4   4   ?   ?   ?   A . n 
A 1 5   HIS 5   5   ?   ?   ?   A . n 
A 1 6   HIS 6   6   ?   ?   ?   A . n 
A 1 7   HIS 7   7   ?   ?   ?   A . n 
A 1 8   HIS 8   8   ?   ?   ?   A . n 
A 1 9   HIS 9   9   ?   ?   ?   A . n 
A 1 10  HIS 10  10  ?   ?   ?   A . n 
A 1 11  THR 11  11  ?   ?   ?   A . n 
A 1 12  ASP 12  12  ?   ?   ?   A . n 
A 1 13  PRO 13  13  ?   ?   ?   A . n 
A 1 14  ALA 14  14  ?   ?   ?   A . n 
A 1 15  TYR 15  15  ?   ?   ?   A . n 
A 1 16  VAL 16  16  ?   ?   ?   A . n 
A 1 17  PRO 17  17  ?   ?   ?   A . n 
A 1 18  ALA 18  18  ?   ?   ?   A . n 
A 1 19  PRO 19  19  ?   ?   ?   A . n 
A 1 20  GLY 20  20  ?   ?   ?   A . n 
A 1 21  TYR 21  21  ?   ?   ?   A . n 
A 1 22  GLN 22  22  ?   ?   ?   A . n 
A 1 23  PRO 23  23  ?   ?   ?   A . n 
A 1 24  THR 24  24  ?   ?   ?   A . n 
A 1 25  TYR 25  25  25  TYR TYR A . n 
A 1 26  ASN 26  26  26  ASN ASN A . n 
A 1 27  PRO 27  27  27  PRO PRO A . n 
A 1 28  THR 28  28  28  THR THR A . n 
A 1 29  LEU 29  29  29  LEU LEU A . n 
A 1 30  PRO 30  30  30  PRO PRO A . n 
A 1 31  TYR 31  31  31  TYR TYR A . n 
A 1 32  LYS 32  32  32  LYS LYS A . n 
A 1 33  ARG 33  33  33  ARG ARG A . n 
A 1 34  PRO 34  34  34  PRO PRO A . n 
A 1 35  ILE 35  35  35  ILE ILE A . n 
A 1 36  PRO 36  36  36  PRO PRO A . n 
A 1 37  GLY 37  37  37  GLY GLY A . n 
A 1 38  GLY 38  38  38  GLY GLY A . n 
A 1 39  LEU 39  39  39  LEU LEU A . n 
A 1 40  SER 40  40  40  SER SER A . n 
A 1 41  VAL 41  41  41  VAL VAL A . n 
A 1 42  GLY 42  42  42  GLY GLY A . n 
A 1 43  MET 43  43  43  MET MET A . n 
A 1 44  SER 44  44  44  SER SER A . n 
A 1 45  VAL 45  45  45  VAL VAL A . n 
A 1 46  TYR 46  46  46  TYR TYR A . n 
A 1 47  ILE 47  47  47  ILE ILE A . n 
A 1 48  GLN 48  48  48  GLN GLN A . n 
A 1 49  GLY 49  49  49  GLY GLY A . n 
A 1 50  MET 50  50  50  MET MET A . n 
A 1 51  ALA 51  51  51  ALA ALA A . n 
A 1 52  LYS 52  52  52  LYS LYS A . n 
A 1 53  GLU 53  53  53  GLU GLU A . n 
A 1 54  ASN 54  54  54  ASN ASN A . n 
A 1 55  MET 55  55  55  MET MET A . n 
A 1 56  ARG 56  56  56  ARG ARG A . n 
A 1 57  ARG 57  57  57  ARG ARG A . n 
A 1 58  PHE 58  58  58  PHE PHE A . n 
A 1 59  HIS 59  59  59  HIS HIS A . n 
A 1 60  VAL 60  60  60  VAL VAL A . n 
A 1 61  ASN 61  61  61  ASN ASN A . n 
A 1 62  PHE 62  62  62  PHE PHE A . n 
A 1 63  ALA 63  63  63  ALA ALA A . n 
A 1 64  VAL 64  64  64  VAL VAL A . n 
A 1 65  GLY 65  65  65  GLY GLY A . n 
A 1 66  GLN 66  66  66  GLN GLN A . n 
A 1 67  ASP 67  67  67  ASP ASP A . n 
A 1 68  ASP 68  68  68  ASP ASP A . n 
A 1 69  GLY 69  69  69  GLY GLY A . n 
A 1 70  ALA 70  70  70  ALA ALA A . n 
A 1 71  ASP 71  71  71  ASP ASP A . n 
A 1 72  VAL 72  72  72  VAL VAL A . n 
A 1 73  ALA 73  73  73  ALA ALA A . n 
A 1 74  PHE 74  74  74  PHE PHE A . n 
A 1 75  HIS 75  75  75  HIS HIS A . n 
A 1 76  PHE 76  76  76  PHE PHE A . n 
A 1 77  ASN 77  77  77  ASN ASN A . n 
A 1 78  PRO 78  78  78  PRO PRO A . n 
A 1 79  ARG 79  79  79  ARG ARG A . n 
A 1 80  PHE 80  80  80  PHE PHE A . n 
A 1 81  ASP 81  81  81  ASP ASP A . n 
A 1 82  GLY 82  82  82  GLY GLY A . n 
A 1 83  TRP 83  83  83  TRP TRP A . n 
A 1 84  ASP 84  84  84  ASP ASP A . n 
A 1 85  LYS 85  85  85  LYS LYS A . n 
A 1 86  VAL 86  86  86  VAL VAL A . n 
A 1 87  VAL 87  87  87  VAL VAL A . n 
A 1 88  PHE 88  88  88  PHE PHE A . n 
A 1 89  ASN 89  89  89  ASN ASN A . n 
A 1 90  THR 90  90  90  THR THR A . n 
A 1 91  MET 91  91  91  MET MET A . n 
A 1 92  GLN 92  92  92  GLN GLN A . n 
A 1 93  SER 93  93  93  SER SER A . n 
A 1 94  GLY 94  94  94  GLY GLY A . n 
A 1 95  GLN 95  95  95  GLN GLN A . n 
A 1 96  TRP 96  96  96  TRP TRP A . n 
A 1 97  GLY 97  97  97  GLY GLY A . n 
A 1 98  LYS 98  98  98  LYS LYS A . n 
A 1 99  GLU 99  99  99  GLU GLU A . n 
A 1 100 GLU 100 100 100 GLU GLU A . n 
A 1 101 LYS 101 101 101 LYS LYS A . n 
A 1 102 LYS 102 102 102 LYS LYS A . n 
A 1 103 LYS 103 103 103 LYS LYS A . n 
A 1 104 SER 104 104 104 SER SER A . n 
A 1 105 MET 105 105 105 MET MET A . n 
A 1 106 PRO 106 106 106 PRO PRO A . n 
A 1 107 PHE 107 107 107 PHE PHE A . n 
A 1 108 GLN 108 108 108 GLN GLN A . n 
A 1 109 LYS 109 109 109 LYS LYS A . n 
A 1 110 GLY 110 110 110 GLY GLY A . n 
A 1 111 LYS 111 111 111 LYS LYS A . n 
A 1 112 HIS 112 112 112 HIS HIS A . n 
A 1 113 PHE 113 113 113 PHE PHE A . n 
A 1 114 GLU 114 114 114 GLU GLU A . n 
A 1 115 LEU 115 115 115 LEU LEU A . n 
A 1 116 VAL 116 116 116 VAL VAL A . n 
A 1 117 PHE 117 117 117 PHE PHE A . n 
A 1 118 MET 118 118 118 MET MET A . n 
A 1 119 VAL 119 119 119 VAL VAL A . n 
A 1 120 MET 120 120 120 MET MET A . n 
A 1 121 PRO 121 121 121 PRO PRO A . n 
A 1 122 GLU 122 122 122 GLU GLU A . n 
A 1 123 HIS 123 123 123 HIS HIS A . n 
A 1 124 TYR 124 124 124 TYR TYR A . n 
A 1 125 LYS 125 125 125 LYS LYS A . n 
A 1 126 VAL 126 126 126 VAL VAL A . n 
A 1 127 VAL 127 127 127 VAL VAL A . n 
A 1 128 VAL 128 128 128 VAL VAL A . n 
A 1 129 ASN 129 129 129 ASN ASN A . n 
A 1 130 GLY 130 130 130 GLY GLY A . n 
A 1 131 ASN 131 131 131 ASN ASN A . n 
A 1 132 SER 132 132 132 SER SER A . n 
A 1 133 PHE 133 133 133 PHE PHE A . n 
A 1 134 TYR 134 134 134 TYR TYR A . n 
A 1 135 GLU 135 135 135 GLU GLU A . n 
A 1 136 TYR 136 136 136 TYR TYR A . n 
A 1 137 GLY 137 137 137 GLY GLY A . n 
A 1 138 HIS 138 138 138 HIS HIS A . n 
A 1 139 ARG 139 139 139 ARG ARG A . n 
A 1 140 LEU 140 140 140 LEU LEU A . n 
A 1 141 PRO 141 141 141 PRO PRO A . n 
A 1 142 VAL 142 142 142 VAL VAL A . n 
A 1 143 GLN 143 143 143 GLN GLN A . n 
A 1 144 MET 144 144 144 MET MET A . n 
A 1 145 VAL 145 145 145 VAL VAL A . n 
A 1 146 THR 146 146 146 THR THR A . n 
A 1 147 HIS 147 147 147 HIS HIS A . n 
A 1 148 LEU 148 148 148 LEU LEU A . n 
A 1 149 GLN 149 149 149 GLN GLN A . n 
A 1 150 VAL 150 150 150 VAL VAL A . n 
A 1 151 ASP 151 151 151 ASP ASP A . n 
A 1 152 GLY 152 152 152 GLY GLY A . n 
A 1 153 ASP 153 153 153 ASP ASP A . n 
A 1 154 LEU 154 154 154 LEU LEU A . n 
A 1 155 GLU 155 155 155 GLU GLU A . n 
A 1 156 LEU 156 156 156 LEU LEU A . n 
A 1 157 GLN 157 157 157 GLN GLN A . n 
A 1 158 SER 158 158 158 SER SER A . n 
A 1 159 ILE 159 159 159 ILE ILE A . n 
A 1 160 ASN 160 160 160 ASN ASN A . n 
A 1 161 PHE 161 161 161 PHE PHE A . n 
A 1 162 LEU 162 162 162 LEU LEU A . n 
A 1 163 GLY 163 163 163 GLY GLY A . n 
A 1 164 GLY 164 164 164 GLY GLY A . n 
# 
loop_
_pdbx_nonpoly_scheme.asym_id 
_pdbx_nonpoly_scheme.entity_id 
_pdbx_nonpoly_scheme.mon_id 
_pdbx_nonpoly_scheme.ndb_seq_num 
_pdbx_nonpoly_scheme.pdb_seq_num 
_pdbx_nonpoly_scheme.auth_seq_num 
_pdbx_nonpoly_scheme.pdb_mon_id 
_pdbx_nonpoly_scheme.auth_mon_id 
_pdbx_nonpoly_scheme.pdb_strand_id 
_pdbx_nonpoly_scheme.pdb_ins_code 
C 3 GOL 1  166 1  GOL GOL A . 
D 3 GOL 1  167 2  GOL GOL A . 
E 4 PEG 1  168 1  PEG PEG A . 
F 5 NA  1  169 1  NA  NA  A . 
G 6 HOH 1  170 1  HOH HOH A . 
G 6 HOH 2  171 2  HOH HOH A . 
G 6 HOH 3  172 3  HOH HOH A . 
G 6 HOH 4  173 4  HOH HOH A . 
G 6 HOH 5  174 5  HOH HOH A . 
G 6 HOH 6  175 6  HOH HOH A . 
G 6 HOH 7  176 7  HOH HOH A . 
G 6 HOH 8  177 8  HOH HOH A . 
G 6 HOH 9  178 9  HOH HOH A . 
G 6 HOH 10 179 10 HOH HOH A . 
G 6 HOH 11 180 11 HOH HOH A . 
G 6 HOH 12 181 12 HOH HOH A . 
G 6 HOH 13 182 13 HOH HOH A . 
G 6 HOH 14 183 14 HOH HOH A . 
G 6 HOH 15 184 15 HOH HOH A . 
G 6 HOH 16 185 16 HOH HOH A . 
G 6 HOH 17 186 17 HOH HOH A . 
G 6 HOH 18 187 18 HOH HOH A . 
G 6 HOH 19 188 19 HOH HOH A . 
G 6 HOH 20 189 20 HOH HOH A . 
G 6 HOH 21 190 21 HOH HOH A . 
G 6 HOH 22 191 22 HOH HOH A . 
G 6 HOH 23 192 23 HOH HOH A . 
G 6 HOH 24 193 24 HOH HOH A . 
G 6 HOH 25 194 25 HOH HOH A . 
G 6 HOH 26 195 26 HOH HOH A . 
G 6 HOH 27 196 27 HOH HOH A . 
G 6 HOH 28 197 28 HOH HOH A . 
G 6 HOH 29 198 29 HOH HOH A . 
G 6 HOH 30 199 30 HOH HOH A . 
G 6 HOH 31 200 31 HOH HOH A . 
G 6 HOH 32 201 32 HOH HOH A . 
G 6 HOH 33 202 33 HOH HOH A . 
G 6 HOH 34 203 34 HOH HOH A . 
G 6 HOH 35 204 35 HOH HOH A . 
G 6 HOH 36 205 36 HOH HOH A . 
G 6 HOH 37 206 37 HOH HOH A . 
G 6 HOH 38 207 38 HOH HOH A . 
G 6 HOH 39 208 39 HOH HOH A . 
G 6 HOH 40 209 40 HOH HOH A . 
G 6 HOH 41 210 41 HOH HOH A . 
G 6 HOH 42 211 42 HOH HOH A . 
G 6 HOH 43 212 43 HOH HOH A . 
G 6 HOH 44 213 44 HOH HOH A . 
G 6 HOH 45 214 45 HOH HOH A . 
G 6 HOH 46 215 46 HOH HOH A . 
G 6 HOH 47 216 47 HOH HOH A . 
G 6 HOH 48 217 48 HOH HOH A . 
G 6 HOH 49 218 49 HOH HOH A . 
G 6 HOH 50 219 50 HOH HOH A . 
G 6 HOH 51 220 51 HOH HOH A . 
G 6 HOH 52 221 52 HOH HOH A . 
G 6 HOH 53 222 53 HOH HOH A . 
G 6 HOH 54 223 54 HOH HOH A . 
G 6 HOH 55 224 55 HOH HOH A . 
G 6 HOH 56 225 56 HOH HOH A . 
G 6 HOH 57 226 57 HOH HOH A . 
G 6 HOH 58 227 58 HOH HOH A . 
G 6 HOH 59 228 59 HOH HOH A . 
G 6 HOH 60 229 60 HOH HOH A . 
G 6 HOH 61 230 61 HOH HOH A . 
G 6 HOH 62 231 62 HOH HOH A . 
G 6 HOH 63 232 63 HOH HOH A . 
G 6 HOH 64 233 64 HOH HOH A . 
G 6 HOH 65 234 65 HOH HOH A . 
G 6 HOH 66 235 66 HOH HOH A . 
G 6 HOH 67 236 67 HOH HOH A . 
G 6 HOH 68 237 68 HOH HOH A . 
G 6 HOH 69 238 69 HOH HOH A . 
G 6 HOH 70 239 70 HOH HOH A . 
G 6 HOH 71 240 71 HOH HOH A . 
G 6 HOH 72 241 72 HOH HOH A . 
G 6 HOH 73 242 73 HOH HOH A . 
G 6 HOH 74 243 74 HOH HOH A . 
G 6 HOH 75 244 75 HOH HOH A . 
G 6 HOH 76 245 76 HOH HOH A . 
G 6 HOH 77 246 77 HOH HOH A . 
G 6 HOH 78 247 78 HOH HOH A . 
G 6 HOH 79 248 79 HOH HOH A . 
G 6 HOH 80 249 80 HOH HOH A . 
G 6 HOH 81 250 81 HOH HOH A . 
G 6 HOH 82 251 82 HOH HOH A . 
G 6 HOH 83 252 83 HOH HOH A . 
G 6 HOH 84 253 84 HOH HOH A . 
G 6 HOH 85 254 85 HOH HOH A . 
G 6 HOH 86 255 86 HOH HOH A . 
G 6 HOH 87 256 87 HOH HOH A . 
G 6 HOH 88 257 89 HOH HOH A . 
G 6 HOH 89 258 90 HOH HOH A . 
# 
_pdbx_molecule_features.prd_id    PRD_900008 
_pdbx_molecule_features.name      alpha-lactose 
_pdbx_molecule_features.type      Oligosaccharide 
_pdbx_molecule_features.class     Nutrient 
_pdbx_molecule_features.details   oligosaccharide 
# 
_pdbx_molecule.instance_id   1 
_pdbx_molecule.prd_id        PRD_900008 
_pdbx_molecule.asym_id       B 
# 
_pdbx_struct_assembly.id                   1 
_pdbx_struct_assembly.details              author_and_software_defined_assembly 
_pdbx_struct_assembly.method_details       PISA 
_pdbx_struct_assembly.oligomeric_details   tetrameric 
_pdbx_struct_assembly.oligomeric_count     4 
# 
_pdbx_struct_assembly_gen.assembly_id       1 
_pdbx_struct_assembly_gen.oper_expression   1,2,3,4 
_pdbx_struct_assembly_gen.asym_id_list      A,B,C,D,E,F,G 
# 
loop_
_pdbx_struct_assembly_prop.biol_id 
_pdbx_struct_assembly_prop.type 
_pdbx_struct_assembly_prop.value 
_pdbx_struct_assembly_prop.details 
1 'ABSA (A^2)' 10330 ? 
1 MORE         -9    ? 
1 'SSA (A^2)'  23560 ? 
# 
loop_
_pdbx_struct_oper_list.id 
_pdbx_struct_oper_list.type 
_pdbx_struct_oper_list.name 
_pdbx_struct_oper_list.symmetry_operation 
_pdbx_struct_oper_list.matrix[1][1] 
_pdbx_struct_oper_list.matrix[1][2] 
_pdbx_struct_oper_list.matrix[1][3] 
_pdbx_struct_oper_list.vector[1] 
_pdbx_struct_oper_list.matrix[2][1] 
_pdbx_struct_oper_list.matrix[2][2] 
_pdbx_struct_oper_list.matrix[2][3] 
_pdbx_struct_oper_list.vector[2] 
_pdbx_struct_oper_list.matrix[3][1] 
_pdbx_struct_oper_list.matrix[3][2] 
_pdbx_struct_oper_list.matrix[3][3] 
_pdbx_struct_oper_list.vector[3] 
1 'identity operation'         1_555 x,y,z          1.0000000000  0.0000000000 0.0000000000  0.0000000000  0.0000000000 1.0000000000 0.0000000000  0.0000000000   0.0000000000  0.0000000000  1.0000000000  0.0000000000  
2 'crystal symmetry operation' 2_565 -x,-y+1,z      -0.1914701123 0.9797199774 0.0590589709  24.7442269165 0.9797199774 0.1871561567 0.0715635310  -22.1665435482 0.0590589709  0.0715635310  -0.9956860444 28.9635682067 
3 'crystal symmetry operation' 3_555 -y+1/2,x+1/2,z 0.4042649439  0.5363032638 -0.7409106993 24.0442053193 0.4434167135 0.5935780783 0.6716000916  -19.7164540330 0.7999696702  -0.6000365607 0.0021569778  -2.0971365832 
4 'crystal symmetry operation' 4_455 y-1/2,-x+1/2,z 0.4042649439  0.4434167135 0.7999696702  0.7000215973  0.5363032638 0.5935780783 -0.6000365607 -2.4500895152  -0.7409106993 0.6716000916  0.0021569778  31.0607047900 
# 
loop_
_pdbx_struct_special_symmetry.id 
_pdbx_struct_special_symmetry.PDB_model_num 
_pdbx_struct_special_symmetry.auth_asym_id 
_pdbx_struct_special_symmetry.auth_comp_id 
_pdbx_struct_special_symmetry.auth_seq_id 
_pdbx_struct_special_symmetry.PDB_ins_code 
_pdbx_struct_special_symmetry.label_asym_id 
_pdbx_struct_special_symmetry.label_comp_id 
_pdbx_struct_special_symmetry.label_seq_id 
1 1 A NA  169 ? F NA  . 
2 1 A HOH 258 ? G HOH . 
# 
loop_
_pdbx_audit_revision_history.ordinal 
_pdbx_audit_revision_history.data_content_type 
_pdbx_audit_revision_history.major_revision 
_pdbx_audit_revision_history.minor_revision 
_pdbx_audit_revision_history.revision_date 
1 'Structure model' 1 0 2011-02-23 
2 'Structure model' 1 1 2011-07-13 
3 'Structure model' 1 2 2011-11-30 
4 'Structure model' 2 0 2020-07-29 
5 'Structure model' 2 1 2023-09-06 
# 
loop_
_pdbx_audit_revision_details.ordinal 
_pdbx_audit_revision_details.revision_ordinal 
_pdbx_audit_revision_details.data_content_type 
_pdbx_audit_revision_details.provider 
_pdbx_audit_revision_details.type 
_pdbx_audit_revision_details.description 
_pdbx_audit_revision_details.details 
1 1 'Structure model' repository 'Initial release' ?                          ? 
2 4 'Structure model' repository Remediation       'Carbohydrate remediation' ? 
# 
loop_
_pdbx_audit_revision_group.ordinal 
_pdbx_audit_revision_group.revision_ordinal 
_pdbx_audit_revision_group.data_content_type 
_pdbx_audit_revision_group.group 
1  2 'Structure model' 'Version format compliance' 
2  3 'Structure model' 'Database references'       
3  4 'Structure model' 'Atomic model'              
4  4 'Structure model' 'Data collection'           
5  4 'Structure model' 'Database references'       
6  4 'Structure model' 'Derived calculations'      
7  4 'Structure model' 'Non-polymer description'   
8  4 'Structure model' 'Structure summary'         
9  5 'Structure model' 'Data collection'           
10 5 'Structure model' 'Database references'       
11 5 'Structure model' 'Refinement description'    
12 5 'Structure model' 'Structure summary'         
# 
loop_
_pdbx_audit_revision_category.ordinal 
_pdbx_audit_revision_category.revision_ordinal 
_pdbx_audit_revision_category.data_content_type 
_pdbx_audit_revision_category.category 
1  4 'Structure model' atom_site                     
2  4 'Structure model' chem_comp                     
3  4 'Structure model' entity                        
4  4 'Structure model' entity_name_com               
5  4 'Structure model' pdbx_branch_scheme            
6  4 'Structure model' pdbx_chem_comp_identifier     
7  4 'Structure model' pdbx_entity_branch            
8  4 'Structure model' pdbx_entity_branch_descriptor 
9  4 'Structure model' pdbx_entity_branch_link       
10 4 'Structure model' pdbx_entity_branch_list       
11 4 'Structure model' pdbx_entity_nonpoly           
12 4 'Structure model' pdbx_molecule_features        
13 4 'Structure model' pdbx_nonpoly_scheme           
14 4 'Structure model' struct_conn                   
15 4 'Structure model' struct_ref_seq_dif            
16 4 'Structure model' struct_site                   
17 4 'Structure model' struct_site_gen               
18 5 'Structure model' chem_comp                     
19 5 'Structure model' chem_comp_atom                
20 5 'Structure model' chem_comp_bond                
21 5 'Structure model' database_2                    
22 5 'Structure model' pdbx_initial_refinement_model 
# 
loop_
_pdbx_audit_revision_item.ordinal 
_pdbx_audit_revision_item.revision_ordinal 
_pdbx_audit_revision_item.data_content_type 
_pdbx_audit_revision_item.item 
1  4 'Structure model' '_atom_site.B_iso_or_equiv'           
2  4 'Structure model' '_atom_site.Cartn_x'                  
3  4 'Structure model' '_atom_site.Cartn_y'                  
4  4 'Structure model' '_atom_site.Cartn_z'                  
5  4 'Structure model' '_atom_site.auth_asym_id'             
6  4 'Structure model' '_atom_site.auth_atom_id'             
7  4 'Structure model' '_atom_site.auth_comp_id'             
8  4 'Structure model' '_atom_site.auth_seq_id'              
9  4 'Structure model' '_atom_site.label_atom_id'            
10 4 'Structure model' '_atom_site.label_comp_id'            
11 4 'Structure model' '_chem_comp.formula'                  
12 4 'Structure model' '_chem_comp.formula_weight'           
13 4 'Structure model' '_chem_comp.id'                       
14 4 'Structure model' '_chem_comp.mon_nstd_flag'            
15 4 'Structure model' '_chem_comp.name'                     
16 4 'Structure model' '_chem_comp.pdbx_synonyms'            
17 4 'Structure model' '_chem_comp.type'                     
18 4 'Structure model' '_entity.formula_weight'              
19 4 'Structure model' '_entity.pdbx_description'            
20 4 'Structure model' '_entity.type'                        
21 4 'Structure model' '_struct_ref_seq_dif.details'         
22 5 'Structure model' '_chem_comp.pdbx_synonyms'            
23 5 'Structure model' '_database_2.pdbx_DOI'                
24 5 'Structure model' '_database_2.pdbx_database_accession' 
# 
loop_
_software.name 
_software.classification 
_software.version 
_software.citation_id 
_software.pdbx_ordinal 
HKL-3000 'data collection' .        ? 1 
MOLREP   phasing           .        ? 2 
REFMAC   refinement        5.2.0019 ? 3 
HKL-3000 'data reduction'  .        ? 4 
HKL-3000 'data scaling'    .        ? 5 
# 
_pdbx_validate_symm_contact.id                1 
_pdbx_validate_symm_contact.PDB_model_num     1 
_pdbx_validate_symm_contact.auth_atom_id_1    O 
_pdbx_validate_symm_contact.auth_asym_id_1    A 
_pdbx_validate_symm_contact.auth_comp_id_1    HOH 
_pdbx_validate_symm_contact.auth_seq_id_1     193 
_pdbx_validate_symm_contact.PDB_ins_code_1    ? 
_pdbx_validate_symm_contact.label_alt_id_1    ? 
_pdbx_validate_symm_contact.site_symmetry_1   1_555 
_pdbx_validate_symm_contact.auth_atom_id_2    O 
_pdbx_validate_symm_contact.auth_asym_id_2    A 
_pdbx_validate_symm_contact.auth_comp_id_2    HOH 
_pdbx_validate_symm_contact.auth_seq_id_2     193 
_pdbx_validate_symm_contact.PDB_ins_code_2    ? 
_pdbx_validate_symm_contact.label_alt_id_2    ? 
_pdbx_validate_symm_contact.site_symmetry_2   8_666 
_pdbx_validate_symm_contact.dist              2.18 
# 
_pdbx_validate_rmsd_angle.id                         1 
_pdbx_validate_rmsd_angle.PDB_model_num              1 
_pdbx_validate_rmsd_angle.auth_atom_id_1             CB 
_pdbx_validate_rmsd_angle.auth_asym_id_1             A 
_pdbx_validate_rmsd_angle.auth_comp_id_1             GLN 
_pdbx_validate_rmsd_angle.auth_seq_id_1              143 
_pdbx_validate_rmsd_angle.PDB_ins_code_1             ? 
_pdbx_validate_rmsd_angle.label_alt_id_1             A 
_pdbx_validate_rmsd_angle.auth_atom_id_2             CA 
_pdbx_validate_rmsd_angle.auth_asym_id_2             A 
_pdbx_validate_rmsd_angle.auth_comp_id_2             GLN 
_pdbx_validate_rmsd_angle.auth_seq_id_2              143 
_pdbx_validate_rmsd_angle.PDB_ins_code_2             ? 
_pdbx_validate_rmsd_angle.label_alt_id_2             A 
_pdbx_validate_rmsd_angle.auth_atom_id_3             C 
_pdbx_validate_rmsd_angle.auth_asym_id_3             A 
_pdbx_validate_rmsd_angle.auth_comp_id_3             GLN 
_pdbx_validate_rmsd_angle.auth_seq_id_3              143 
_pdbx_validate_rmsd_angle.PDB_ins_code_3             ? 
_pdbx_validate_rmsd_angle.label_alt_id_3             ? 
_pdbx_validate_rmsd_angle.angle_value                95.10 
_pdbx_validate_rmsd_angle.angle_target_value         110.40 
_pdbx_validate_rmsd_angle.angle_deviation            -15.30 
_pdbx_validate_rmsd_angle.angle_standard_deviation   2.00 
_pdbx_validate_rmsd_angle.linker_flag                N 
# 
loop_
_pdbx_validate_torsion.id 
_pdbx_validate_torsion.PDB_model_num 
_pdbx_validate_torsion.auth_comp_id 
_pdbx_validate_torsion.auth_asym_id 
_pdbx_validate_torsion.auth_seq_id 
_pdbx_validate_torsion.PDB_ins_code 
_pdbx_validate_torsion.label_alt_id 
_pdbx_validate_torsion.phi 
_pdbx_validate_torsion.psi 
1 1 ASP A 81  ? ? -154.56 -158.30 
2 1 GLN A 143 ? ? -75.16  20.22   
3 1 GLN A 143 ? ? -83.42  30.57   
# 
_pdbx_validate_peptide_omega.id               1 
_pdbx_validate_peptide_omega.PDB_model_num    1 
_pdbx_validate_peptide_omega.auth_comp_id_1   TYR 
_pdbx_validate_peptide_omega.auth_asym_id_1   A 
_pdbx_validate_peptide_omega.auth_seq_id_1    46 
_pdbx_validate_peptide_omega.PDB_ins_code_1   ? 
_pdbx_validate_peptide_omega.label_alt_id_1   ? 
_pdbx_validate_peptide_omega.auth_comp_id_2   ILE 
_pdbx_validate_peptide_omega.auth_asym_id_2   A 
_pdbx_validate_peptide_omega.auth_seq_id_2    47 
_pdbx_validate_peptide_omega.PDB_ins_code_2   ? 
_pdbx_validate_peptide_omega.label_alt_id_2   ? 
_pdbx_validate_peptide_omega.omega            -127.34 
# 
loop_
_pdbx_unobs_or_zero_occ_residues.id 
_pdbx_unobs_or_zero_occ_residues.PDB_model_num 
_pdbx_unobs_or_zero_occ_residues.polymer_flag 
_pdbx_unobs_or_zero_occ_residues.occupancy_flag 
_pdbx_unobs_or_zero_occ_residues.auth_asym_id 
_pdbx_unobs_or_zero_occ_residues.auth_comp_id 
_pdbx_unobs_or_zero_occ_residues.auth_seq_id 
_pdbx_unobs_or_zero_occ_residues.PDB_ins_code 
_pdbx_unobs_or_zero_occ_residues.label_asym_id 
_pdbx_unobs_or_zero_occ_residues.label_comp_id 
_pdbx_unobs_or_zero_occ_residues.label_seq_id 
1  1 Y 1 A MET 1  ? A MET 1  
2  1 Y 1 A ARG 2  ? A ARG 2  
3  1 Y 1 A GLY 3  ? A GLY 3  
4  1 Y 1 A SER 4  ? A SER 4  
5  1 Y 1 A HIS 5  ? A HIS 5  
6  1 Y 1 A HIS 6  ? A HIS 6  
7  1 Y 1 A HIS 7  ? A HIS 7  
8  1 Y 1 A HIS 8  ? A HIS 8  
9  1 Y 1 A HIS 9  ? A HIS 9  
10 1 Y 1 A HIS 10 ? A HIS 10 
11 1 Y 1 A THR 11 ? A THR 11 
12 1 Y 1 A ASP 12 ? A ASP 12 
13 1 Y 1 A PRO 13 ? A PRO 13 
14 1 Y 1 A ALA 14 ? A ALA 14 
15 1 Y 1 A TYR 15 ? A TYR 15 
16 1 Y 1 A VAL 16 ? A VAL 16 
17 1 Y 1 A PRO 17 ? A PRO 17 
18 1 Y 1 A ALA 18 ? A ALA 18 
19 1 Y 1 A PRO 19 ? A PRO 19 
20 1 Y 1 A GLY 20 ? A GLY 20 
21 1 Y 1 A TYR 21 ? A TYR 21 
22 1 Y 1 A GLN 22 ? A GLN 22 
23 1 Y 1 A PRO 23 ? A PRO 23 
24 1 Y 1 A THR 24 ? A THR 24 
# 
loop_
_chem_comp_atom.comp_id 
_chem_comp_atom.atom_id 
_chem_comp_atom.type_symbol 
_chem_comp_atom.pdbx_aromatic_flag 
_chem_comp_atom.pdbx_stereo_config 
_chem_comp_atom.pdbx_ordinal 
ALA N    N  N N 1   
ALA CA   C  N S 2   
ALA C    C  N N 3   
ALA O    O  N N 4   
ALA CB   C  N N 5   
ALA OXT  O  N N 6   
ALA H    H  N N 7   
ALA H2   H  N N 8   
ALA HA   H  N N 9   
ALA HB1  H  N N 10  
ALA HB2  H  N N 11  
ALA HB3  H  N N 12  
ALA HXT  H  N N 13  
ARG N    N  N N 14  
ARG CA   C  N S 15  
ARG C    C  N N 16  
ARG O    O  N N 17  
ARG CB   C  N N 18  
ARG CG   C  N N 19  
ARG CD   C  N N 20  
ARG NE   N  N N 21  
ARG CZ   C  N N 22  
ARG NH1  N  N N 23  
ARG NH2  N  N N 24  
ARG OXT  O  N N 25  
ARG H    H  N N 26  
ARG H2   H  N N 27  
ARG HA   H  N N 28  
ARG HB2  H  N N 29  
ARG HB3  H  N N 30  
ARG HG2  H  N N 31  
ARG HG3  H  N N 32  
ARG HD2  H  N N 33  
ARG HD3  H  N N 34  
ARG HE   H  N N 35  
ARG HH11 H  N N 36  
ARG HH12 H  N N 37  
ARG HH21 H  N N 38  
ARG HH22 H  N N 39  
ARG HXT  H  N N 40  
ASN N    N  N N 41  
ASN CA   C  N S 42  
ASN C    C  N N 43  
ASN O    O  N N 44  
ASN CB   C  N N 45  
ASN CG   C  N N 46  
ASN OD1  O  N N 47  
ASN ND2  N  N N 48  
ASN OXT  O  N N 49  
ASN H    H  N N 50  
ASN H2   H  N N 51  
ASN HA   H  N N 52  
ASN HB2  H  N N 53  
ASN HB3  H  N N 54  
ASN HD21 H  N N 55  
ASN HD22 H  N N 56  
ASN HXT  H  N N 57  
ASP N    N  N N 58  
ASP CA   C  N S 59  
ASP C    C  N N 60  
ASP O    O  N N 61  
ASP CB   C  N N 62  
ASP CG   C  N N 63  
ASP OD1  O  N N 64  
ASP OD2  O  N N 65  
ASP OXT  O  N N 66  
ASP H    H  N N 67  
ASP H2   H  N N 68  
ASP HA   H  N N 69  
ASP HB2  H  N N 70  
ASP HB3  H  N N 71  
ASP HD2  H  N N 72  
ASP HXT  H  N N 73  
GAL C1   C  N R 74  
GAL C2   C  N R 75  
GAL C3   C  N S 76  
GAL C4   C  N R 77  
GAL C5   C  N R 78  
GAL C6   C  N N 79  
GAL O1   O  N N 80  
GAL O2   O  N N 81  
GAL O3   O  N N 82  
GAL O4   O  N N 83  
GAL O5   O  N N 84  
GAL O6   O  N N 85  
GAL H1   H  N N 86  
GAL H2   H  N N 87  
GAL H3   H  N N 88  
GAL H4   H  N N 89  
GAL H5   H  N N 90  
GAL H61  H  N N 91  
GAL H62  H  N N 92  
GAL HO1  H  N N 93  
GAL HO2  H  N N 94  
GAL HO3  H  N N 95  
GAL HO4  H  N N 96  
GAL HO6  H  N N 97  
GLC C1   C  N S 98  
GLC C2   C  N R 99  
GLC C3   C  N S 100 
GLC C4   C  N S 101 
GLC C5   C  N R 102 
GLC C6   C  N N 103 
GLC O1   O  N N 104 
GLC O2   O  N N 105 
GLC O3   O  N N 106 
GLC O4   O  N N 107 
GLC O5   O  N N 108 
GLC O6   O  N N 109 
GLC H1   H  N N 110 
GLC H2   H  N N 111 
GLC H3   H  N N 112 
GLC H4   H  N N 113 
GLC H5   H  N N 114 
GLC H61  H  N N 115 
GLC H62  H  N N 116 
GLC HO1  H  N N 117 
GLC HO2  H  N N 118 
GLC HO3  H  N N 119 
GLC HO4  H  N N 120 
GLC HO6  H  N N 121 
GLN N    N  N N 122 
GLN CA   C  N S 123 
GLN C    C  N N 124 
GLN O    O  N N 125 
GLN CB   C  N N 126 
GLN CG   C  N N 127 
GLN CD   C  N N 128 
GLN OE1  O  N N 129 
GLN NE2  N  N N 130 
GLN OXT  O  N N 131 
GLN H    H  N N 132 
GLN H2   H  N N 133 
GLN HA   H  N N 134 
GLN HB2  H  N N 135 
GLN HB3  H  N N 136 
GLN HG2  H  N N 137 
GLN HG3  H  N N 138 
GLN HE21 H  N N 139 
GLN HE22 H  N N 140 
GLN HXT  H  N N 141 
GLU N    N  N N 142 
GLU CA   C  N S 143 
GLU C    C  N N 144 
GLU O    O  N N 145 
GLU CB   C  N N 146 
GLU CG   C  N N 147 
GLU CD   C  N N 148 
GLU OE1  O  N N 149 
GLU OE2  O  N N 150 
GLU OXT  O  N N 151 
GLU H    H  N N 152 
GLU H2   H  N N 153 
GLU HA   H  N N 154 
GLU HB2  H  N N 155 
GLU HB3  H  N N 156 
GLU HG2  H  N N 157 
GLU HG3  H  N N 158 
GLU HE2  H  N N 159 
GLU HXT  H  N N 160 
GLY N    N  N N 161 
GLY CA   C  N N 162 
GLY C    C  N N 163 
GLY O    O  N N 164 
GLY OXT  O  N N 165 
GLY H    H  N N 166 
GLY H2   H  N N 167 
GLY HA2  H  N N 168 
GLY HA3  H  N N 169 
GLY HXT  H  N N 170 
GOL C1   C  N N 171 
GOL O1   O  N N 172 
GOL C2   C  N N 173 
GOL O2   O  N N 174 
GOL C3   C  N N 175 
GOL O3   O  N N 176 
GOL H11  H  N N 177 
GOL H12  H  N N 178 
GOL HO1  H  N N 179 
GOL H2   H  N N 180 
GOL HO2  H  N N 181 
GOL H31  H  N N 182 
GOL H32  H  N N 183 
GOL HO3  H  N N 184 
HIS N    N  N N 185 
HIS CA   C  N S 186 
HIS C    C  N N 187 
HIS O    O  N N 188 
HIS CB   C  N N 189 
HIS CG   C  Y N 190 
HIS ND1  N  Y N 191 
HIS CD2  C  Y N 192 
HIS CE1  C  Y N 193 
HIS NE2  N  Y N 194 
HIS OXT  O  N N 195 
HIS H    H  N N 196 
HIS H2   H  N N 197 
HIS HA   H  N N 198 
HIS HB2  H  N N 199 
HIS HB3  H  N N 200 
HIS HD1  H  N N 201 
HIS HD2  H  N N 202 
HIS HE1  H  N N 203 
HIS HE2  H  N N 204 
HIS HXT  H  N N 205 
HOH O    O  N N 206 
HOH H1   H  N N 207 
HOH H2   H  N N 208 
ILE N    N  N N 209 
ILE CA   C  N S 210 
ILE C    C  N N 211 
ILE O    O  N N 212 
ILE CB   C  N S 213 
ILE CG1  C  N N 214 
ILE CG2  C  N N 215 
ILE CD1  C  N N 216 
ILE OXT  O  N N 217 
ILE H    H  N N 218 
ILE H2   H  N N 219 
ILE HA   H  N N 220 
ILE HB   H  N N 221 
ILE HG12 H  N N 222 
ILE HG13 H  N N 223 
ILE HG21 H  N N 224 
ILE HG22 H  N N 225 
ILE HG23 H  N N 226 
ILE HD11 H  N N 227 
ILE HD12 H  N N 228 
ILE HD13 H  N N 229 
ILE HXT  H  N N 230 
LEU N    N  N N 231 
LEU CA   C  N S 232 
LEU C    C  N N 233 
LEU O    O  N N 234 
LEU CB   C  N N 235 
LEU CG   C  N N 236 
LEU CD1  C  N N 237 
LEU CD2  C  N N 238 
LEU OXT  O  N N 239 
LEU H    H  N N 240 
LEU H2   H  N N 241 
LEU HA   H  N N 242 
LEU HB2  H  N N 243 
LEU HB3  H  N N 244 
LEU HG   H  N N 245 
LEU HD11 H  N N 246 
LEU HD12 H  N N 247 
LEU HD13 H  N N 248 
LEU HD21 H  N N 249 
LEU HD22 H  N N 250 
LEU HD23 H  N N 251 
LEU HXT  H  N N 252 
LYS N    N  N N 253 
LYS CA   C  N S 254 
LYS C    C  N N 255 
LYS O    O  N N 256 
LYS CB   C  N N 257 
LYS CG   C  N N 258 
LYS CD   C  N N 259 
LYS CE   C  N N 260 
LYS NZ   N  N N 261 
LYS OXT  O  N N 262 
LYS H    H  N N 263 
LYS H2   H  N N 264 
LYS HA   H  N N 265 
LYS HB2  H  N N 266 
LYS HB3  H  N N 267 
LYS HG2  H  N N 268 
LYS HG3  H  N N 269 
LYS HD2  H  N N 270 
LYS HD3  H  N N 271 
LYS HE2  H  N N 272 
LYS HE3  H  N N 273 
LYS HZ1  H  N N 274 
LYS HZ2  H  N N 275 
LYS HZ3  H  N N 276 
LYS HXT  H  N N 277 
MET N    N  N N 278 
MET CA   C  N S 279 
MET C    C  N N 280 
MET O    O  N N 281 
MET CB   C  N N 282 
MET CG   C  N N 283 
MET SD   S  N N 284 
MET CE   C  N N 285 
MET OXT  O  N N 286 
MET H    H  N N 287 
MET H2   H  N N 288 
MET HA   H  N N 289 
MET HB2  H  N N 290 
MET HB3  H  N N 291 
MET HG2  H  N N 292 
MET HG3  H  N N 293 
MET HE1  H  N N 294 
MET HE2  H  N N 295 
MET HE3  H  N N 296 
MET HXT  H  N N 297 
NA  NA   NA N N 298 
PEG C1   C  N N 299 
PEG O1   O  N N 300 
PEG C2   C  N N 301 
PEG O2   O  N N 302 
PEG C3   C  N N 303 
PEG C4   C  N N 304 
PEG O4   O  N N 305 
PEG H11  H  N N 306 
PEG H12  H  N N 307 
PEG HO1  H  N N 308 
PEG H21  H  N N 309 
PEG H22  H  N N 310 
PEG H31  H  N N 311 
PEG H32  H  N N 312 
PEG H41  H  N N 313 
PEG H42  H  N N 314 
PEG HO4  H  N N 315 
PHE N    N  N N 316 
PHE CA   C  N S 317 
PHE C    C  N N 318 
PHE O    O  N N 319 
PHE CB   C  N N 320 
PHE CG   C  Y N 321 
PHE CD1  C  Y N 322 
PHE CD2  C  Y N 323 
PHE CE1  C  Y N 324 
PHE CE2  C  Y N 325 
PHE CZ   C  Y N 326 
PHE OXT  O  N N 327 
PHE H    H  N N 328 
PHE H2   H  N N 329 
PHE HA   H  N N 330 
PHE HB2  H  N N 331 
PHE HB3  H  N N 332 
PHE HD1  H  N N 333 
PHE HD2  H  N N 334 
PHE HE1  H  N N 335 
PHE HE2  H  N N 336 
PHE HZ   H  N N 337 
PHE HXT  H  N N 338 
PRO N    N  N N 339 
PRO CA   C  N S 340 
PRO C    C  N N 341 
PRO O    O  N N 342 
PRO CB   C  N N 343 
PRO CG   C  N N 344 
PRO CD   C  N N 345 
PRO OXT  O  N N 346 
PRO H    H  N N 347 
PRO HA   H  N N 348 
PRO HB2  H  N N 349 
PRO HB3  H  N N 350 
PRO HG2  H  N N 351 
PRO HG3  H  N N 352 
PRO HD2  H  N N 353 
PRO HD3  H  N N 354 
PRO HXT  H  N N 355 
SER N    N  N N 356 
SER CA   C  N S 357 
SER C    C  N N 358 
SER O    O  N N 359 
SER CB   C  N N 360 
SER OG   O  N N 361 
SER OXT  O  N N 362 
SER H    H  N N 363 
SER H2   H  N N 364 
SER HA   H  N N 365 
SER HB2  H  N N 366 
SER HB3  H  N N 367 
SER HG   H  N N 368 
SER HXT  H  N N 369 
THR N    N  N N 370 
THR CA   C  N S 371 
THR C    C  N N 372 
THR O    O  N N 373 
THR CB   C  N R 374 
THR OG1  O  N N 375 
THR CG2  C  N N 376 
THR OXT  O  N N 377 
THR H    H  N N 378 
THR H2   H  N N 379 
THR HA   H  N N 380 
THR HB   H  N N 381 
THR HG1  H  N N 382 
THR HG21 H  N N 383 
THR HG22 H  N N 384 
THR HG23 H  N N 385 
THR HXT  H  N N 386 
TRP N    N  N N 387 
TRP CA   C  N S 388 
TRP C    C  N N 389 
TRP O    O  N N 390 
TRP CB   C  N N 391 
TRP CG   C  Y N 392 
TRP CD1  C  Y N 393 
TRP CD2  C  Y N 394 
TRP NE1  N  Y N 395 
TRP CE2  C  Y N 396 
TRP CE3  C  Y N 397 
TRP CZ2  C  Y N 398 
TRP CZ3  C  Y N 399 
TRP CH2  C  Y N 400 
TRP OXT  O  N N 401 
TRP H    H  N N 402 
TRP H2   H  N N 403 
TRP HA   H  N N 404 
TRP HB2  H  N N 405 
TRP HB3  H  N N 406 
TRP HD1  H  N N 407 
TRP HE1  H  N N 408 
TRP HE3  H  N N 409 
TRP HZ2  H  N N 410 
TRP HZ3  H  N N 411 
TRP HH2  H  N N 412 
TRP HXT  H  N N 413 
TYR N    N  N N 414 
TYR CA   C  N S 415 
TYR C    C  N N 416 
TYR O    O  N N 417 
TYR CB   C  N N 418 
TYR CG   C  Y N 419 
TYR CD1  C  Y N 420 
TYR CD2  C  Y N 421 
TYR CE1  C  Y N 422 
TYR CE2  C  Y N 423 
TYR CZ   C  Y N 424 
TYR OH   O  N N 425 
TYR OXT  O  N N 426 
TYR H    H  N N 427 
TYR H2   H  N N 428 
TYR HA   H  N N 429 
TYR HB2  H  N N 430 
TYR HB3  H  N N 431 
TYR HD1  H  N N 432 
TYR HD2  H  N N 433 
TYR HE1  H  N N 434 
TYR HE2  H  N N 435 
TYR HH   H  N N 436 
TYR HXT  H  N N 437 
VAL N    N  N N 438 
VAL CA   C  N S 439 
VAL C    C  N N 440 
VAL O    O  N N 441 
VAL CB   C  N N 442 
VAL CG1  C  N N 443 
VAL CG2  C  N N 444 
VAL OXT  O  N N 445 
VAL H    H  N N 446 
VAL H2   H  N N 447 
VAL HA   H  N N 448 
VAL HB   H  N N 449 
VAL HG11 H  N N 450 
VAL HG12 H  N N 451 
VAL HG13 H  N N 452 
VAL HG21 H  N N 453 
VAL HG22 H  N N 454 
VAL HG23 H  N N 455 
VAL HXT  H  N N 456 
# 
loop_
_chem_comp_bond.comp_id 
_chem_comp_bond.atom_id_1 
_chem_comp_bond.atom_id_2 
_chem_comp_bond.value_order 
_chem_comp_bond.pdbx_aromatic_flag 
_chem_comp_bond.pdbx_stereo_config 
_chem_comp_bond.pdbx_ordinal 
ALA N   CA   sing N N 1   
ALA N   H    sing N N 2   
ALA N   H2   sing N N 3   
ALA CA  C    sing N N 4   
ALA CA  CB   sing N N 5   
ALA CA  HA   sing N N 6   
ALA C   O    doub N N 7   
ALA C   OXT  sing N N 8   
ALA CB  HB1  sing N N 9   
ALA CB  HB2  sing N N 10  
ALA CB  HB3  sing N N 11  
ALA OXT HXT  sing N N 12  
ARG N   CA   sing N N 13  
ARG N   H    sing N N 14  
ARG N   H2   sing N N 15  
ARG CA  C    sing N N 16  
ARG CA  CB   sing N N 17  
ARG CA  HA   sing N N 18  
ARG C   O    doub N N 19  
ARG C   OXT  sing N N 20  
ARG CB  CG   sing N N 21  
ARG CB  HB2  sing N N 22  
ARG CB  HB3  sing N N 23  
ARG CG  CD   sing N N 24  
ARG CG  HG2  sing N N 25  
ARG CG  HG3  sing N N 26  
ARG CD  NE   sing N N 27  
ARG CD  HD2  sing N N 28  
ARG CD  HD3  sing N N 29  
ARG NE  CZ   sing N N 30  
ARG NE  HE   sing N N 31  
ARG CZ  NH1  sing N N 32  
ARG CZ  NH2  doub N N 33  
ARG NH1 HH11 sing N N 34  
ARG NH1 HH12 sing N N 35  
ARG NH2 HH21 sing N N 36  
ARG NH2 HH22 sing N N 37  
ARG OXT HXT  sing N N 38  
ASN N   CA   sing N N 39  
ASN N   H    sing N N 40  
ASN N   H2   sing N N 41  
ASN CA  C    sing N N 42  
ASN CA  CB   sing N N 43  
ASN CA  HA   sing N N 44  
ASN C   O    doub N N 45  
ASN C   OXT  sing N N 46  
ASN CB  CG   sing N N 47  
ASN CB  HB2  sing N N 48  
ASN CB  HB3  sing N N 49  
ASN CG  OD1  doub N N 50  
ASN CG  ND2  sing N N 51  
ASN ND2 HD21 sing N N 52  
ASN ND2 HD22 sing N N 53  
ASN OXT HXT  sing N N 54  
ASP N   CA   sing N N 55  
ASP N   H    sing N N 56  
ASP N   H2   sing N N 57  
ASP CA  C    sing N N 58  
ASP CA  CB   sing N N 59  
ASP CA  HA   sing N N 60  
ASP C   O    doub N N 61  
ASP C   OXT  sing N N 62  
ASP CB  CG   sing N N 63  
ASP CB  HB2  sing N N 64  
ASP CB  HB3  sing N N 65  
ASP CG  OD1  doub N N 66  
ASP CG  OD2  sing N N 67  
ASP OD2 HD2  sing N N 68  
ASP OXT HXT  sing N N 69  
GAL C1  C2   sing N N 70  
GAL C1  O1   sing N N 71  
GAL C1  O5   sing N N 72  
GAL C1  H1   sing N N 73  
GAL C2  C3   sing N N 74  
GAL C2  O2   sing N N 75  
GAL C2  H2   sing N N 76  
GAL C3  C4   sing N N 77  
GAL C3  O3   sing N N 78  
GAL C3  H3   sing N N 79  
GAL C4  C5   sing N N 80  
GAL C4  O4   sing N N 81  
GAL C4  H4   sing N N 82  
GAL C5  C6   sing N N 83  
GAL C5  O5   sing N N 84  
GAL C5  H5   sing N N 85  
GAL C6  O6   sing N N 86  
GAL C6  H61  sing N N 87  
GAL C6  H62  sing N N 88  
GAL O1  HO1  sing N N 89  
GAL O2  HO2  sing N N 90  
GAL O3  HO3  sing N N 91  
GAL O4  HO4  sing N N 92  
GAL O6  HO6  sing N N 93  
GLC C1  C2   sing N N 94  
GLC C1  O1   sing N N 95  
GLC C1  O5   sing N N 96  
GLC C1  H1   sing N N 97  
GLC C2  C3   sing N N 98  
GLC C2  O2   sing N N 99  
GLC C2  H2   sing N N 100 
GLC C3  C4   sing N N 101 
GLC C3  O3   sing N N 102 
GLC C3  H3   sing N N 103 
GLC C4  C5   sing N N 104 
GLC C4  O4   sing N N 105 
GLC C4  H4   sing N N 106 
GLC C5  C6   sing N N 107 
GLC C5  O5   sing N N 108 
GLC C5  H5   sing N N 109 
GLC C6  O6   sing N N 110 
GLC C6  H61  sing N N 111 
GLC C6  H62  sing N N 112 
GLC O1  HO1  sing N N 113 
GLC O2  HO2  sing N N 114 
GLC O3  HO3  sing N N 115 
GLC O4  HO4  sing N N 116 
GLC O6  HO6  sing N N 117 
GLN N   CA   sing N N 118 
GLN N   H    sing N N 119 
GLN N   H2   sing N N 120 
GLN CA  C    sing N N 121 
GLN CA  CB   sing N N 122 
GLN CA  HA   sing N N 123 
GLN C   O    doub N N 124 
GLN C   OXT  sing N N 125 
GLN CB  CG   sing N N 126 
GLN CB  HB2  sing N N 127 
GLN CB  HB3  sing N N 128 
GLN CG  CD   sing N N 129 
GLN CG  HG2  sing N N 130 
GLN CG  HG3  sing N N 131 
GLN CD  OE1  doub N N 132 
GLN CD  NE2  sing N N 133 
GLN NE2 HE21 sing N N 134 
GLN NE2 HE22 sing N N 135 
GLN OXT HXT  sing N N 136 
GLU N   CA   sing N N 137 
GLU N   H    sing N N 138 
GLU N   H2   sing N N 139 
GLU CA  C    sing N N 140 
GLU CA  CB   sing N N 141 
GLU CA  HA   sing N N 142 
GLU C   O    doub N N 143 
GLU C   OXT  sing N N 144 
GLU CB  CG   sing N N 145 
GLU CB  HB2  sing N N 146 
GLU CB  HB3  sing N N 147 
GLU CG  CD   sing N N 148 
GLU CG  HG2  sing N N 149 
GLU CG  HG3  sing N N 150 
GLU CD  OE1  doub N N 151 
GLU CD  OE2  sing N N 152 
GLU OE2 HE2  sing N N 153 
GLU OXT HXT  sing N N 154 
GLY N   CA   sing N N 155 
GLY N   H    sing N N 156 
GLY N   H2   sing N N 157 
GLY CA  C    sing N N 158 
GLY CA  HA2  sing N N 159 
GLY CA  HA3  sing N N 160 
GLY C   O    doub N N 161 
GLY C   OXT  sing N N 162 
GLY OXT HXT  sing N N 163 
GOL C1  O1   sing N N 164 
GOL C1  C2   sing N N 165 
GOL C1  H11  sing N N 166 
GOL C1  H12  sing N N 167 
GOL O1  HO1  sing N N 168 
GOL C2  O2   sing N N 169 
GOL C2  C3   sing N N 170 
GOL C2  H2   sing N N 171 
GOL O2  HO2  sing N N 172 
GOL C3  O3   sing N N 173 
GOL C3  H31  sing N N 174 
GOL C3  H32  sing N N 175 
GOL O3  HO3  sing N N 176 
HIS N   CA   sing N N 177 
HIS N   H    sing N N 178 
HIS N   H2   sing N N 179 
HIS CA  C    sing N N 180 
HIS CA  CB   sing N N 181 
HIS CA  HA   sing N N 182 
HIS C   O    doub N N 183 
HIS C   OXT  sing N N 184 
HIS CB  CG   sing N N 185 
HIS CB  HB2  sing N N 186 
HIS CB  HB3  sing N N 187 
HIS CG  ND1  sing Y N 188 
HIS CG  CD2  doub Y N 189 
HIS ND1 CE1  doub Y N 190 
HIS ND1 HD1  sing N N 191 
HIS CD2 NE2  sing Y N 192 
HIS CD2 HD2  sing N N 193 
HIS CE1 NE2  sing Y N 194 
HIS CE1 HE1  sing N N 195 
HIS NE2 HE2  sing N N 196 
HIS OXT HXT  sing N N 197 
HOH O   H1   sing N N 198 
HOH O   H2   sing N N 199 
ILE N   CA   sing N N 200 
ILE N   H    sing N N 201 
ILE N   H2   sing N N 202 
ILE CA  C    sing N N 203 
ILE CA  CB   sing N N 204 
ILE CA  HA   sing N N 205 
ILE C   O    doub N N 206 
ILE C   OXT  sing N N 207 
ILE CB  CG1  sing N N 208 
ILE CB  CG2  sing N N 209 
ILE CB  HB   sing N N 210 
ILE CG1 CD1  sing N N 211 
ILE CG1 HG12 sing N N 212 
ILE CG1 HG13 sing N N 213 
ILE CG2 HG21 sing N N 214 
ILE CG2 HG22 sing N N 215 
ILE CG2 HG23 sing N N 216 
ILE CD1 HD11 sing N N 217 
ILE CD1 HD12 sing N N 218 
ILE CD1 HD13 sing N N 219 
ILE OXT HXT  sing N N 220 
LEU N   CA   sing N N 221 
LEU N   H    sing N N 222 
LEU N   H2   sing N N 223 
LEU CA  C    sing N N 224 
LEU CA  CB   sing N N 225 
LEU CA  HA   sing N N 226 
LEU C   O    doub N N 227 
LEU C   OXT  sing N N 228 
LEU CB  CG   sing N N 229 
LEU CB  HB2  sing N N 230 
LEU CB  HB3  sing N N 231 
LEU CG  CD1  sing N N 232 
LEU CG  CD2  sing N N 233 
LEU CG  HG   sing N N 234 
LEU CD1 HD11 sing N N 235 
LEU CD1 HD12 sing N N 236 
LEU CD1 HD13 sing N N 237 
LEU CD2 HD21 sing N N 238 
LEU CD2 HD22 sing N N 239 
LEU CD2 HD23 sing N N 240 
LEU OXT HXT  sing N N 241 
LYS N   CA   sing N N 242 
LYS N   H    sing N N 243 
LYS N   H2   sing N N 244 
LYS CA  C    sing N N 245 
LYS CA  CB   sing N N 246 
LYS CA  HA   sing N N 247 
LYS C   O    doub N N 248 
LYS C   OXT  sing N N 249 
LYS CB  CG   sing N N 250 
LYS CB  HB2  sing N N 251 
LYS CB  HB3  sing N N 252 
LYS CG  CD   sing N N 253 
LYS CG  HG2  sing N N 254 
LYS CG  HG3  sing N N 255 
LYS CD  CE   sing N N 256 
LYS CD  HD2  sing N N 257 
LYS CD  HD3  sing N N 258 
LYS CE  NZ   sing N N 259 
LYS CE  HE2  sing N N 260 
LYS CE  HE3  sing N N 261 
LYS NZ  HZ1  sing N N 262 
LYS NZ  HZ2  sing N N 263 
LYS NZ  HZ3  sing N N 264 
LYS OXT HXT  sing N N 265 
MET N   CA   sing N N 266 
MET N   H    sing N N 267 
MET N   H2   sing N N 268 
MET CA  C    sing N N 269 
MET CA  CB   sing N N 270 
MET CA  HA   sing N N 271 
MET C   O    doub N N 272 
MET C   OXT  sing N N 273 
MET CB  CG   sing N N 274 
MET CB  HB2  sing N N 275 
MET CB  HB3  sing N N 276 
MET CG  SD   sing N N 277 
MET CG  HG2  sing N N 278 
MET CG  HG3  sing N N 279 
MET SD  CE   sing N N 280 
MET CE  HE1  sing N N 281 
MET CE  HE2  sing N N 282 
MET CE  HE3  sing N N 283 
MET OXT HXT  sing N N 284 
PEG C1  O1   sing N N 285 
PEG C1  C2   sing N N 286 
PEG C1  H11  sing N N 287 
PEG C1  H12  sing N N 288 
PEG O1  HO1  sing N N 289 
PEG C2  O2   sing N N 290 
PEG C2  H21  sing N N 291 
PEG C2  H22  sing N N 292 
PEG O2  C3   sing N N 293 
PEG C3  C4   sing N N 294 
PEG C3  H31  sing N N 295 
PEG C3  H32  sing N N 296 
PEG C4  O4   sing N N 297 
PEG C4  H41  sing N N 298 
PEG C4  H42  sing N N 299 
PEG O4  HO4  sing N N 300 
PHE N   CA   sing N N 301 
PHE N   H    sing N N 302 
PHE N   H2   sing N N 303 
PHE CA  C    sing N N 304 
PHE CA  CB   sing N N 305 
PHE CA  HA   sing N N 306 
PHE C   O    doub N N 307 
PHE C   OXT  sing N N 308 
PHE CB  CG   sing N N 309 
PHE CB  HB2  sing N N 310 
PHE CB  HB3  sing N N 311 
PHE CG  CD1  doub Y N 312 
PHE CG  CD2  sing Y N 313 
PHE CD1 CE1  sing Y N 314 
PHE CD1 HD1  sing N N 315 
PHE CD2 CE2  doub Y N 316 
PHE CD2 HD2  sing N N 317 
PHE CE1 CZ   doub Y N 318 
PHE CE1 HE1  sing N N 319 
PHE CE2 CZ   sing Y N 320 
PHE CE2 HE2  sing N N 321 
PHE CZ  HZ   sing N N 322 
PHE OXT HXT  sing N N 323 
PRO N   CA   sing N N 324 
PRO N   CD   sing N N 325 
PRO N   H    sing N N 326 
PRO CA  C    sing N N 327 
PRO CA  CB   sing N N 328 
PRO CA  HA   sing N N 329 
PRO C   O    doub N N 330 
PRO C   OXT  sing N N 331 
PRO CB  CG   sing N N 332 
PRO CB  HB2  sing N N 333 
PRO CB  HB3  sing N N 334 
PRO CG  CD   sing N N 335 
PRO CG  HG2  sing N N 336 
PRO CG  HG3  sing N N 337 
PRO CD  HD2  sing N N 338 
PRO CD  HD3  sing N N 339 
PRO OXT HXT  sing N N 340 
SER N   CA   sing N N 341 
SER N   H    sing N N 342 
SER N   H2   sing N N 343 
SER CA  C    sing N N 344 
SER CA  CB   sing N N 345 
SER CA  HA   sing N N 346 
SER C   O    doub N N 347 
SER C   OXT  sing N N 348 
SER CB  OG   sing N N 349 
SER CB  HB2  sing N N 350 
SER CB  HB3  sing N N 351 
SER OG  HG   sing N N 352 
SER OXT HXT  sing N N 353 
THR N   CA   sing N N 354 
THR N   H    sing N N 355 
THR N   H2   sing N N 356 
THR CA  C    sing N N 357 
THR CA  CB   sing N N 358 
THR CA  HA   sing N N 359 
THR C   O    doub N N 360 
THR C   OXT  sing N N 361 
THR CB  OG1  sing N N 362 
THR CB  CG2  sing N N 363 
THR CB  HB   sing N N 364 
THR OG1 HG1  sing N N 365 
THR CG2 HG21 sing N N 366 
THR CG2 HG22 sing N N 367 
THR CG2 HG23 sing N N 368 
THR OXT HXT  sing N N 369 
TRP N   CA   sing N N 370 
TRP N   H    sing N N 371 
TRP N   H2   sing N N 372 
TRP CA  C    sing N N 373 
TRP CA  CB   sing N N 374 
TRP CA  HA   sing N N 375 
TRP C   O    doub N N 376 
TRP C   OXT  sing N N 377 
TRP CB  CG   sing N N 378 
TRP CB  HB2  sing N N 379 
TRP CB  HB3  sing N N 380 
TRP CG  CD1  doub Y N 381 
TRP CG  CD2  sing Y N 382 
TRP CD1 NE1  sing Y N 383 
TRP CD1 HD1  sing N N 384 
TRP CD2 CE2  doub Y N 385 
TRP CD2 CE3  sing Y N 386 
TRP NE1 CE2  sing Y N 387 
TRP NE1 HE1  sing N N 388 
TRP CE2 CZ2  sing Y N 389 
TRP CE3 CZ3  doub Y N 390 
TRP CE3 HE3  sing N N 391 
TRP CZ2 CH2  doub Y N 392 
TRP CZ2 HZ2  sing N N 393 
TRP CZ3 CH2  sing Y N 394 
TRP CZ3 HZ3  sing N N 395 
TRP CH2 HH2  sing N N 396 
TRP OXT HXT  sing N N 397 
TYR N   CA   sing N N 398 
TYR N   H    sing N N 399 
TYR N   H2   sing N N 400 
TYR CA  C    sing N N 401 
TYR CA  CB   sing N N 402 
TYR CA  HA   sing N N 403 
TYR C   O    doub N N 404 
TYR C   OXT  sing N N 405 
TYR CB  CG   sing N N 406 
TYR CB  HB2  sing N N 407 
TYR CB  HB3  sing N N 408 
TYR CG  CD1  doub Y N 409 
TYR CG  CD2  sing Y N 410 
TYR CD1 CE1  sing Y N 411 
TYR CD1 HD1  sing N N 412 
TYR CD2 CE2  doub Y N 413 
TYR CD2 HD2  sing N N 414 
TYR CE1 CZ   doub Y N 415 
TYR CE1 HE1  sing N N 416 
TYR CE2 CZ   sing Y N 417 
TYR CE2 HE2  sing N N 418 
TYR CZ  OH   sing N N 419 
TYR OH  HH   sing N N 420 
TYR OXT HXT  sing N N 421 
VAL N   CA   sing N N 422 
VAL N   H    sing N N 423 
VAL N   H2   sing N N 424 
VAL CA  C    sing N N 425 
VAL CA  CB   sing N N 426 
VAL CA  HA   sing N N 427 
VAL C   O    doub N N 428 
VAL C   OXT  sing N N 429 
VAL CB  CG1  sing N N 430 
VAL CB  CG2  sing N N 431 
VAL CB  HB   sing N N 432 
VAL CG1 HG11 sing N N 433 
VAL CG1 HG12 sing N N 434 
VAL CG1 HG13 sing N N 435 
VAL CG2 HG21 sing N N 436 
VAL CG2 HG22 sing N N 437 
VAL CG2 HG23 sing N N 438 
VAL OXT HXT  sing N N 439 
# 
loop_
_pdbx_branch_scheme.asym_id 
_pdbx_branch_scheme.entity_id 
_pdbx_branch_scheme.mon_id 
_pdbx_branch_scheme.num 
_pdbx_branch_scheme.pdb_asym_id 
_pdbx_branch_scheme.pdb_mon_id 
_pdbx_branch_scheme.pdb_seq_num 
_pdbx_branch_scheme.auth_asym_id 
_pdbx_branch_scheme.auth_mon_id 
_pdbx_branch_scheme.auth_seq_num 
_pdbx_branch_scheme.hetero 
B 2 GLC 1 B GLC 1 D LAT 1 n 
B 2 GAL 2 B GAL 2 D LAT 1 n 
# 
loop_
_pdbx_chem_comp_identifier.comp_id 
_pdbx_chem_comp_identifier.type 
_pdbx_chem_comp_identifier.program 
_pdbx_chem_comp_identifier.program_version 
_pdbx_chem_comp_identifier.identifier 
GAL 'CONDENSED IUPAC CARBOHYDRATE SYMBOL' GMML     1.0 DGalpb              
GAL 'COMMON NAME'                         GMML     1.0 b-D-galactopyranose 
GAL 'IUPAC CARBOHYDRATE SYMBOL'           PDB-CARE 1.0 b-D-Galp            
GAL 'SNFG CARBOHYDRATE SYMBOL'            GMML     1.0 Gal                 
GLC 'CONDENSED IUPAC CARBOHYDRATE SYMBOL' GMML     1.0 DGlcpa              
GLC 'COMMON NAME'                         GMML     1.0 a-D-glucopyranose   
GLC 'IUPAC CARBOHYDRATE SYMBOL'           PDB-CARE 1.0 a-D-Glcp            
GLC 'SNFG CARBOHYDRATE SYMBOL'            GMML     1.0 Glc                 
# 
_pdbx_entity_branch.entity_id   2 
_pdbx_entity_branch.type        oligosaccharide 
# 
loop_
_pdbx_entity_branch_descriptor.ordinal 
_pdbx_entity_branch_descriptor.entity_id 
_pdbx_entity_branch_descriptor.descriptor 
_pdbx_entity_branch_descriptor.type 
_pdbx_entity_branch_descriptor.program 
_pdbx_entity_branch_descriptor.program_version 
1 2 DGalpb1-4DGlcpa1-ROH                                       'Glycam Condensed Sequence' GMML       1.0   
2 2 'WURCS=2.0/2,2,1/[a2122h-1a_1-5][a2112h-1b_1-5]/1-2/a4-b1' WURCS                       PDB2Glycan 1.1.0 
3 2 '[][a-D-Glcp]{[(4+1)][b-D-Galp]{}}'                        LINUCS                      PDB-CARE   ?     
# 
_pdbx_entity_branch_link.link_id                    1 
_pdbx_entity_branch_link.entity_id                  2 
_pdbx_entity_branch_link.entity_branch_list_num_1   2 
_pdbx_entity_branch_link.comp_id_1                  GAL 
_pdbx_entity_branch_link.atom_id_1                  C1 
_pdbx_entity_branch_link.leaving_atom_id_1          O1 
_pdbx_entity_branch_link.entity_branch_list_num_2   1 
_pdbx_entity_branch_link.comp_id_2                  GLC 
_pdbx_entity_branch_link.atom_id_2                  O4 
_pdbx_entity_branch_link.leaving_atom_id_2          HO4 
_pdbx_entity_branch_link.value_order                sing 
_pdbx_entity_branch_link.details                    ? 
# 
loop_
_pdbx_entity_branch_list.entity_id 
_pdbx_entity_branch_list.comp_id 
_pdbx_entity_branch_list.num 
_pdbx_entity_branch_list.hetero 
2 GLC 1 n 
2 GAL 2 n 
# 
loop_
_pdbx_entity_nonpoly.entity_id 
_pdbx_entity_nonpoly.name 
_pdbx_entity_nonpoly.comp_id 
3 GLYCEROL                GOL 
4 'DI(HYDROXYETHYL)ETHER' PEG 
5 'SODIUM ION'            NA  
6 water                   HOH 
# 
_pdbx_initial_refinement_model.id               1 
_pdbx_initial_refinement_model.entity_id_list   ? 
_pdbx_initial_refinement_model.type             'experimental model' 
_pdbx_initial_refinement_model.source_name      PDB 
_pdbx_initial_refinement_model.accession_code   2GAL 
_pdbx_initial_refinement_model.details          'PDB entry 2GAL' 
# 
